data_3QPQ
#
_entry.id   3QPQ
#
_cell.length_a   82.480
_cell.length_b   136.940
_cell.length_c   83.250
_cell.angle_alpha   90.00
_cell.angle_beta   114.95
_cell.angle_gamma   90.00
#
_symmetry.space_group_name_H-M   'P 1 21 1'
#
loop_
_entity.id
_entity.type
_entity.pdbx_description
1 polymer 'C1068 light chain'
2 polymer 'C1068 heavy chain'
3 non-polymer GLYCEROL
4 non-polymer 'SULFATE ION'
5 water water
#
loop_
_entity_poly.entity_id
_entity_poly.type
_entity_poly.pdbx_seq_one_letter_code
_entity_poly.pdbx_strand_id
1 'polypeptide(L)'
;DIQMTQSPASLSASVGETVTITCRASGNIHNYLAWYQQKQGKSPQLLVYNAKTLADGVPSRFSGSESGTQYSLKINSLQP
EDFGSYYCQHFWSTPFTFGSGTKLELKRGTVAAPSVFIFPPSDEQLKSGTASVVCLLNNFYPREAKVQWKVDNALQSGNS
QESVTEQDSKDSTYSLSSTLTLSKADYEKHKVYACEVTHQGLSSPVTKSFNRGEC
;
L,E,C,I
2 'polypeptide(L)'
;(PCA)VQLQQPGAELVQPGTSVRLSCKASGYIFTTYWIHWVKQRPGQGLEWIGEINPNNGRINYNEKFKTKATLTVDKSS
STAYMQLSSLTSEDSAVYYCTRVGVMITTFPYWGQGTLVTVSAASTKGPSVFPLAPCSRSTSESTAALGCLVKDYFPEPV
TVSWNSGALTSGVHTFPAVLQSSGLYSLSSVVTVPSSSLGTKTYTCNVDHKPSNTKVDKRVHHHHHH
;
H,F,D,J
#
loop_
_chem_comp.id
_chem_comp.type
_chem_comp.name
_chem_comp.formula
GOL non-polymer GLYCEROL 'C3 H8 O3'
SO4 non-polymer 'SULFATE ION' 'O4 S -2'
#
# COMPACT_ATOMS: atom_id res chain seq x y z
N ASP A 1 -36.08 42.93 -40.45
CA ASP A 1 -35.67 43.12 -39.07
C ASP A 1 -36.86 43.23 -38.13
N ILE A 2 -36.88 42.36 -37.12
CA ILE A 2 -37.92 42.40 -36.09
C ILE A 2 -37.24 42.67 -34.78
N GLN A 3 -37.72 43.68 -34.06
CA GLN A 3 -37.15 44.06 -32.79
C GLN A 3 -38.14 43.71 -31.71
N MET A 4 -37.64 43.37 -30.54
CA MET A 4 -38.48 43.07 -29.38
C MET A 4 -38.42 44.23 -28.41
N THR A 5 -39.59 44.75 -28.02
CA THR A 5 -39.67 45.83 -27.04
C THR A 5 -40.12 45.23 -25.73
N GLN A 6 -39.23 45.27 -24.74
CA GLN A 6 -39.47 44.63 -23.45
C GLN A 6 -39.79 45.66 -22.41
N SER A 7 -40.64 45.28 -21.45
CA SER A 7 -40.97 46.16 -20.33
C SER A 7 -41.51 45.37 -19.16
N PRO A 8 -41.35 45.90 -17.93
CA PRO A 8 -40.59 47.12 -17.63
C PRO A 8 -39.07 46.89 -17.55
N ALA A 9 -38.28 47.95 -17.57
CA ALA A 9 -36.83 47.80 -17.44
C ALA A 9 -36.46 47.31 -16.05
N SER A 10 -37.24 47.71 -15.05
CA SER A 10 -37.00 47.32 -13.66
C SER A 10 -38.29 46.93 -12.96
N LEU A 11 -38.19 45.95 -12.07
CA LEU A 11 -39.32 45.49 -11.29
C LEU A 11 -38.85 45.27 -9.88
N SER A 12 -39.61 45.78 -8.92
CA SER A 12 -39.39 45.52 -7.49
C SER A 12 -40.56 44.72 -6.96
N ALA A 13 -40.28 43.55 -6.38
CA ALA A 13 -41.32 42.71 -5.85
C ALA A 13 -40.83 41.91 -4.66
N SER A 14 -41.75 41.59 -3.75
CA SER A 14 -41.41 40.82 -2.56
C SER A 14 -41.68 39.35 -2.80
N VAL A 15 -41.05 38.50 -1.99
CA VAL A 15 -41.28 37.07 -2.05
C VAL A 15 -42.75 36.82 -1.80
N GLY A 16 -43.36 35.98 -2.63
CA GLY A 16 -44.75 35.64 -2.51
C GLY A 16 -45.61 36.45 -3.46
N GLU A 17 -45.05 37.52 -4.02
CA GLU A 17 -45.80 38.35 -4.97
C GLU A 17 -45.81 37.78 -6.40
N THR A 18 -46.62 38.39 -7.26
CA THR A 18 -46.70 37.99 -8.67
C THR A 18 -46.27 39.13 -9.55
N VAL A 19 -45.50 38.80 -10.59
CA VAL A 19 -45.10 39.81 -11.57
C VAL A 19 -45.34 39.36 -13.01
N THR A 20 -45.41 40.35 -13.89
CA THR A 20 -45.59 40.14 -15.32
C THR A 20 -44.53 40.94 -16.09
N ILE A 21 -43.82 40.23 -16.95
CA ILE A 21 -42.82 40.82 -17.83
C ILE A 21 -43.33 40.70 -19.26
N THR A 22 -43.23 41.79 -20.01
CA THR A 22 -43.88 41.92 -21.31
C THR A 22 -42.92 42.20 -22.46
N CYS A 23 -43.19 41.58 -23.60
CA CYS A 23 -42.41 41.80 -24.81
C CYS A 23 -43.33 41.90 -26.02
N ARG A 24 -43.13 42.94 -26.82
CA ARG A 24 -43.89 43.17 -28.04
C ARG A 24 -42.96 43.01 -29.23
N ALA A 25 -43.29 42.11 -30.16
CA ALA A 25 -42.50 41.95 -31.39
C ALA A 25 -42.94 43.01 -32.37
N SER A 26 -42.01 43.60 -33.11
CA SER A 26 -42.37 44.66 -34.06
C SER A 26 -42.98 44.09 -35.35
N GLY A 27 -43.13 42.77 -35.39
CA GLY A 27 -43.76 42.09 -36.52
C GLY A 27 -44.10 40.68 -36.09
N ASN A 28 -44.86 39.97 -36.92
CA ASN A 28 -45.31 38.64 -36.58
C ASN A 28 -44.13 37.67 -36.46
N ILE A 29 -43.98 37.07 -35.30
CA ILE A 29 -42.93 36.07 -35.11
C ILE A 29 -43.56 34.71 -34.82
N HIS A 30 -44.86 34.59 -35.09
CA HIS A 30 -45.57 33.35 -34.80
C HIS A 30 -45.30 32.96 -33.35
N ASN A 31 -45.01 31.70 -33.06
CA ASN A 31 -44.75 31.34 -31.65
C ASN A 31 -43.27 31.22 -31.32
N TYR A 32 -42.43 31.75 -32.19
CA TYR A 32 -41.00 31.57 -32.00
C TYR A 32 -40.43 32.58 -31.00
N LEU A 33 -40.77 32.39 -29.72
CA LEU A 33 -40.38 33.35 -28.67
C LEU A 33 -39.89 32.57 -27.48
N ALA A 34 -38.69 32.87 -27.01
CA ALA A 34 -38.12 32.21 -25.85
C ALA A 34 -37.92 33.23 -24.74
N TRP A 35 -37.95 32.77 -23.49
CA TRP A 35 -37.60 33.60 -22.34
C TRP A 35 -36.39 32.99 -21.63
N TYR A 36 -35.49 33.84 -21.15
CA TYR A 36 -34.33 33.40 -20.37
C TYR A 36 -34.24 34.14 -19.05
N GLN A 37 -33.68 33.47 -18.05
CA GLN A 37 -33.37 34.08 -16.77
C GLN A 37 -31.86 34.10 -16.64
N GLN A 38 -31.33 35.18 -16.06
CA GLN A 38 -29.90 35.25 -15.84
C GLN A 38 -29.59 35.83 -14.45
N LYS A 39 -28.83 35.07 -13.67
CA LYS A 39 -28.33 35.49 -12.37
C LYS A 39 -26.99 36.18 -12.54
N GLN A 40 -26.66 37.06 -11.59
CA GLN A 40 -25.44 37.85 -11.68
C GLN A 40 -24.23 36.95 -11.87
N GLY A 41 -23.45 37.23 -12.89
CA GLY A 41 -22.23 36.48 -13.16
C GLY A 41 -22.42 35.03 -13.57
N LYS A 42 -23.61 34.69 -14.06
CA LYS A 42 -23.84 33.36 -14.62
C LYS A 42 -24.36 33.49 -16.04
N SER A 43 -24.33 32.40 -16.80
CA SER A 43 -24.87 32.42 -18.14
C SER A 43 -26.37 32.39 -18.07
N PRO A 44 -27.04 32.95 -19.07
CA PRO A 44 -28.50 32.87 -19.11
C PRO A 44 -28.96 31.41 -19.16
N GLN A 45 -30.17 31.14 -18.68
CA GLN A 45 -30.74 29.82 -18.79
C GLN A 45 -32.16 29.88 -19.36
N LEU A 46 -32.47 28.92 -20.22
CA LEU A 46 -33.76 28.88 -20.89
C LEU A 46 -34.92 28.61 -19.92
N LEU A 47 -35.95 29.47 -19.95
CA LEU A 47 -37.13 29.27 -19.11
C LEU A 47 -38.35 28.77 -19.89
N VAL A 48 -38.60 29.40 -21.04
CA VAL A 48 -39.82 29.16 -21.80
C VAL A 48 -39.47 29.21 -23.28
N TYR A 49 -40.17 28.41 -24.08
CA TYR A 49 -39.97 28.41 -25.52
C TYR A 49 -41.28 28.12 -26.24
N ASN A 50 -41.30 28.42 -27.54
CA ASN A 50 -42.52 28.42 -28.30
C ASN A 50 -43.58 29.27 -27.60
N ALA A 51 -43.12 30.34 -26.96
CA ALA A 51 -43.97 31.31 -26.28
C ALA A 51 -44.60 30.84 -24.98
N LYS A 52 -44.94 29.55 -24.88
CA LYS A 52 -45.73 29.09 -23.74
C LYS A 52 -45.29 27.75 -23.12
N THR A 53 -44.30 27.09 -23.70
CA THR A 53 -43.84 25.80 -23.15
C THR A 53 -42.72 25.95 -22.14
N LEU A 54 -42.91 25.40 -20.95
CA LEU A 54 -41.88 25.48 -19.90
C LEU A 54 -40.73 24.55 -20.22
N ALA A 55 -39.50 25.02 -20.03
CA ALA A 55 -38.35 24.16 -20.25
C ALA A 55 -38.27 23.17 -19.10
N ASP A 56 -37.53 22.09 -19.31
CA ASP A 56 -37.32 21.07 -18.29
C ASP A 56 -36.81 21.66 -16.98
N GLY A 57 -37.42 21.26 -15.87
CA GLY A 57 -37.00 21.73 -14.57
C GLY A 57 -37.63 23.05 -14.11
N VAL A 58 -38.26 23.78 -15.02
CA VAL A 58 -38.84 25.07 -14.65
C VAL A 58 -40.15 24.91 -13.89
N PRO A 59 -40.22 25.47 -12.68
CA PRO A 59 -41.41 25.35 -11.82
C PRO A 59 -42.66 25.95 -12.44
N SER A 60 -43.82 25.40 -12.09
CA SER A 60 -45.10 25.77 -12.70
C SER A 60 -45.60 27.16 -12.31
N ARG A 61 -44.94 27.81 -11.35
CA ARG A 61 -45.28 29.19 -11.02
C ARG A 61 -44.90 30.13 -12.18
N PHE A 62 -44.03 29.67 -13.08
CA PHE A 62 -43.72 30.41 -14.30
C PHE A 62 -44.71 30.08 -15.40
N SER A 63 -45.18 31.10 -16.11
CA SER A 63 -45.96 30.81 -17.31
C SER A 63 -45.64 31.80 -18.42
N GLY A 64 -45.75 31.34 -19.66
CA GLY A 64 -45.61 32.21 -20.81
C GLY A 64 -46.92 32.26 -21.56
N SER A 65 -47.25 33.43 -22.10
CA SER A 65 -48.46 33.51 -22.90
C SER A 65 -48.20 34.37 -24.12
N GLU A 66 -49.09 34.25 -25.09
CA GLU A 66 -48.95 34.95 -26.36
C GLU A 66 -50.29 35.51 -26.79
N SER A 67 -50.26 36.76 -27.25
CA SER A 67 -51.44 37.41 -27.79
C SER A 67 -51.06 38.25 -29.02
N GLY A 68 -51.16 37.66 -30.20
CA GLY A 68 -50.62 38.28 -31.40
C GLY A 68 -49.13 38.54 -31.20
N THR A 69 -48.72 39.81 -31.32
CA THR A 69 -47.31 40.15 -31.21
C THR A 69 -46.92 40.51 -29.78
N GLN A 70 -47.84 40.31 -28.85
CA GLN A 70 -47.57 40.56 -27.45
C GLN A 70 -47.34 39.25 -26.66
N TYR A 71 -46.19 39.17 -26.00
CA TYR A 71 -45.81 37.99 -25.25
C TYR A 71 -45.55 38.37 -23.81
N SER A 72 -45.93 37.48 -22.89
CA SER A 72 -45.81 37.75 -21.46
C SER A 72 -45.21 36.59 -20.69
N LEU A 73 -44.28 36.92 -19.79
CA LEU A 73 -43.78 35.99 -18.80
C LEU A 73 -44.40 36.36 -17.45
N LYS A 74 -45.07 35.41 -16.80
CA LYS A 74 -45.67 35.66 -15.51
C LYS A 74 -45.07 34.72 -14.48
N ILE A 75 -44.77 35.26 -13.30
CA ILE A 75 -44.21 34.47 -12.22
C ILE A 75 -45.08 34.67 -11.01
N ASN A 76 -45.74 33.60 -10.58
CA ASN A 76 -46.57 33.63 -9.39
C ASN A 76 -45.79 33.22 -8.16
N SER A 77 -46.17 33.79 -7.02
CA SER A 77 -45.54 33.43 -5.76
C SER A 77 -44.01 33.44 -5.87
N LEU A 78 -43.44 34.59 -6.18
CA LEU A 78 -41.97 34.72 -6.31
C LEU A 78 -41.22 34.11 -5.15
N GLN A 79 -40.09 33.50 -5.45
N GLN A 79 -40.10 33.46 -5.45
CA GLN A 79 -39.21 32.93 -4.45
CA GLN A 79 -39.22 32.92 -4.43
C GLN A 79 -37.83 33.57 -4.56
C GLN A 79 -37.84 33.58 -4.55
N PRO A 80 -37.00 33.45 -3.51
CA PRO A 80 -35.70 34.11 -3.51
C PRO A 80 -34.88 33.80 -4.76
N GLU A 81 -34.93 32.55 -5.23
CA GLU A 81 -34.15 32.14 -6.39
C GLU A 81 -34.61 32.78 -7.71
N ASP A 82 -35.75 33.46 -7.70
CA ASP A 82 -36.30 34.05 -8.92
C ASP A 82 -35.77 35.44 -9.25
N PHE A 83 -35.08 36.06 -8.31
CA PHE A 83 -34.62 37.42 -8.54
C PHE A 83 -33.39 37.44 -9.44
N GLY A 84 -33.37 38.39 -10.36
CA GLY A 84 -32.32 38.49 -11.36
C GLY A 84 -32.88 39.14 -12.62
N SER A 85 -32.24 38.88 -13.76
CA SER A 85 -32.67 39.48 -15.01
C SER A 85 -33.37 38.49 -15.93
N TYR A 86 -34.25 39.01 -16.78
CA TYR A 86 -35.05 38.21 -17.69
C TYR A 86 -35.02 38.86 -19.06
N TYR A 87 -34.91 38.02 -20.10
CA TYR A 87 -34.87 38.49 -21.47
C TYR A 87 -35.77 37.63 -22.33
N CYS A 88 -36.51 38.24 -23.24
CA CYS A 88 -37.19 37.50 -24.31
C CYS A 88 -36.28 37.49 -25.54
N GLN A 89 -36.49 36.52 -26.43
CA GLN A 89 -35.77 36.50 -27.70
C GLN A 89 -36.67 35.87 -28.77
N HIS A 90 -36.74 36.44 -29.97
CA HIS A 90 -37.48 35.78 -31.06
C HIS A 90 -36.51 35.00 -31.94
N PHE A 91 -37.04 34.01 -32.65
CA PHE A 91 -36.25 33.23 -33.59
C PHE A 91 -37.00 33.15 -34.91
N TRP A 92 -37.51 34.26 -35.43
CA TRP A 92 -38.30 34.12 -36.65
C TRP A 92 -37.48 34.36 -37.92
N SER A 93 -36.93 35.56 -38.06
CA SER A 93 -36.04 35.91 -39.18
C SER A 93 -34.73 36.49 -38.62
N THR A 94 -33.66 36.46 -39.42
CA THR A 94 -32.40 37.11 -39.04
C THR A 94 -32.56 38.61 -39.00
N PRO A 95 -32.06 39.27 -37.93
CA PRO A 95 -31.36 38.73 -36.76
C PRO A 95 -32.33 38.28 -35.66
N PHE A 96 -31.97 37.27 -34.87
CA PHE A 96 -32.80 36.76 -33.78
C PHE A 96 -32.64 37.59 -32.48
N THR A 97 -33.30 38.74 -32.43
CA THR A 97 -33.07 39.77 -31.42
C THR A 97 -33.62 39.48 -30.02
N PHE A 98 -32.94 40.02 -28.99
CA PHE A 98 -33.38 39.91 -27.60
C PHE A 98 -34.12 41.18 -27.22
N GLY A 99 -35.06 41.06 -26.29
CA GLY A 99 -35.59 42.23 -25.61
C GLY A 99 -34.47 42.88 -24.80
N SER A 100 -34.65 44.14 -24.44
CA SER A 100 -33.63 44.88 -23.71
C SER A 100 -33.44 44.42 -22.25
N GLY A 101 -34.32 43.58 -21.73
CA GLY A 101 -34.06 43.00 -20.41
C GLY A 101 -34.94 43.57 -19.31
N THR A 102 -35.20 42.77 -18.27
CA THR A 102 -35.90 43.24 -17.07
C THR A 102 -35.14 42.82 -15.84
N LYS A 103 -34.78 43.78 -14.98
CA LYS A 103 -34.09 43.44 -13.75
C LYS A 103 -35.14 43.36 -12.63
N LEU A 104 -35.24 42.19 -12.01
CA LEU A 104 -36.22 41.93 -10.97
C LEU A 104 -35.47 41.92 -9.65
N GLU A 105 -35.67 42.94 -8.83
CA GLU A 105 -34.99 43.03 -7.55
C GLU A 105 -36.02 42.82 -6.44
N LEU A 106 -35.52 42.53 -5.25
CA LEU A 106 -36.38 42.26 -4.12
C LEU A 106 -36.86 43.54 -3.46
N LYS A 107 -38.16 43.64 -3.21
CA LYS A 107 -38.73 44.75 -2.49
C LYS A 107 -38.71 44.44 -1.00
N ARG A 108 -37.76 45.05 -0.29
CA ARG A 108 -37.66 44.96 1.15
C ARG A 108 -38.97 45.47 1.75
N GLY A 109 -39.46 44.81 2.80
CA GLY A 109 -40.73 45.20 3.38
C GLY A 109 -40.71 46.63 3.89
N THR A 110 -39.58 47.05 4.45
CA THR A 110 -39.47 48.39 5.03
C THR A 110 -38.28 49.15 4.47
N VAL A 111 -38.47 50.45 4.32
CA VAL A 111 -37.41 51.35 3.90
C VAL A 111 -36.25 51.31 4.90
N ALA A 112 -35.02 51.33 4.39
CA ALA A 112 -33.85 51.42 5.26
C ALA A 112 -33.01 52.61 4.82
N ALA A 113 -32.90 53.61 5.70
CA ALA A 113 -32.08 54.78 5.40
C ALA A 113 -30.60 54.39 5.34
N PRO A 114 -29.83 55.03 4.46
CA PRO A 114 -28.40 54.76 4.46
C PRO A 114 -27.75 55.30 5.70
N SER A 115 -26.77 54.58 6.21
CA SER A 115 -25.83 55.15 7.16
C SER A 115 -24.76 55.83 6.33
N VAL A 116 -24.46 57.09 6.60
CA VAL A 116 -23.56 57.81 5.71
C VAL A 116 -22.22 58.13 6.38
N PHE A 117 -21.14 57.93 5.64
CA PHE A 117 -19.79 58.16 6.16
C PHE A 117 -18.95 58.85 5.10
N ILE A 118 -18.08 59.78 5.53
CA ILE A 118 -17.16 60.44 4.61
C ILE A 118 -15.72 60.18 5.01
N PHE A 119 -14.87 59.87 4.02
CA PHE A 119 -13.45 59.54 4.24
C PHE A 119 -12.53 60.54 3.55
N PRO A 120 -11.71 61.27 4.31
CA PRO A 120 -10.74 62.20 3.68
C PRO A 120 -9.66 61.46 2.89
N PRO A 121 -8.98 62.16 1.98
CA PRO A 121 -7.83 61.59 1.30
C PRO A 121 -6.68 61.40 2.30
N SER A 122 -5.87 60.38 2.08
CA SER A 122 -4.79 60.07 3.01
C SER A 122 -3.53 60.91 2.76
N ASP A 123 -2.72 61.04 3.79
CA ASP A 123 -1.44 61.73 3.68
C ASP A 123 -0.62 61.09 2.59
N GLU A 124 -0.60 59.75 2.55
CA GLU A 124 0.18 59.04 1.55
CA GLU A 124 0.17 59.03 1.54
C GLU A 124 -0.26 59.39 0.12
N GLN A 125 -1.56 59.32 -0.17
CA GLN A 125 -2.02 59.68 -1.52
C GLN A 125 -1.74 61.14 -1.85
N LEU A 126 -1.84 62.01 -0.85
CA LEU A 126 -1.63 63.42 -1.05
C LEU A 126 -0.21 63.69 -1.53
N LYS A 127 0.75 62.96 -0.95
CA LYS A 127 2.14 63.04 -1.40
C LYS A 127 2.25 62.93 -2.91
N SER A 128 1.46 62.05 -3.50
CA SER A 128 1.57 61.71 -4.92
C SER A 128 0.90 62.70 -5.87
N GLY A 129 0.18 63.68 -5.33
CA GLY A 129 -0.39 64.73 -6.16
C GLY A 129 -1.88 64.65 -6.44
N THR A 130 -2.58 63.73 -5.80
CA THR A 130 -4.01 63.55 -6.03
C THR A 130 -4.74 63.36 -4.72
N ALA A 131 -6.01 63.79 -4.70
CA ALA A 131 -6.85 63.63 -3.52
C ALA A 131 -8.16 62.95 -3.91
N SER A 132 -8.37 61.74 -3.40
CA SER A 132 -9.64 61.07 -3.56
C SER A 132 -10.43 61.19 -2.27
N VAL A 133 -11.66 61.68 -2.37
CA VAL A 133 -12.54 61.78 -1.21
C VAL A 133 -13.65 60.75 -1.42
N VAL A 134 -13.94 59.97 -0.39
CA VAL A 134 -14.92 58.90 -0.57
C VAL A 134 -16.10 59.06 0.38
N CYS A 135 -17.31 58.93 -0.17
CA CYS A 135 -18.55 58.95 0.60
C CYS A 135 -19.19 57.58 0.49
N LEU A 136 -19.53 56.99 1.63
CA LEU A 136 -20.15 55.67 1.70
C LEU A 136 -21.59 55.80 2.19
N LEU A 137 -22.52 55.19 1.44
CA LEU A 137 -23.91 55.07 1.88
C LEU A 137 -24.13 53.60 2.17
N ASN A 138 -24.37 53.26 3.43
CA ASN A 138 -24.37 51.85 3.80
C ASN A 138 -25.77 51.25 4.07
N ASN A 139 -26.03 50.10 3.45
CA ASN A 139 -27.23 49.28 3.72
C ASN A 139 -28.56 50.03 3.66
N PHE A 140 -28.89 50.51 2.48
CA PHE A 140 -30.10 51.27 2.25
C PHE A 140 -31.07 50.56 1.31
N TYR A 141 -32.35 50.93 1.43
CA TYR A 141 -33.37 50.43 0.53
C TYR A 141 -34.51 51.45 0.51
N PRO A 142 -35.01 51.83 -0.67
CA PRO A 142 -34.77 51.30 -2.02
C PRO A 142 -33.48 51.83 -2.63
N ARG A 143 -33.25 51.43 -3.86
CA ARG A 143 -31.98 51.70 -4.57
C ARG A 143 -31.73 53.18 -4.85
N GLU A 144 -32.79 53.92 -5.16
CA GLU A 144 -32.66 55.34 -5.51
C GLU A 144 -32.06 56.14 -4.37
N ALA A 145 -30.94 56.79 -4.62
CA ALA A 145 -30.35 57.71 -3.64
C ALA A 145 -29.65 58.81 -4.41
N LYS A 146 -29.69 60.03 -3.90
CA LYS A 146 -28.94 61.10 -4.53
C LYS A 146 -27.77 61.46 -3.63
N VAL A 147 -26.56 61.41 -4.17
CA VAL A 147 -25.37 61.83 -3.44
C VAL A 147 -24.83 63.08 -4.12
N GLN A 148 -24.67 64.15 -3.35
CA GLN A 148 -24.13 65.37 -3.93
C GLN A 148 -22.90 65.82 -3.15
N TRP A 149 -21.85 66.14 -3.89
CA TRP A 149 -20.63 66.64 -3.27
C TRP A 149 -20.72 68.15 -3.22
N LYS A 150 -20.32 68.72 -2.10
CA LYS A 150 -20.27 70.15 -1.98
C LYS A 150 -18.90 70.52 -1.44
N VAL A 151 -18.33 71.57 -2.02
CA VAL A 151 -17.02 72.02 -1.61
C VAL A 151 -17.15 73.48 -1.21
N ASP A 152 -16.80 73.80 0.02
CA ASP A 152 -17.10 75.10 0.64
C ASP A 152 -18.54 75.51 0.29
N ASN A 153 -19.44 74.54 0.43
CA ASN A 153 -20.87 74.71 0.16
C ASN A 153 -21.22 75.00 -1.29
N ALA A 154 -20.29 74.73 -2.20
CA ALA A 154 -20.54 74.85 -3.64
C ALA A 154 -20.77 73.46 -4.24
N LEU A 155 -21.77 73.32 -5.10
CA LEU A 155 -22.08 72.00 -5.67
C LEU A 155 -21.08 71.55 -6.73
N GLN A 156 -20.65 70.30 -6.63
CA GLN A 156 -19.65 69.74 -7.53
C GLN A 156 -20.30 68.98 -8.68
N SER A 157 -19.60 68.89 -9.81
CA SER A 157 -20.09 68.08 -10.92
C SER A 157 -18.96 67.62 -11.81
N GLY A 158 -19.10 66.41 -12.35
CA GLY A 158 -18.18 65.89 -13.33
C GLY A 158 -16.85 65.42 -12.76
N ASN A 159 -16.72 65.43 -11.45
CA ASN A 159 -15.47 65.01 -10.81
C ASN A 159 -15.65 63.84 -9.84
N SER A 160 -16.80 63.19 -9.88
CA SER A 160 -17.05 62.03 -9.03
C SER A 160 -17.57 60.81 -9.80
N GLN A 161 -17.27 59.61 -9.31
CA GLN A 161 -17.86 58.35 -9.81
C GLN A 161 -18.56 57.54 -8.70
N GLU A 162 -19.74 56.98 -8.99
CA GLU A 162 -20.48 56.11 -8.05
C GLU A 162 -20.35 54.63 -8.39
N SER A 163 -20.32 53.79 -7.37
CA SER A 163 -20.33 52.35 -7.56
C SER A 163 -21.31 51.77 -6.52
N VAL A 164 -22.03 50.72 -6.89
CA VAL A 164 -23.03 50.14 -5.98
C VAL A 164 -22.87 48.63 -5.88
N THR A 165 -23.15 48.08 -4.71
CA THR A 165 -23.07 46.63 -4.55
C THR A 165 -24.32 45.94 -5.12
N GLU A 166 -24.23 44.62 -5.29
CA GLU A 166 -25.38 43.80 -5.59
C GLU A 166 -26.28 43.77 -4.37
N GLN A 167 -27.59 43.81 -4.61
CA GLN A 167 -28.52 43.73 -3.49
C GLN A 167 -28.14 42.56 -2.57
N ASP A 168 -28.08 42.83 -1.28
CA ASP A 168 -27.72 41.80 -0.30
C ASP A 168 -28.84 40.75 -0.25
N SER A 169 -28.48 39.48 -0.33
CA SER A 169 -29.45 38.38 -0.35
C SER A 169 -30.19 38.23 0.97
N LYS A 170 -29.55 38.69 2.04
CA LYS A 170 -30.07 38.50 3.39
C LYS A 170 -30.98 39.64 3.86
N ASP A 171 -30.55 40.89 3.68
CA ASP A 171 -31.37 41.99 4.19
C ASP A 171 -31.94 42.87 3.09
N SER A 172 -31.66 42.51 1.84
CA SER A 172 -32.25 43.18 0.69
C SER A 172 -31.80 44.64 0.49
N THR A 173 -30.70 45.03 1.12
CA THR A 173 -30.20 46.40 1.00
C THR A 173 -29.05 46.53 0.00
N TYR A 174 -28.73 47.79 -0.31
CA TYR A 174 -27.64 48.13 -1.20
C TYR A 174 -26.66 48.97 -0.41
N SER A 175 -25.43 49.06 -0.90
CA SER A 175 -24.52 50.09 -0.38
C SER A 175 -23.89 50.72 -1.59
N LEU A 176 -23.42 51.95 -1.41
CA LEU A 176 -22.89 52.70 -2.53
C LEU A 176 -21.69 53.51 -2.09
N SER A 177 -20.72 53.63 -2.99
CA SER A 177 -19.55 54.47 -2.79
CA SER A 177 -19.57 54.48 -2.77
C SER A 177 -19.55 55.54 -3.86
N SER A 178 -19.28 56.79 -3.48
CA SER A 178 -19.12 57.85 -4.44
C SER A 178 -17.74 58.42 -4.17
N THR A 179 -16.91 58.50 -5.20
CA THR A 179 -15.55 59.00 -5.05
C THR A 179 -15.36 60.31 -5.79
N LEU A 180 -15.02 61.37 -5.04
CA LEU A 180 -14.65 62.66 -5.58
C LEU A 180 -13.13 62.75 -5.78
N THR A 181 -12.67 63.00 -7.00
CA THR A 181 -11.23 63.04 -7.25
C THR A 181 -10.78 64.40 -7.74
N LEU A 182 -9.80 64.96 -7.05
CA LEU A 182 -9.27 66.30 -7.32
C LEU A 182 -7.76 66.24 -7.33
N SER A 183 -7.13 67.12 -8.10
CA SER A 183 -5.69 67.29 -7.97
C SER A 183 -5.42 67.87 -6.58
N LYS A 184 -4.23 67.63 -6.06
CA LYS A 184 -3.82 68.24 -4.80
C LYS A 184 -4.03 69.77 -4.83
N ALA A 185 -3.64 70.41 -5.93
CA ALA A 185 -3.80 71.86 -6.02
C ALA A 185 -5.26 72.28 -5.89
N ASP A 186 -6.17 71.56 -6.55
CA ASP A 186 -7.56 71.94 -6.44
C ASP A 186 -8.07 71.64 -5.03
N TYR A 187 -7.70 70.48 -4.49
CA TYR A 187 -8.06 70.12 -3.13
C TYR A 187 -7.71 71.25 -2.15
N GLU A 188 -6.53 71.82 -2.32
CA GLU A 188 -6.00 72.87 -1.44
C GLU A 188 -6.57 74.27 -1.67
N LYS A 189 -7.56 74.40 -2.57
CA LYS A 189 -8.23 75.68 -2.78
C LYS A 189 -9.30 75.91 -1.72
N HIS A 190 -9.73 74.84 -1.08
CA HIS A 190 -10.97 74.88 -0.30
C HIS A 190 -10.82 74.19 1.04
N LYS A 191 -11.78 74.45 1.93
CA LYS A 191 -11.71 73.90 3.27
C LYS A 191 -12.76 72.81 3.53
N VAL A 192 -14.02 73.09 3.24
CA VAL A 192 -15.07 72.17 3.67
C VAL A 192 -15.46 71.16 2.58
N TYR A 193 -15.22 69.89 2.87
CA TYR A 193 -15.60 68.79 1.96
C TYR A 193 -16.77 68.00 2.53
N ALA A 194 -17.86 67.94 1.76
CA ALA A 194 -19.10 67.38 2.28
C ALA A 194 -19.84 66.57 1.22
N CYS A 195 -20.48 65.53 1.70
CA CYS A 195 -21.36 64.69 0.90
CA CYS A 195 -21.38 64.79 0.84
C CYS A 195 -22.79 64.84 1.42
N GLU A 196 -23.73 65.26 0.58
CA GLU A 196 -25.12 65.41 1.01
C GLU A 196 -25.95 64.32 0.34
N VAL A 197 -26.76 63.62 1.14
CA VAL A 197 -27.46 62.44 0.66
C VAL A 197 -28.96 62.57 0.84
N THR A 198 -29.69 62.31 -0.26
CA THR A 198 -31.13 62.33 -0.27
C THR A 198 -31.64 60.90 -0.50
N HIS A 199 -32.65 60.50 0.25
CA HIS A 199 -33.15 59.13 0.20
C HIS A 199 -34.49 59.02 0.93
N GLN A 200 -35.34 58.09 0.49
CA GLN A 200 -36.70 57.96 1.02
CA GLN A 200 -36.69 57.94 1.01
C GLN A 200 -36.71 57.66 2.51
N GLY A 201 -35.62 57.13 3.04
CA GLY A 201 -35.53 56.83 4.47
C GLY A 201 -35.13 58.01 5.34
N LEU A 202 -34.91 59.16 4.72
CA LEU A 202 -34.43 60.37 5.41
C LEU A 202 -35.44 61.49 5.23
N SER A 203 -36.03 61.94 6.33
CA SER A 203 -36.99 63.04 6.27
CA SER A 203 -36.98 63.04 6.30
C SER A 203 -36.33 64.33 5.77
N SER A 204 -35.04 64.48 6.02
CA SER A 204 -34.27 65.61 5.49
C SER A 204 -32.96 65.06 4.96
N PRO A 205 -32.37 65.70 3.94
CA PRO A 205 -31.07 65.22 3.49
C PRO A 205 -30.01 65.22 4.60
N VAL A 206 -29.14 64.22 4.55
CA VAL A 206 -28.07 64.10 5.51
C VAL A 206 -26.76 64.57 4.90
N THR A 207 -25.99 65.33 5.66
CA THR A 207 -24.69 65.85 5.19
C THR A 207 -23.59 65.40 6.14
N LYS A 208 -22.57 64.73 5.61
CA LYS A 208 -21.36 64.44 6.38
C LYS A 208 -20.21 65.24 5.79
N SER A 209 -19.40 65.87 6.63
CA SER A 209 -18.30 66.68 6.11
C SER A 209 -17.03 66.59 6.94
N PHE A 210 -15.92 66.98 6.35
CA PHE A 210 -14.71 67.24 7.13
C PHE A 210 -14.05 68.50 6.60
N ASN A 211 -13.13 69.03 7.39
CA ASN A 211 -12.31 70.17 6.98
C ASN A 211 -10.93 69.67 6.54
N ARG A 212 -10.47 70.09 5.37
CA ARG A 212 -9.15 69.67 4.92
C ARG A 212 -8.14 70.11 5.98
N GLY A 213 -7.32 69.17 6.44
CA GLY A 213 -6.38 69.40 7.51
C GLY A 213 -6.82 68.90 8.89
N GLU A 214 -8.11 68.60 9.03
CA GLU A 214 -8.71 68.21 10.31
C GLU A 214 -8.17 66.89 10.84
N CYS A 215 -7.87 65.97 9.93
CA CYS A 215 -7.48 64.61 10.29
C CYS A 215 -6.03 64.38 9.92
N PCA B 1 -23.24 14.54 -21.03
CA PCA B 1 -23.74 15.86 -20.69
CB PCA B 1 -23.14 16.33 -19.37
CG PCA B 1 -21.93 15.44 -19.11
CD PCA B 1 -22.15 14.31 -20.08
OE PCA B 1 -21.47 13.28 -20.05
C PCA B 1 -23.32 16.81 -21.81
O PCA B 1 -22.14 16.90 -22.13
N VAL B 2 -24.30 17.48 -22.43
CA VAL B 2 -24.01 18.48 -23.46
C VAL B 2 -23.20 19.59 -22.78
N GLN B 3 -21.99 19.85 -23.28
CA GLN B 3 -21.20 20.93 -22.69
C GLN B 3 -20.52 21.79 -23.75
N LEU B 4 -20.47 23.09 -23.48
CA LEU B 4 -19.77 24.01 -24.37
C LEU B 4 -18.70 24.69 -23.55
N GLN B 5 -17.44 24.43 -23.88
CA GLN B 5 -16.32 24.95 -23.10
C GLN B 5 -15.70 26.20 -23.76
N GLN B 6 -15.65 27.30 -22.99
CA GLN B 6 -15.04 28.54 -23.46
C GLN B 6 -13.99 29.03 -22.46
N PRO B 7 -12.87 29.58 -22.94
CA PRO B 7 -11.89 30.23 -22.05
C PRO B 7 -12.52 31.32 -21.19
N GLY B 8 -12.05 31.48 -19.96
CA GLY B 8 -12.63 32.48 -19.08
C GLY B 8 -12.45 33.91 -19.57
N ALA B 9 -11.29 34.21 -20.13
CA ALA B 9 -10.97 35.60 -20.46
C ALA B 9 -9.93 35.78 -21.54
N GLU B 10 -10.03 36.91 -22.24
CA GLU B 10 -9.03 37.35 -23.18
C GLU B 10 -8.74 38.83 -22.97
N LEU B 11 -7.50 39.13 -22.63
CA LEU B 11 -7.02 40.48 -22.51
C LEU B 11 -6.29 40.85 -23.81
N VAL B 12 -6.79 41.82 -24.53
CA VAL B 12 -6.26 42.15 -25.85
C VAL B 12 -6.18 43.66 -26.13
N GLN B 13 -5.33 44.02 -27.09
CA GLN B 13 -5.05 45.42 -27.45
C GLN B 13 -6.00 45.95 -28.51
N PRO B 14 -6.30 47.25 -28.48
CA PRO B 14 -7.15 47.83 -29.51
C PRO B 14 -6.47 47.77 -30.88
N GLY B 15 -7.26 47.57 -31.93
CA GLY B 15 -6.72 47.55 -33.27
C GLY B 15 -6.32 46.16 -33.73
N THR B 16 -6.28 45.20 -32.81
CA THR B 16 -5.91 43.83 -33.18
C THR B 16 -7.13 42.95 -33.42
N SER B 17 -6.90 41.66 -33.62
CA SER B 17 -7.97 40.69 -33.73
CA SER B 17 -7.98 40.68 -33.72
C SER B 17 -7.82 39.61 -32.66
N VAL B 18 -8.92 38.99 -32.26
CA VAL B 18 -8.86 37.95 -31.26
C VAL B 18 -9.77 36.80 -31.69
N ARG B 19 -9.34 35.57 -31.41
CA ARG B 19 -10.09 34.40 -31.81
C ARG B 19 -10.66 33.71 -30.57
N LEU B 20 -11.99 33.70 -30.48
CA LEU B 20 -12.65 33.13 -29.30
C LEU B 20 -13.00 31.70 -29.66
N SER B 21 -12.88 30.77 -28.72
CA SER B 21 -13.20 29.36 -29.00
C SER B 21 -14.35 28.83 -28.14
N CYS B 22 -15.00 27.78 -28.64
CA CYS B 22 -16.15 27.17 -27.98
C CYS B 22 -16.09 25.67 -28.27
N LYS B 23 -15.59 24.89 -27.34
CA LYS B 23 -15.38 23.46 -27.57
C LYS B 23 -16.60 22.68 -27.10
N ALA B 24 -17.26 22.01 -28.03
CA ALA B 24 -18.48 21.28 -27.70
C ALA B 24 -18.18 19.82 -27.40
N SER B 25 -18.94 19.24 -26.48
CA SER B 25 -18.87 17.80 -26.25
C SER B 25 -20.23 17.29 -25.79
N GLY B 26 -20.39 15.97 -25.79
CA GLY B 26 -21.59 15.32 -25.28
C GLY B 26 -22.75 15.17 -26.24
N TYR B 27 -22.49 15.35 -27.53
CA TYR B 27 -23.52 15.25 -28.57
C TYR B 27 -22.82 15.31 -29.93
N ILE B 28 -23.58 15.08 -30.99
CA ILE B 28 -23.05 15.10 -32.36
C ILE B 28 -22.95 16.54 -32.85
N PHE B 29 -21.73 17.04 -32.91
CA PHE B 29 -21.43 18.42 -33.22
C PHE B 29 -22.15 18.98 -34.46
N THR B 30 -22.25 18.18 -35.51
CA THR B 30 -22.81 18.68 -36.77
C THR B 30 -24.34 18.75 -36.83
N THR B 31 -25.01 18.23 -35.80
CA THR B 31 -26.47 18.24 -35.78
C THR B 31 -27.11 19.58 -35.38
N TYR B 32 -26.39 20.40 -34.62
CA TYR B 32 -26.99 21.62 -34.06
C TYR B 32 -26.24 22.92 -34.38
N TRP B 33 -26.97 23.91 -34.84
CA TRP B 33 -26.46 25.24 -35.07
C TRP B 33 -25.83 25.80 -33.80
N ILE B 34 -24.74 26.54 -33.97
CA ILE B 34 -24.08 27.23 -32.87
C ILE B 34 -24.28 28.74 -33.05
N HIS B 35 -24.68 29.43 -31.99
CA HIS B 35 -24.80 30.89 -32.05
C HIS B 35 -23.83 31.59 -31.09
N TRP B 36 -23.62 32.88 -31.30
CA TRP B 36 -22.83 33.69 -30.40
C TRP B 36 -23.58 34.92 -29.93
N VAL B 37 -23.37 35.29 -28.68
CA VAL B 37 -24.12 36.37 -28.06
C VAL B 37 -23.19 37.28 -27.28
N LYS B 38 -23.36 38.58 -27.46
CA LYS B 38 -22.54 39.58 -26.77
C LYS B 38 -23.31 40.18 -25.60
N GLN B 39 -22.60 40.45 -24.51
CA GLN B 39 -23.19 41.15 -23.37
C GLN B 39 -22.18 42.06 -22.72
N ARG B 40 -22.35 43.36 -22.90
CA ARG B 40 -21.47 44.33 -22.26
C ARG B 40 -21.75 44.33 -20.76
N PRO B 41 -20.72 44.63 -19.96
CA PRO B 41 -20.83 44.65 -18.49
C PRO B 41 -22.13 45.33 -18.06
N GLY B 42 -22.96 44.61 -17.31
CA GLY B 42 -24.16 45.18 -16.72
C GLY B 42 -25.26 45.58 -17.70
N GLN B 43 -25.13 45.16 -18.96
CA GLN B 43 -26.16 45.46 -19.96
C GLN B 43 -26.79 44.18 -20.55
N GLY B 44 -27.50 44.31 -21.67
CA GLY B 44 -28.30 43.21 -22.19
C GLY B 44 -27.62 42.28 -23.18
N LEU B 45 -28.32 41.22 -23.55
CA LEU B 45 -27.81 40.24 -24.52
C LEU B 45 -28.00 40.78 -25.93
N GLU B 46 -27.05 40.49 -26.80
CA GLU B 46 -27.12 40.94 -28.18
C GLU B 46 -26.76 39.77 -29.08
N TRP B 47 -27.58 39.51 -30.08
CA TRP B 47 -27.38 38.33 -30.93
C TRP B 47 -26.44 38.66 -32.09
N ILE B 48 -25.34 37.92 -32.19
CA ILE B 48 -24.28 38.16 -33.16
C ILE B 48 -24.51 37.44 -34.49
N GLY B 49 -24.76 36.13 -34.44
CA GLY B 49 -24.96 35.35 -35.64
C GLY B 49 -24.99 33.87 -35.34
N GLU B 50 -25.20 33.07 -36.38
CA GLU B 50 -25.30 31.64 -36.20
C GLU B 50 -24.51 30.96 -37.30
N ILE B 51 -23.96 29.79 -37.00
CA ILE B 51 -23.27 28.95 -37.99
C ILE B 51 -23.80 27.50 -37.90
N ASN B 52 -23.97 26.89 -39.07
CA ASN B 52 -24.35 25.47 -39.16
C ASN B 52 -23.07 24.65 -39.29
N PRO B 53 -22.71 23.91 -38.23
CA PRO B 53 -21.40 23.25 -38.29
C PRO B 53 -21.36 22.16 -39.35
N ASN B 54 -22.51 21.62 -39.71
CA ASN B 54 -22.53 20.58 -40.74
C ASN B 54 -22.03 21.07 -42.11
N ASN B 55 -22.47 22.25 -42.54
CA ASN B 55 -22.09 22.77 -43.86
C ASN B 55 -21.39 24.12 -43.87
N GLY B 56 -21.34 24.80 -42.74
CA GLY B 56 -20.64 26.08 -42.68
C GLY B 56 -21.50 27.28 -43.05
N ARG B 57 -22.76 27.04 -43.36
CA ARG B 57 -23.72 28.11 -43.58
C ARG B 57 -23.70 29.03 -42.35
N ILE B 58 -23.72 30.35 -42.59
CA ILE B 58 -23.62 31.35 -41.52
C ILE B 58 -24.57 32.51 -41.79
N ASN B 59 -25.34 32.92 -40.79
CA ASN B 59 -26.14 34.14 -40.90
C ASN B 59 -25.69 35.09 -39.81
N TYR B 60 -25.23 36.28 -40.20
CA TYR B 60 -24.82 37.31 -39.23
C TYR B 60 -25.94 38.30 -38.97
N ASN B 61 -25.95 38.87 -37.76
CA ASN B 61 -26.64 40.12 -37.52
C ASN B 61 -25.86 41.17 -38.32
N GLU B 62 -26.57 41.99 -39.09
CA GLU B 62 -25.91 42.98 -39.95
C GLU B 62 -24.95 43.87 -39.15
N LYS B 63 -25.30 44.17 -37.92
CA LYS B 63 -24.48 45.03 -37.08
C LYS B 63 -23.07 44.46 -36.86
N PHE B 64 -22.92 43.15 -36.97
CA PHE B 64 -21.65 42.50 -36.67
C PHE B 64 -20.93 41.94 -37.89
N LYS B 65 -21.48 42.17 -39.09
CA LYS B 65 -20.99 41.51 -40.30
C LYS B 65 -19.49 41.67 -40.60
N THR B 66 -18.90 42.77 -40.17
CA THR B 66 -17.47 42.99 -40.39
C THR B 66 -16.67 42.73 -39.11
N LYS B 67 -17.32 42.96 -37.98
CA LYS B 67 -16.71 42.76 -36.67
C LYS B 67 -16.48 41.28 -36.33
N ALA B 68 -17.46 40.44 -36.61
CA ALA B 68 -17.34 39.04 -36.22
C ALA B 68 -17.22 38.13 -37.42
N THR B 69 -16.42 37.09 -37.29
CA THR B 69 -16.27 36.10 -38.35
C THR B 69 -16.39 34.73 -37.73
N LEU B 70 -17.36 33.94 -38.18
CA LEU B 70 -17.62 32.61 -37.59
C LEU B 70 -17.05 31.48 -38.43
N THR B 71 -16.48 30.49 -37.74
CA THR B 71 -16.01 29.27 -38.39
C THR B 71 -16.19 28.14 -37.41
N VAL B 72 -15.99 26.91 -37.88
CA VAL B 72 -15.89 25.75 -36.99
C VAL B 72 -14.74 24.89 -37.45
N ASP B 73 -14.26 24.02 -36.55
CA ASP B 73 -13.35 22.94 -36.89
C ASP B 73 -14.11 21.65 -36.61
N LYS B 74 -14.63 21.03 -37.66
CA LYS B 74 -15.39 19.79 -37.49
C LYS B 74 -14.60 18.74 -36.72
N SER B 75 -13.32 18.59 -37.04
CA SER B 75 -12.54 17.49 -36.48
C SER B 75 -12.31 17.59 -34.96
N SER B 76 -12.29 18.82 -34.43
CA SER B 76 -12.13 19.02 -33.00
C SER B 76 -13.44 19.49 -32.34
N SER B 77 -14.56 19.35 -33.05
CA SER B 77 -15.86 19.80 -32.58
C SER B 77 -15.81 21.16 -31.88
N THR B 78 -15.18 22.14 -32.55
CA THR B 78 -14.98 23.46 -31.99
C THR B 78 -15.52 24.56 -32.88
N ALA B 79 -16.25 25.49 -32.28
CA ALA B 79 -16.74 26.66 -33.00
C ALA B 79 -15.85 27.85 -32.65
N TYR B 80 -15.57 28.72 -33.61
CA TYR B 80 -14.68 29.86 -33.42
C TYR B 80 -15.38 31.15 -33.81
N MET B 81 -15.08 32.22 -33.08
CA MET B 81 -15.48 33.56 -33.51
C MET B 81 -14.27 34.47 -33.45
N GLN B 82 -13.93 35.04 -34.59
CA GLN B 82 -12.87 36.03 -34.63
C GLN B 82 -13.48 37.40 -34.56
N LEU B 83 -13.02 38.21 -33.62
CA LEU B 83 -13.40 39.62 -33.57
C LEU B 83 -12.22 40.47 -34.05
N SER B 84 -12.47 41.32 -35.04
CA SER B 84 -11.40 42.08 -35.68
C SER B 84 -11.49 43.57 -35.38
N SER B 85 -10.39 44.27 -35.65
CA SER B 85 -10.23 45.70 -35.34
C SER B 85 -10.86 46.15 -34.01
N LEU B 86 -10.37 45.54 -32.94
CA LEU B 86 -10.94 45.72 -31.62
C LEU B 86 -10.90 47.15 -31.09
N THR B 87 -11.99 47.55 -30.44
CA THR B 87 -12.06 48.84 -29.76
C THR B 87 -12.68 48.61 -28.40
N SER B 88 -12.71 49.64 -27.56
CA SER B 88 -13.31 49.51 -26.24
C SER B 88 -14.78 49.07 -26.32
N GLU B 89 -15.46 49.41 -27.41
CA GLU B 89 -16.84 48.99 -27.58
C GLU B 89 -16.97 47.46 -27.68
N ASP B 90 -15.86 46.77 -27.84
CA ASP B 90 -15.91 45.31 -28.00
C ASP B 90 -15.71 44.59 -26.67
N SER B 91 -15.30 45.34 -25.65
CA SER B 91 -15.12 44.75 -24.32
C SER B 91 -16.49 44.26 -23.89
N ALA B 92 -16.57 42.98 -23.59
CA ALA B 92 -17.85 42.34 -23.31
C ALA B 92 -17.61 40.87 -23.03
N VAL B 93 -18.60 40.22 -22.46
CA VAL B 93 -18.61 38.78 -22.33
C VAL B 93 -19.19 38.25 -23.61
N TYR B 94 -18.54 37.28 -24.23
CA TYR B 94 -19.11 36.67 -25.44
C TYR B 94 -19.47 35.21 -25.16
N TYR B 95 -20.76 34.89 -25.28
CA TYR B 95 -21.23 33.51 -25.10
C TYR B 95 -21.34 32.80 -26.42
N CYS B 96 -21.06 31.49 -26.41
CA CYS B 96 -21.50 30.62 -27.48
C CYS B 96 -22.68 29.80 -26.95
N THR B 97 -23.62 29.49 -27.84
CA THR B 97 -24.79 28.69 -27.47
CA THR B 97 -24.79 28.72 -27.48
C THR B 97 -25.09 27.65 -28.54
N ARG B 98 -25.83 26.62 -28.16
CA ARG B 98 -26.26 25.58 -29.10
C ARG B 98 -27.79 25.45 -29.09
N VAL B 99 -28.40 25.34 -30.26
CA VAL B 99 -29.86 25.21 -30.32
C VAL B 99 -30.34 23.88 -29.76
N GLY B 100 -31.61 23.84 -29.34
CA GLY B 100 -32.15 22.62 -28.78
C GLY B 100 -32.76 21.72 -29.84
N VAL B 101 -33.39 20.65 -29.37
CA VAL B 101 -34.20 19.76 -30.21
C VAL B 101 -35.33 20.58 -30.85
N MET B 102 -35.85 21.54 -30.10
CA MET B 102 -36.59 22.64 -30.71
C MET B 102 -35.58 23.68 -31.14
N ILE B 103 -35.45 23.89 -32.44
CA ILE B 103 -34.35 24.70 -32.98
C ILE B 103 -34.45 26.16 -32.55
N THR B 104 -35.64 26.58 -32.12
CA THR B 104 -35.85 27.96 -31.74
C THR B 104 -35.62 28.17 -30.24
N THR B 105 -34.52 27.63 -29.72
CA THR B 105 -34.20 27.76 -28.30
C THR B 105 -32.69 27.72 -28.14
N PHE B 106 -32.18 28.33 -27.06
CA PHE B 106 -30.81 28.11 -26.60
C PHE B 106 -30.83 27.39 -25.24
N PRO B 107 -30.92 26.04 -25.21
CA PRO B 107 -30.88 25.44 -23.87
C PRO B 107 -29.47 25.31 -23.29
N TYR B 108 -28.46 25.43 -24.15
CA TYR B 108 -27.09 25.18 -23.73
C TYR B 108 -26.24 26.42 -24.00
N TRP B 109 -25.53 26.88 -22.99
CA TRP B 109 -24.69 28.08 -23.10
C TRP B 109 -23.28 27.80 -22.56
N GLY B 110 -22.26 28.29 -23.25
CA GLY B 110 -20.95 28.33 -22.65
C GLY B 110 -20.96 29.28 -21.45
N GLN B 111 -19.90 29.25 -20.65
CA GLN B 111 -19.83 30.17 -19.52
C GLN B 111 -19.39 31.56 -19.96
N GLY B 112 -18.92 31.68 -21.20
CA GLY B 112 -18.65 32.99 -21.76
C GLY B 112 -17.19 33.39 -21.62
N THR B 113 -16.65 34.07 -22.62
CA THR B 113 -15.30 34.61 -22.53
C THR B 113 -15.37 36.10 -22.27
N LEU B 114 -14.73 36.57 -21.21
CA LEU B 114 -14.66 37.99 -20.94
C LEU B 114 -13.52 38.58 -21.76
N VAL B 115 -13.86 39.37 -22.76
CA VAL B 115 -12.87 40.06 -23.58
C VAL B 115 -12.74 41.50 -23.10
N THR B 116 -11.53 41.90 -22.70
CA THR B 116 -11.30 43.27 -22.31
C THR B 116 -10.29 43.89 -23.27
N VAL B 117 -10.70 44.95 -23.96
CA VAL B 117 -9.85 45.61 -24.93
C VAL B 117 -9.22 46.85 -24.30
N SER B 118 -7.90 46.85 -24.18
CA SER B 118 -7.21 47.95 -23.50
C SER B 118 -5.76 48.03 -23.94
N ALA B 119 -5.22 49.25 -23.97
CA ALA B 119 -3.81 49.44 -24.30
C ALA B 119 -2.95 49.59 -23.04
N ALA B 120 -3.60 49.51 -21.88
CA ALA B 120 -2.91 49.67 -20.58
C ALA B 120 -1.93 48.53 -20.30
N SER B 121 -0.88 48.82 -19.53
CA SER B 121 0.09 47.82 -19.14
C SER B 121 -0.17 47.41 -17.70
N THR B 122 0.24 46.20 -17.36
CA THR B 122 0.09 45.67 -16.00
C THR B 122 0.66 46.65 -14.97
N LYS B 123 -0.06 46.84 -13.87
CA LYS B 123 0.38 47.73 -12.80
C LYS B 123 -0.34 47.38 -11.50
N GLY B 124 0.42 47.24 -10.42
CA GLY B 124 -0.14 46.93 -9.11
C GLY B 124 -0.82 48.14 -8.51
N PRO B 125 -1.78 47.91 -7.60
CA PRO B 125 -2.52 49.02 -7.00
C PRO B 125 -1.76 49.71 -5.87
N SER B 126 -2.02 51.00 -5.68
CA SER B 126 -1.70 51.66 -4.42
C SER B 126 -2.89 51.42 -3.51
N VAL B 127 -2.62 51.22 -2.23
CA VAL B 127 -3.68 50.98 -1.25
C VAL B 127 -3.61 52.10 -0.22
N PHE B 128 -4.71 52.82 -0.08
CA PHE B 128 -4.77 53.96 0.84
C PHE B 128 -5.84 53.70 1.90
N PRO B 129 -5.59 54.11 3.15
CA PRO B 129 -6.58 53.91 4.19
C PRO B 129 -7.80 54.82 4.02
N LEU B 130 -8.94 54.35 4.50
CA LEU B 130 -10.16 55.15 4.56
C LEU B 130 -10.64 55.17 6.01
N ALA B 131 -10.59 56.34 6.63
CA ALA B 131 -11.04 56.48 8.01
C ALA B 131 -11.56 57.89 8.26
N PRO B 132 -12.79 58.01 8.77
CA PRO B 132 -13.37 59.35 8.91
C PRO B 132 -12.65 60.13 10.00
N CYS B 133 -12.80 61.45 9.99
CA CYS B 133 -12.18 62.30 11.01
C CYS B 133 -12.96 62.26 12.32
N SER B 134 -14.26 61.98 12.24
CA SER B 134 -15.14 61.92 13.42
C SER B 134 -14.38 61.96 14.75
N SER B 138 -21.01 58.82 20.15
CA SER B 138 -21.91 59.43 19.17
C SER B 138 -22.77 58.39 18.44
N GLU B 139 -22.14 57.67 17.53
CA GLU B 139 -22.86 56.68 16.72
C GLU B 139 -22.48 55.26 17.16
N SER B 140 -23.39 54.31 16.92
CA SER B 140 -23.18 52.92 17.33
C SER B 140 -22.27 52.16 16.35
N THR B 141 -22.15 52.69 15.15
CA THR B 141 -21.40 52.03 14.09
C THR B 141 -20.29 52.93 13.53
N ALA B 142 -19.11 52.36 13.35
CA ALA B 142 -18.00 53.04 12.70
C ALA B 142 -17.68 52.36 11.38
N ALA B 143 -17.24 53.12 10.40
CA ALA B 143 -16.78 52.57 9.13
C ALA B 143 -15.29 52.79 8.89
N LEU B 144 -14.69 51.83 8.21
CA LEU B 144 -13.28 51.88 7.87
C LEU B 144 -13.20 51.27 6.49
N GLY B 145 -12.09 51.49 5.79
CA GLY B 145 -11.92 50.87 4.48
C GLY B 145 -10.56 51.08 3.87
N CYS B 146 -10.39 50.54 2.66
CA CYS B 146 -9.20 50.82 1.86
C CYS B 146 -9.59 51.23 0.46
N LEU B 147 -8.91 52.26 -0.03
CA LEU B 147 -9.03 52.65 -1.42
C LEU B 147 -7.95 51.92 -2.24
N VAL B 148 -8.38 51.11 -3.20
CA VAL B 148 -7.45 50.33 -4.02
C VAL B 148 -7.39 50.97 -5.40
N LYS B 149 -6.35 51.75 -5.65
CA LYS B 149 -6.35 52.67 -6.78
C LYS B 149 -5.27 52.39 -7.82
N ASP B 150 -5.60 52.65 -9.08
CA ASP B 150 -4.64 52.73 -10.18
C ASP B 150 -3.96 51.41 -10.51
N TYR B 151 -4.76 50.39 -10.76
CA TYR B 151 -4.20 49.09 -11.09
C TYR B 151 -4.75 48.61 -12.41
N PHE B 152 -4.06 47.67 -13.03
CA PHE B 152 -4.53 47.03 -14.26
C PHE B 152 -3.80 45.70 -14.45
N PRO B 153 -4.53 44.65 -14.87
CA PRO B 153 -5.97 44.62 -15.15
C PRO B 153 -6.75 44.15 -13.94
N GLU B 154 -8.06 44.01 -14.11
CA GLU B 154 -8.87 43.24 -13.18
C GLU B 154 -8.34 41.82 -13.13
N PRO B 155 -8.55 41.13 -12.00
CA PRO B 155 -9.20 41.71 -10.82
C PRO B 155 -8.22 41.83 -9.67
N VAL B 156 -8.70 42.35 -8.54
CA VAL B 156 -8.00 42.25 -7.27
C VAL B 156 -8.89 41.50 -6.34
N THR B 157 -8.30 40.88 -5.32
CA THR B 157 -9.12 40.36 -4.24
C THR B 157 -8.79 41.11 -2.96
N VAL B 158 -9.82 41.50 -2.22
CA VAL B 158 -9.65 42.18 -0.95
C VAL B 158 -10.29 41.37 0.16
N SER B 159 -9.54 41.14 1.23
CA SER B 159 -10.10 40.52 2.42
C SER B 159 -9.75 41.41 3.61
N TRP B 160 -10.38 41.14 4.75
CA TRP B 160 -10.10 41.91 5.95
C TRP B 160 -9.64 40.97 7.04
N ASN B 161 -8.62 41.39 7.79
CA ASN B 161 -8.04 40.54 8.83
C ASN B 161 -7.85 39.09 8.36
N SER B 162 -7.18 38.95 7.21
CA SER B 162 -6.81 37.66 6.65
C SER B 162 -7.99 36.71 6.44
N GLY B 163 -9.18 37.27 6.22
CA GLY B 163 -10.34 36.46 5.94
C GLY B 163 -11.21 36.28 7.15
N ALA B 164 -10.68 36.62 8.32
CA ALA B 164 -11.39 36.39 9.57
C ALA B 164 -12.59 37.32 9.73
N LEU B 165 -12.54 38.46 9.06
CA LEU B 165 -13.61 39.44 9.16
C LEU B 165 -14.37 39.54 7.84
N THR B 166 -15.59 39.02 7.82
CA THR B 166 -16.41 39.04 6.61
C THR B 166 -17.75 39.76 6.80
N SER B 167 -18.26 39.77 8.03
CA SER B 167 -19.54 40.43 8.27
C SER B 167 -19.42 41.93 8.07
N GLY B 168 -20.39 42.50 7.36
CA GLY B 168 -20.46 43.95 7.17
C GLY B 168 -19.41 44.48 6.22
N VAL B 169 -18.69 43.56 5.59
CA VAL B 169 -17.74 43.95 4.55
C VAL B 169 -18.43 44.19 3.21
N HIS B 170 -18.14 45.34 2.60
CA HIS B 170 -18.56 45.63 1.23
C HIS B 170 -17.38 45.99 0.34
N THR B 171 -17.17 45.18 -0.69
CA THR B 171 -16.15 45.49 -1.69
C THR B 171 -16.85 45.88 -2.97
N PHE B 172 -16.67 47.13 -3.38
CA PHE B 172 -17.42 47.67 -4.50
C PHE B 172 -16.84 47.26 -5.84
N PRO B 173 -17.68 47.23 -6.89
CA PRO B 173 -17.22 47.01 -8.26
C PRO B 173 -16.22 48.09 -8.64
N ALA B 174 -15.15 47.68 -9.33
CA ALA B 174 -14.11 48.61 -9.76
C ALA B 174 -14.64 49.54 -10.83
N VAL B 175 -14.15 50.78 -10.85
CA VAL B 175 -14.47 51.69 -11.95
C VAL B 175 -13.23 51.94 -12.79
N LEU B 176 -13.42 52.02 -14.11
CA LEU B 176 -12.30 52.26 -15.02
C LEU B 176 -12.16 53.77 -15.21
N GLN B 177 -11.03 54.32 -14.77
CA GLN B 177 -10.80 55.75 -14.87
C GLN B 177 -10.34 56.10 -16.26
N SER B 178 -10.36 57.40 -16.59
CA SER B 178 -10.00 57.83 -17.93
C SER B 178 -8.55 57.48 -18.27
N SER B 179 -7.75 57.23 -17.23
CA SER B 179 -6.36 56.83 -17.39
C SER B 179 -6.22 55.40 -17.90
N GLY B 180 -7.32 54.64 -17.87
CA GLY B 180 -7.30 53.24 -18.27
C GLY B 180 -6.93 52.33 -17.11
N LEU B 181 -6.79 52.91 -15.93
CA LEU B 181 -6.52 52.15 -14.71
C LEU B 181 -7.81 52.02 -13.91
N TYR B 182 -7.90 50.98 -13.07
CA TYR B 182 -9.04 50.73 -12.21
C TYR B 182 -8.91 51.32 -10.81
N SER B 183 -10.04 51.58 -10.17
CA SER B 183 -10.08 52.03 -8.80
C SER B 183 -11.29 51.42 -8.10
N LEU B 184 -11.09 51.00 -6.85
CA LEU B 184 -12.12 50.32 -6.08
C LEU B 184 -11.97 50.67 -4.60
N SER B 185 -13.07 50.69 -3.87
CA SER B 185 -13.02 50.77 -2.43
C SER B 185 -13.56 49.50 -1.80
N SER B 186 -12.99 49.13 -0.66
CA SER B 186 -13.54 48.08 0.17
C SER B 186 -13.74 48.67 1.55
N VAL B 187 -14.92 48.51 2.10
CA VAL B 187 -15.23 49.10 3.39
C VAL B 187 -15.76 48.03 4.31
N VAL B 188 -15.78 48.36 5.59
CA VAL B 188 -16.35 47.46 6.58
C VAL B 188 -16.95 48.33 7.66
N THR B 189 -18.13 47.96 8.15
CA THR B 189 -18.70 48.66 9.29
C THR B 189 -18.61 47.74 10.50
N VAL B 190 -18.30 48.32 11.65
CA VAL B 190 -18.05 47.56 12.86
C VAL B 190 -18.62 48.33 14.05
N PRO B 191 -18.83 47.65 15.19
CA PRO B 191 -19.35 48.38 16.36
C PRO B 191 -18.32 49.40 16.85
N SER B 192 -18.77 50.63 17.12
CA SER B 192 -17.92 51.68 17.63
C SER B 192 -17.07 51.20 18.80
N SER B 193 -17.67 50.39 19.65
CA SER B 193 -17.00 49.90 20.86
C SER B 193 -15.78 49.05 20.58
N SER B 194 -15.70 48.45 19.39
CA SER B 194 -14.57 47.59 19.05
C SER B 194 -13.33 48.40 18.69
N LEU B 195 -13.52 49.70 18.44
CA LEU B 195 -12.44 50.53 17.91
C LEU B 195 -11.20 50.57 18.81
N GLY B 196 -11.40 50.41 20.11
CA GLY B 196 -10.27 50.46 21.02
C GLY B 196 -9.64 49.12 21.34
N THR B 197 -10.30 48.03 20.94
CA THR B 197 -9.85 46.70 21.34
C THR B 197 -9.35 45.88 20.15
N LYS B 198 -9.92 46.14 18.98
CA LYS B 198 -9.69 45.31 17.80
C LYS B 198 -8.91 46.07 16.72
N THR B 199 -8.09 45.35 15.96
CA THR B 199 -7.32 45.96 14.88
C THR B 199 -7.97 45.66 13.53
N TYR B 200 -7.80 46.55 12.55
CA TYR B 200 -8.36 46.29 11.23
C TYR B 200 -7.36 46.46 10.10
N THR B 201 -7.25 45.42 9.28
CA THR B 201 -6.28 45.39 8.19
C THR B 201 -6.95 44.87 6.93
N CYS B 202 -6.80 45.59 5.82
CA CYS B 202 -7.27 45.04 4.55
C CYS B 202 -6.11 44.37 3.88
N ASN B 203 -6.38 43.19 3.31
CA ASN B 203 -5.39 42.43 2.57
C ASN B 203 -5.75 42.51 1.10
N VAL B 204 -4.88 43.13 0.32
CA VAL B 204 -5.14 43.34 -1.10
C VAL B 204 -4.18 42.50 -1.94
N ASP B 205 -4.75 41.73 -2.87
CA ASP B 205 -3.98 40.78 -3.68
C ASP B 205 -4.25 41.02 -5.17
N HIS B 206 -3.19 41.23 -5.93
CA HIS B 206 -3.29 41.49 -7.36
C HIS B 206 -2.36 40.56 -8.12
N LYS B 207 -2.87 39.40 -8.50
CA LYS B 207 -2.06 38.36 -9.15
C LYS B 207 -1.26 38.85 -10.36
N PRO B 208 -1.90 39.56 -11.31
CA PRO B 208 -1.19 39.92 -12.54
C PRO B 208 0.12 40.65 -12.31
N SER B 209 0.22 41.44 -11.24
CA SER B 209 1.45 42.15 -10.93
C SER B 209 2.23 41.45 -9.83
N ASN B 210 1.72 40.32 -9.37
CA ASN B 210 2.33 39.61 -8.23
C ASN B 210 2.50 40.52 -6.99
N THR B 211 1.47 41.33 -6.73
CA THR B 211 1.47 42.28 -5.62
C THR B 211 0.56 41.80 -4.49
N LYS B 212 1.06 41.88 -3.27
CA LYS B 212 0.23 41.63 -2.11
C LYS B 212 0.52 42.71 -1.08
N VAL B 213 -0.52 43.44 -0.70
CA VAL B 213 -0.40 44.53 0.25
C VAL B 213 -1.31 44.26 1.43
N ASP B 214 -0.80 44.43 2.65
CA ASP B 214 -1.64 44.38 3.84
C ASP B 214 -1.57 45.74 4.52
N LYS B 215 -2.70 46.44 4.61
CA LYS B 215 -2.71 47.82 5.06
C LYS B 215 -3.55 48.02 6.33
N ARG B 216 -2.89 48.39 7.41
CA ARG B 216 -3.58 48.63 8.67
C ARG B 216 -4.30 49.96 8.60
N VAL B 217 -5.57 49.94 8.96
CA VAL B 217 -6.38 51.14 8.91
C VAL B 217 -6.63 51.67 10.32
N HIS B 218 -5.97 52.77 10.66
CA HIS B 218 -6.07 53.34 11.99
C HIS B 218 -7.25 54.30 12.11
N HIS B 219 -8.19 53.94 12.97
CA HIS B 219 -9.37 54.75 13.19
C HIS B 219 -8.99 56.09 13.80
N ASP C 1 7.29 -21.35 29.01
CA ASP C 1 6.56 -21.86 27.85
C ASP C 1 5.15 -22.29 28.25
N ILE C 2 4.18 -21.44 27.96
CA ILE C 2 2.81 -21.67 28.38
C ILE C 2 1.96 -22.18 27.22
N GLN C 3 1.22 -23.25 27.47
CA GLN C 3 0.33 -23.85 26.48
C GLN C 3 -1.12 -23.49 26.76
N MET C 4 -1.90 -23.33 25.70
CA MET C 4 -3.31 -23.02 25.79
C MET C 4 -4.08 -24.27 25.41
N THR C 5 -4.97 -24.74 26.27
CA THR C 5 -5.79 -25.91 25.93
C THR C 5 -7.22 -25.49 25.66
N GLN C 6 -7.68 -25.71 24.43
CA GLN C 6 -8.97 -25.18 23.99
C GLN C 6 -10.03 -26.27 23.88
N SER C 7 -11.28 -25.89 24.12
CA SER C 7 -12.38 -26.84 24.02
C SER C 7 -13.70 -26.13 23.76
N PRO C 8 -14.63 -26.77 23.01
CA PRO C 8 -14.51 -28.09 22.40
C PRO C 8 -13.83 -27.98 21.05
N ALA C 9 -13.46 -29.11 20.45
CA ALA C 9 -12.85 -29.10 19.12
C ALA C 9 -13.88 -28.68 18.08
N SER C 10 -15.11 -29.15 18.24
CA SER C 10 -16.19 -28.85 17.31
C SER C 10 -17.44 -28.41 18.08
N LEU C 11 -18.27 -27.58 17.46
CA LEU C 11 -19.46 -27.05 18.11
C LEU C 11 -20.59 -26.75 17.12
N SER C 12 -21.76 -27.35 17.34
CA SER C 12 -22.96 -27.01 16.57
C SER C 12 -23.96 -26.29 17.44
N ALA C 13 -24.48 -25.16 16.97
CA ALA C 13 -25.46 -24.41 17.73
C ALA C 13 -26.46 -23.72 16.82
N SER C 14 -27.68 -23.65 17.30
CA SER C 14 -28.79 -23.01 16.61
C SER C 14 -28.70 -21.50 16.72
N VAL C 15 -29.27 -20.81 15.73
CA VAL C 15 -29.38 -19.36 15.75
C VAL C 15 -30.09 -18.92 17.03
N GLY C 16 -29.66 -17.81 17.63
CA GLY C 16 -30.31 -17.30 18.82
C GLY C 16 -29.84 -17.89 20.14
N GLU C 17 -29.16 -19.02 20.08
CA GLU C 17 -28.61 -19.66 21.27
C GLU C 17 -27.28 -18.99 21.68
N THR C 18 -26.83 -19.31 22.89
CA THR C 18 -25.54 -18.83 23.35
C THR C 18 -24.50 -19.93 23.28
N VAL C 19 -23.39 -19.62 22.64
CA VAL C 19 -22.25 -20.51 22.55
C VAL C 19 -21.18 -20.13 23.58
N THR C 20 -20.48 -21.14 24.09
CA THR C 20 -19.35 -20.94 24.99
C THR C 20 -18.15 -21.79 24.57
N ILE C 21 -17.00 -21.14 24.39
CA ILE C 21 -15.75 -21.78 24.00
C ILE C 21 -14.70 -21.49 25.06
N THR C 22 -13.98 -22.51 25.51
CA THR C 22 -13.12 -22.35 26.68
C THR C 22 -11.64 -22.57 26.36
N CYS C 23 -10.77 -21.85 27.07
CA CYS C 23 -9.31 -22.05 26.98
C CYS C 23 -8.68 -22.10 28.37
N ARG C 24 -7.76 -23.02 28.54
CA ARG C 24 -7.02 -23.15 29.79
C ARG C 24 -5.53 -22.95 29.55
N ALA C 25 -4.92 -22.01 30.27
CA ALA C 25 -3.49 -21.75 30.17
C ALA C 25 -2.74 -22.67 31.12
N SER C 26 -1.59 -23.19 30.69
CA SER C 26 -0.77 -24.07 31.53
C SER C 26 -0.01 -23.35 32.65
N GLY C 27 0.00 -22.02 32.61
CA GLY C 27 0.55 -21.22 33.70
C GLY C 27 -0.17 -19.89 33.76
N ASN C 28 0.12 -19.09 34.78
CA ASN C 28 -0.50 -17.76 34.90
C ASN C 28 -0.19 -16.95 33.66
N ILE C 29 -1.21 -16.34 33.06
CA ILE C 29 -0.97 -15.46 31.91
C ILE C 29 -1.57 -14.09 32.16
N HIS C 30 -2.02 -13.89 33.40
CA HIS C 30 -2.65 -12.65 33.77
C HIS C 30 -3.84 -12.42 32.87
N ASN C 31 -4.12 -11.20 32.48
CA ASN C 31 -5.31 -11.04 31.65
C ASN C 31 -4.97 -11.04 30.17
N TYR C 32 -3.75 -11.48 29.83
CA TYR C 32 -3.22 -11.31 28.46
C TYR C 32 -3.70 -12.42 27.53
N LEU C 33 -4.97 -12.35 27.16
CA LEU C 33 -5.57 -13.39 26.34
C LEU C 33 -6.50 -12.80 25.32
N ALA C 34 -6.33 -13.19 24.06
CA ALA C 34 -7.18 -12.69 23.00
C ALA C 34 -7.92 -13.84 22.31
N TRP C 35 -9.06 -13.53 21.71
CA TRP C 35 -9.83 -14.50 20.93
C TRP C 35 -9.95 -14.00 19.51
N TYR C 36 -9.90 -14.93 18.54
CA TYR C 36 -10.01 -14.59 17.12
C TYR C 36 -11.07 -15.42 16.43
N GLN C 37 -11.70 -14.85 15.42
CA GLN C 37 -12.48 -15.64 14.48
C GLN C 37 -11.69 -15.77 13.18
N GLN C 38 -11.78 -16.92 12.54
CA GLN C 38 -11.23 -17.07 11.20
C GLN C 38 -12.19 -17.81 10.26
N LYS C 39 -12.53 -17.14 9.16
CA LYS C 39 -13.27 -17.75 8.07
C LYS C 39 -12.30 -18.48 7.14
N GLN C 40 -12.83 -19.44 6.38
CA GLN C 40 -12.02 -20.23 5.45
C GLN C 40 -11.28 -19.32 4.46
N GLY C 41 -9.97 -19.53 4.33
CA GLY C 41 -9.17 -18.78 3.38
C GLY C 41 -8.90 -17.32 3.75
N LYS C 42 -9.32 -16.89 4.93
CA LYS C 42 -9.11 -15.51 5.35
C LYS C 42 -8.23 -15.46 6.59
N SER C 43 -7.72 -14.28 6.91
CA SER C 43 -6.91 -14.15 8.12
C SER C 43 -7.81 -14.10 9.34
N PRO C 44 -7.28 -14.48 10.52
CA PRO C 44 -8.03 -14.35 11.77
C PRO C 44 -8.44 -12.91 11.99
N GLN C 45 -9.54 -12.71 12.71
CA GLN C 45 -10.01 -11.38 13.05
C GLN C 45 -10.17 -11.31 14.58
N LEU C 46 -9.58 -10.27 15.18
CA LEU C 46 -9.61 -10.08 16.62
C LEU C 46 -11.03 -9.81 17.12
N LEU C 47 -11.43 -10.53 18.17
CA LEU C 47 -12.77 -10.39 18.73
C LEU C 47 -12.68 -9.70 20.08
N VAL C 48 -11.85 -10.26 20.95
CA VAL C 48 -11.76 -9.90 22.35
C VAL C 48 -10.29 -9.90 22.77
N TYR C 49 -9.89 -8.96 23.62
CA TYR C 49 -8.54 -8.95 24.15
C TYR C 49 -8.51 -8.57 25.62
N ASN C 50 -7.34 -8.67 26.25
CA ASN C 50 -7.26 -8.58 27.71
C ASN C 50 -8.35 -9.42 28.37
N ALA C 51 -8.64 -10.58 27.77
CA ALA C 51 -9.59 -11.55 28.31
C ALA C 51 -11.06 -11.14 28.22
N LYS C 52 -11.34 -9.87 28.45
CA LYS C 52 -12.74 -9.44 28.54
C LYS C 52 -13.10 -8.18 27.76
N THR C 53 -12.15 -7.59 27.04
CA THR C 53 -12.44 -6.38 26.29
C THR C 53 -12.80 -6.63 24.84
N LEU C 54 -13.97 -6.15 24.44
CA LEU C 54 -14.46 -6.30 23.09
C LEU C 54 -13.68 -5.38 22.15
N ALA C 55 -13.16 -5.95 21.07
CA ALA C 55 -12.36 -5.18 20.12
C ALA C 55 -13.24 -4.24 19.30
N ASP C 56 -12.66 -3.15 18.82
CA ASP C 56 -13.42 -2.13 18.11
C ASP C 56 -14.16 -2.68 16.87
N GLY C 57 -15.46 -2.40 16.79
CA GLY C 57 -16.24 -2.78 15.62
C GLY C 57 -16.88 -4.16 15.70
N VAL C 58 -16.37 -5.01 16.58
CA VAL C 58 -16.94 -6.34 16.78
C VAL C 58 -18.32 -6.25 17.45
N PRO C 59 -19.28 -7.07 16.99
CA PRO C 59 -20.64 -7.05 17.54
C PRO C 59 -20.72 -7.37 19.03
N SER C 60 -21.63 -6.73 19.74
CA SER C 60 -21.69 -6.87 21.18
C SER C 60 -22.14 -8.27 21.65
N ARG C 61 -22.64 -9.09 20.74
CA ARG C 61 -23.02 -10.44 21.16
C ARG C 61 -21.77 -11.24 21.60
N PHE C 62 -20.59 -10.82 21.14
CA PHE C 62 -19.33 -11.42 21.56
C PHE C 62 -18.85 -10.87 22.91
N SER C 63 -18.51 -11.75 23.84
CA SER C 63 -17.88 -11.30 25.09
C SER C 63 -16.88 -12.33 25.56
N GLY C 64 -16.03 -11.94 26.49
CA GLY C 64 -15.07 -12.85 27.08
C GLY C 64 -15.08 -12.76 28.58
N SER C 65 -14.73 -13.86 29.24
CA SER C 65 -14.69 -13.87 30.69
C SER C 65 -13.48 -14.67 31.13
N GLU C 66 -13.17 -14.56 32.42
CA GLU C 66 -11.88 -14.98 32.94
C GLU C 66 -12.10 -15.44 34.38
N SER C 67 -11.55 -16.61 34.72
CA SER C 67 -11.46 -17.03 36.11
C SER C 67 -10.17 -17.82 36.32
N GLY C 68 -9.20 -17.21 37.00
CA GLY C 68 -7.90 -17.83 37.14
C GLY C 68 -7.36 -18.18 35.77
N THR C 69 -6.90 -19.41 35.59
CA THR C 69 -6.33 -19.82 34.31
C THR C 69 -7.37 -20.22 33.27
N GLN C 70 -8.65 -20.08 33.61
CA GLN C 70 -9.73 -20.45 32.69
C GLN C 70 -10.36 -19.25 32.00
N TYR C 71 -10.37 -19.29 30.67
CA TYR C 71 -10.86 -18.20 29.85
C TYR C 71 -11.99 -18.69 28.93
N SER C 72 -13.08 -17.93 28.87
CA SER C 72 -14.23 -18.29 28.03
C SER C 72 -14.59 -17.19 27.08
N LEU C 73 -14.84 -17.58 25.84
CA LEU C 73 -15.43 -16.69 24.85
C LEU C 73 -16.89 -17.08 24.71
N LYS C 74 -17.78 -16.09 24.73
CA LYS C 74 -19.21 -16.35 24.57
C LYS C 74 -19.82 -15.59 23.40
N ILE C 75 -20.72 -16.25 22.69
CA ILE C 75 -21.49 -15.58 21.66
C ILE C 75 -22.95 -15.82 21.96
N ASN C 76 -23.68 -14.79 22.36
CA ASN C 76 -25.10 -14.96 22.57
C ASN C 76 -25.86 -14.59 21.29
N SER C 77 -27.15 -14.91 21.21
CA SER C 77 -27.92 -14.59 20.03
CA SER C 77 -27.92 -14.58 20.02
C SER C 77 -27.17 -15.01 18.76
N LEU C 78 -26.66 -16.23 18.74
CA LEU C 78 -25.83 -16.70 17.63
C LEU C 78 -26.49 -16.41 16.29
N GLN C 79 -25.70 -15.90 15.34
CA GLN C 79 -26.19 -15.55 14.00
C GLN C 79 -25.66 -16.52 12.94
N PRO C 80 -26.39 -16.68 11.83
CA PRO C 80 -26.01 -17.63 10.77
C PRO C 80 -24.60 -17.40 10.24
N GLU C 81 -24.12 -16.17 10.33
CA GLU C 81 -22.82 -15.83 9.76
C GLU C 81 -21.68 -16.07 10.76
N ASP C 82 -22.00 -16.60 11.94
CA ASP C 82 -21.01 -16.76 13.00
C ASP C 82 -20.22 -18.08 12.93
N PHE C 83 -20.54 -18.94 11.97
CA PHE C 83 -19.75 -20.16 11.80
C PHE C 83 -18.31 -19.75 11.50
N GLY C 84 -17.35 -20.64 11.80
CA GLY C 84 -15.96 -20.34 11.55
C GLY C 84 -15.10 -21.06 12.58
N SER C 85 -13.79 -20.87 12.48
CA SER C 85 -12.88 -21.42 13.48
C SER C 85 -12.57 -20.32 14.46
N TYR C 86 -12.53 -20.66 15.74
CA TYR C 86 -12.23 -19.68 16.78
C TYR C 86 -11.00 -20.14 17.55
N TYR C 87 -10.13 -19.19 17.87
CA TYR C 87 -8.87 -19.50 18.51
C TYR C 87 -8.62 -18.51 19.65
N CYS C 88 -8.10 -19.01 20.76
CA CYS C 88 -7.56 -18.15 21.80
C CYS C 88 -6.05 -18.03 21.59
N GLN C 89 -5.44 -17.03 22.22
CA GLN C 89 -4.00 -16.82 22.15
C GLN C 89 -3.56 -15.99 23.34
N HIS C 90 -2.49 -16.40 24.03
CA HIS C 90 -1.96 -15.59 25.13
C HIS C 90 -0.86 -14.65 24.62
N PHE C 91 -0.62 -13.58 25.35
CA PHE C 91 0.36 -12.56 24.99
C PHE C 91 1.27 -12.30 26.19
N TRP C 92 1.59 -13.35 26.93
CA TRP C 92 2.37 -13.17 28.16
C TRP C 92 3.87 -13.39 27.92
N SER C 93 4.32 -14.64 28.01
CA SER C 93 5.74 -14.94 27.84
C SER C 93 6.02 -15.49 26.44
N THR C 94 7.28 -15.45 26.00
CA THR C 94 7.59 -16.07 24.71
C THR C 94 7.82 -17.57 24.90
N PRO C 95 7.27 -18.40 24.00
CA PRO C 95 6.54 -17.99 22.80
C PRO C 95 5.06 -17.73 23.11
N PHE C 96 4.45 -16.81 22.38
CA PHE C 96 3.00 -16.69 22.49
C PHE C 96 2.50 -17.99 21.87
N THR C 97 1.38 -18.49 22.37
CA THR C 97 0.83 -19.72 21.82
C THR C 97 -0.66 -19.56 21.58
N PHE C 98 -1.17 -20.32 20.62
CA PHE C 98 -2.59 -20.35 20.28
C PHE C 98 -3.22 -21.66 20.78
N GLY C 99 -4.51 -21.62 21.07
CA GLY C 99 -5.27 -22.83 21.31
C GLY C 99 -5.45 -23.57 19.99
N SER C 100 -5.81 -24.84 20.07
CA SER C 100 -5.89 -25.69 18.90
C SER C 100 -7.12 -25.40 18.05
N GLY C 101 -8.04 -24.61 18.59
CA GLY C 101 -9.15 -24.11 17.79
C GLY C 101 -10.48 -24.82 18.01
N THR C 102 -11.56 -24.08 17.79
CA THR C 102 -12.91 -24.63 17.84
C THR C 102 -13.61 -24.39 16.52
N LYS C 103 -14.08 -25.46 15.89
CA LYS C 103 -14.82 -25.37 14.63
C LYS C 103 -16.32 -25.26 14.95
N LEU C 104 -16.88 -24.06 14.82
CA LEU C 104 -18.29 -23.80 15.12
C LEU C 104 -19.15 -23.75 13.87
N GLU C 105 -20.23 -24.52 13.83
CA GLU C 105 -21.14 -24.44 12.69
C GLU C 105 -22.51 -24.05 13.17
N LEU C 106 -23.31 -23.50 12.25
CA LEU C 106 -24.71 -23.19 12.51
C LEU C 106 -25.56 -24.42 12.34
N LYS C 107 -26.43 -24.67 13.30
CA LYS C 107 -27.30 -25.83 13.20
C LYS C 107 -28.62 -25.36 12.56
N ARG C 108 -28.82 -25.75 11.29
CA ARG C 108 -30.00 -25.31 10.54
C ARG C 108 -31.28 -25.73 11.27
N GLY C 109 -32.32 -24.92 11.16
CA GLY C 109 -33.57 -25.17 11.87
C GLY C 109 -34.25 -26.46 11.45
N THR C 110 -34.18 -26.76 10.16
CA THR C 110 -34.74 -28.00 9.63
C THR C 110 -33.71 -28.72 8.77
N VAL C 111 -33.85 -30.04 8.72
CA VAL C 111 -32.92 -30.88 8.00
C VAL C 111 -33.12 -30.59 6.51
N ALA C 112 -32.03 -30.53 5.77
CA ALA C 112 -32.14 -30.35 4.33
C ALA C 112 -31.46 -31.51 3.61
N ALA C 113 -32.23 -32.26 2.84
CA ALA C 113 -31.68 -33.41 2.14
C ALA C 113 -30.91 -32.94 0.93
N PRO C 114 -29.81 -33.62 0.60
CA PRO C 114 -29.08 -33.21 -0.60
C PRO C 114 -29.82 -33.55 -1.88
N SER C 115 -29.76 -32.66 -2.86
CA SER C 115 -30.05 -33.05 -4.23
C SER C 115 -28.78 -33.67 -4.84
N VAL C 116 -28.94 -34.86 -5.42
CA VAL C 116 -27.78 -35.61 -5.89
C VAL C 116 -27.74 -35.65 -7.42
N PHE C 117 -26.55 -35.47 -7.97
CA PHE C 117 -26.30 -35.50 -9.40
C PHE C 117 -25.02 -36.27 -9.66
N ILE C 118 -25.05 -37.14 -10.67
CA ILE C 118 -23.83 -37.82 -11.12
C ILE C 118 -23.42 -37.35 -12.52
N PHE C 119 -22.12 -37.17 -12.73
CA PHE C 119 -21.59 -36.77 -14.03
C PHE C 119 -20.60 -37.83 -14.53
N PRO C 120 -20.84 -38.38 -15.73
CA PRO C 120 -19.91 -39.35 -16.34
C PRO C 120 -18.61 -38.71 -16.77
N PRO C 121 -17.59 -39.52 -17.05
CA PRO C 121 -16.35 -38.92 -17.57
C PRO C 121 -16.61 -38.23 -18.91
N SER C 122 -15.93 -37.13 -19.17
CA SER C 122 -16.13 -36.42 -20.42
C SER C 122 -15.43 -37.13 -21.58
N ASP C 123 -15.91 -36.90 -22.79
CA ASP C 123 -15.25 -37.45 -23.98
C ASP C 123 -13.80 -36.97 -24.06
N GLU C 124 -13.57 -35.72 -23.69
CA GLU C 124 -12.21 -35.20 -23.79
CA GLU C 124 -12.23 -35.14 -23.74
C GLU C 124 -11.26 -35.87 -22.80
N GLN C 125 -11.73 -36.15 -21.59
CA GLN C 125 -10.85 -36.83 -20.64
C GLN C 125 -10.57 -38.25 -21.07
N LEU C 126 -11.62 -38.92 -21.55
CA LEU C 126 -11.50 -40.31 -21.94
C LEU C 126 -10.42 -40.52 -23.01
N LYS C 127 -10.26 -39.54 -23.90
CA LYS C 127 -9.18 -39.61 -24.88
C LYS C 127 -7.82 -39.83 -24.22
N SER C 128 -7.68 -39.42 -22.96
CA SER C 128 -6.38 -39.42 -22.29
C SER C 128 -6.05 -40.66 -21.45
N GLY C 129 -6.98 -41.60 -21.34
CA GLY C 129 -6.70 -42.81 -20.60
C GLY C 129 -7.07 -42.76 -19.11
N THR C 130 -7.88 -41.78 -18.73
CA THR C 130 -8.35 -41.66 -17.36
C THR C 130 -9.84 -41.32 -17.36
N ALA C 131 -10.56 -41.84 -16.37
CA ALA C 131 -11.98 -41.55 -16.22
C ALA C 131 -12.26 -41.05 -14.82
N SER C 132 -12.71 -39.79 -14.72
CA SER C 132 -13.20 -39.26 -13.45
C SER C 132 -14.71 -39.20 -13.48
N VAL C 133 -15.35 -39.89 -12.52
CA VAL C 133 -16.79 -39.82 -12.33
C VAL C 133 -17.06 -38.91 -11.13
N VAL C 134 -18.01 -37.98 -11.26
CA VAL C 134 -18.25 -37.00 -10.20
C VAL C 134 -19.69 -37.03 -9.67
N CYS C 135 -19.82 -37.03 -8.34
CA CYS C 135 -21.12 -37.00 -7.69
C CYS C 135 -21.23 -35.71 -6.90
N LEU C 136 -22.31 -34.97 -7.13
CA LEU C 136 -22.56 -33.73 -6.41
C LEU C 136 -23.70 -33.92 -5.43
N LEU C 137 -23.47 -33.48 -4.20
CA LEU C 137 -24.53 -33.41 -3.18
C LEU C 137 -24.75 -31.94 -2.88
N ASN C 138 -25.93 -31.43 -3.23
CA ASN C 138 -26.17 -29.99 -3.17
C ASN C 138 -27.07 -29.50 -2.04
N ASN C 139 -26.57 -28.50 -1.30
CA ASN C 139 -27.36 -27.74 -0.35
C ASN C 139 -28.07 -28.59 0.68
N PHE C 140 -27.28 -29.26 1.52
CA PHE C 140 -27.83 -30.15 2.53
C PHE C 140 -27.36 -29.78 3.93
N TYR C 141 -28.13 -30.23 4.92
CA TYR C 141 -27.77 -30.08 6.32
C TYR C 141 -28.46 -31.20 7.08
N PRO C 142 -27.76 -31.87 8.01
CA PRO C 142 -26.42 -31.57 8.54
C PRO C 142 -25.29 -32.01 7.61
N ARG C 143 -24.07 -31.67 7.97
CA ARG C 143 -22.90 -31.88 7.13
C ARG C 143 -22.65 -33.36 6.81
N GLU C 144 -23.06 -34.22 7.72
CA GLU C 144 -22.70 -35.61 7.63
C GLU C 144 -23.55 -36.31 6.60
N ALA C 145 -22.95 -36.56 5.44
CA ALA C 145 -23.57 -37.35 4.40
C ALA C 145 -22.58 -38.43 4.00
N LYS C 146 -23.07 -39.64 3.76
CA LYS C 146 -22.20 -40.73 3.35
C LYS C 146 -22.33 -40.99 1.86
N VAL C 147 -21.21 -40.88 1.14
CA VAL C 147 -21.19 -41.12 -0.27
C VAL C 147 -20.49 -42.45 -0.52
N GLN C 148 -21.19 -43.38 -1.17
CA GLN C 148 -20.59 -44.66 -1.52
CA GLN C 148 -20.58 -44.66 -1.53
C GLN C 148 -20.60 -44.86 -3.04
N TRP C 149 -19.45 -45.15 -3.62
CA TRP C 149 -19.39 -45.40 -5.05
C TRP C 149 -19.56 -46.90 -5.30
N LYS C 150 -20.33 -47.26 -6.32
CA LYS C 150 -20.48 -48.66 -6.70
C LYS C 150 -20.20 -48.83 -8.18
N VAL C 151 -19.38 -49.82 -8.51
CA VAL C 151 -19.06 -50.15 -9.90
C VAL C 151 -19.48 -51.59 -10.13
N ASP C 152 -20.43 -51.79 -11.04
CA ASP C 152 -21.04 -53.11 -11.22
C ASP C 152 -21.42 -53.66 -9.85
N ASN C 153 -22.00 -52.77 -9.03
CA ASN C 153 -22.50 -53.10 -7.72
C ASN C 153 -21.46 -53.49 -6.66
N ALA C 154 -20.18 -53.26 -6.95
CA ALA C 154 -19.13 -53.51 -5.97
C ALA C 154 -18.78 -52.20 -5.30
N LEU C 155 -18.82 -52.20 -3.97
CA LEU C 155 -18.46 -51.02 -3.18
C LEU C 155 -16.99 -50.67 -3.40
N GLN C 156 -16.75 -49.43 -3.79
CA GLN C 156 -15.41 -48.95 -4.07
C GLN C 156 -14.73 -48.41 -2.82
N SER C 157 -13.41 -48.57 -2.74
CA SER C 157 -12.64 -47.90 -1.69
C SER C 157 -11.21 -47.65 -2.15
N GLY C 158 -10.66 -46.53 -1.70
CA GLY C 158 -9.29 -46.17 -1.99
C GLY C 158 -9.13 -45.31 -3.23
N ASN C 159 -10.18 -45.18 -4.03
CA ASN C 159 -10.09 -44.51 -5.33
C ASN C 159 -11.02 -43.30 -5.49
N SER C 160 -11.42 -42.69 -4.37
CA SER C 160 -12.28 -41.51 -4.42
C SER C 160 -11.77 -40.45 -3.43
N GLN C 161 -12.08 -39.19 -3.71
CA GLN C 161 -11.79 -38.09 -2.81
C GLN C 161 -12.98 -37.12 -2.83
N GLU C 162 -13.26 -36.50 -1.70
CA GLU C 162 -14.36 -35.55 -1.64
C GLU C 162 -13.91 -34.27 -0.98
N SER C 163 -14.63 -33.19 -1.26
CA SER C 163 -14.47 -31.99 -0.45
C SER C 163 -15.80 -31.26 -0.33
N VAL C 164 -15.86 -30.33 0.60
CA VAL C 164 -17.11 -29.68 0.97
C VAL C 164 -16.96 -28.17 0.97
N THR C 165 -18.04 -27.48 0.61
CA THR C 165 -18.03 -26.04 0.64
C THR C 165 -18.09 -25.53 2.08
N GLU C 166 -17.75 -24.27 2.23
CA GLU C 166 -18.01 -23.54 3.46
C GLU C 166 -19.52 -23.53 3.70
N GLN C 167 -19.93 -23.61 4.96
CA GLN C 167 -21.34 -23.51 5.27
C GLN C 167 -21.90 -22.23 4.66
N ASP C 168 -23.10 -22.33 4.08
CA ASP C 168 -23.76 -21.18 3.50
C ASP C 168 -24.15 -20.18 4.59
N SER C 169 -23.76 -18.93 4.39
CA SER C 169 -23.88 -17.89 5.41
C SER C 169 -25.35 -17.54 5.67
N LYS C 170 -26.23 -17.98 4.78
CA LYS C 170 -27.64 -17.63 4.83
C LYS C 170 -28.56 -18.80 5.22
N ASP C 171 -28.45 -19.93 4.52
CA ASP C 171 -29.35 -21.04 4.80
C ASP C 171 -28.66 -22.20 5.51
N SER C 172 -27.40 -22.00 5.87
CA SER C 172 -26.66 -22.92 6.72
C SER C 172 -26.50 -24.31 6.11
N THR C 173 -26.57 -24.39 4.79
CA THR C 173 -26.33 -25.66 4.12
C THR C 173 -24.91 -25.84 3.60
N TYR C 174 -24.61 -27.08 3.23
CA TYR C 174 -23.32 -27.47 2.66
C TYR C 174 -23.55 -28.05 1.27
N SER C 175 -22.53 -28.04 0.44
CA SER C 175 -22.54 -28.88 -0.75
C SER C 175 -21.26 -29.69 -0.76
N LEU C 176 -21.30 -30.86 -1.40
CA LEU C 176 -20.15 -31.75 -1.40
C LEU C 176 -19.93 -32.36 -2.77
N SER C 177 -18.65 -32.46 -3.14
CA SER C 177 -18.30 -33.11 -4.40
CA SER C 177 -18.27 -33.09 -4.40
C SER C 177 -17.43 -34.32 -4.13
N SER C 178 -17.74 -35.43 -4.79
CA SER C 178 -16.91 -36.62 -4.66
C SER C 178 -16.49 -37.07 -6.07
N THR C 179 -15.21 -37.38 -6.24
CA THR C 179 -14.69 -37.81 -7.54
C THR C 179 -14.15 -39.23 -7.45
N LEU C 180 -14.70 -40.12 -8.28
CA LEU C 180 -14.20 -41.48 -8.42
C LEU C 180 -13.26 -41.50 -9.62
N THR C 181 -12.02 -41.95 -9.42
CA THR C 181 -11.04 -41.99 -10.51
C THR C 181 -10.54 -43.38 -10.85
N LEU C 182 -10.70 -43.77 -12.12
CA LEU C 182 -10.22 -45.06 -12.60
C LEU C 182 -9.39 -44.86 -13.85
N SER C 183 -8.48 -45.79 -14.13
CA SER C 183 -7.83 -45.79 -15.42
C SER C 183 -8.94 -46.03 -16.44
N LYS C 184 -8.72 -45.59 -17.68
CA LYS C 184 -9.71 -45.84 -18.73
C LYS C 184 -9.88 -47.34 -18.98
N ALA C 185 -8.79 -48.10 -18.88
CA ALA C 185 -8.86 -49.55 -19.07
C ALA C 185 -9.74 -50.21 -18.01
N ASP C 186 -9.64 -49.74 -16.76
CA ASP C 186 -10.53 -50.21 -15.70
C ASP C 186 -11.99 -49.77 -15.93
N TYR C 187 -12.16 -48.52 -16.35
CA TYR C 187 -13.48 -47.96 -16.65
C TYR C 187 -14.20 -48.85 -17.66
N GLU C 188 -13.46 -49.33 -18.66
CA GLU C 188 -14.06 -50.10 -19.75
C GLU C 188 -14.26 -51.59 -19.40
N LYS C 189 -13.97 -51.96 -18.16
CA LYS C 189 -14.18 -53.31 -17.68
C LYS C 189 -15.57 -53.48 -17.13
N HIS C 190 -16.23 -52.35 -16.87
CA HIS C 190 -17.51 -52.35 -16.16
C HIS C 190 -18.60 -51.55 -16.86
N LYS C 191 -19.84 -51.73 -16.40
CA LYS C 191 -20.99 -51.12 -17.04
C LYS C 191 -21.67 -50.08 -16.15
N VAL C 192 -21.95 -50.46 -14.91
CA VAL C 192 -22.81 -49.66 -14.06
C VAL C 192 -22.00 -48.82 -13.11
N TYR C 193 -22.18 -47.50 -13.20
CA TYR C 193 -21.50 -46.55 -12.33
C TYR C 193 -22.52 -45.83 -11.48
N ALA C 194 -22.39 -45.98 -10.17
CA ALA C 194 -23.40 -45.45 -9.27
C ALA C 194 -22.82 -44.75 -8.07
N CYS C 195 -23.45 -43.64 -7.72
CA CYS C 195 -23.18 -42.91 -6.48
CA CYS C 195 -23.14 -43.01 -6.44
C CYS C 195 -24.35 -43.09 -5.52
N GLU C 196 -24.13 -43.67 -4.35
CA GLU C 196 -25.21 -43.89 -3.38
C GLU C 196 -25.02 -42.97 -2.19
N VAL C 197 -26.05 -42.21 -1.86
CA VAL C 197 -25.95 -41.19 -0.82
C VAL C 197 -26.88 -41.47 0.35
N THR C 198 -26.30 -41.51 1.56
CA THR C 198 -27.06 -41.67 2.80
C THR C 198 -26.99 -40.36 3.57
N HIS C 199 -28.14 -39.94 4.10
CA HIS C 199 -28.24 -38.66 4.81
C HIS C 199 -29.56 -38.60 5.61
N GLN C 200 -29.51 -37.89 6.72
CA GLN C 200 -30.65 -37.80 7.62
C GLN C 200 -31.92 -37.28 6.92
N GLY C 201 -31.75 -36.50 5.87
CA GLY C 201 -32.89 -35.94 5.16
C GLY C 201 -33.51 -36.90 4.13
N LEU C 202 -32.84 -38.02 3.89
CA LEU C 202 -33.31 -39.04 2.94
C LEU C 202 -33.84 -40.25 3.70
N SER C 203 -35.11 -40.59 3.47
CA SER C 203 -35.73 -41.73 4.16
C SER C 203 -34.96 -43.03 3.95
N SER C 204 -34.41 -43.21 2.74
CA SER C 204 -33.52 -44.32 2.46
C SER C 204 -32.51 -43.77 1.45
N PRO C 205 -31.39 -44.48 1.24
CA PRO C 205 -30.32 -43.91 0.42
C PRO C 205 -30.74 -43.65 -1.01
N VAL C 206 -30.26 -42.55 -1.57
CA VAL C 206 -30.54 -42.20 -2.95
C VAL C 206 -29.37 -42.62 -3.84
N THR C 207 -29.68 -43.28 -4.94
CA THR C 207 -28.67 -43.71 -5.92
C THR C 207 -28.83 -42.99 -7.25
N LYS C 208 -27.75 -42.37 -7.74
CA LYS C 208 -27.72 -41.83 -9.10
C LYS C 208 -26.72 -42.64 -9.90
N SER C 209 -27.08 -43.04 -11.11
CA SER C 209 -26.16 -43.87 -11.88
C SER C 209 -26.32 -43.73 -13.37
N PHE C 210 -25.36 -44.29 -14.10
CA PHE C 210 -25.46 -44.42 -15.54
C PHE C 210 -24.75 -45.70 -15.97
N ASN C 211 -25.02 -46.12 -17.20
CA ASN C 211 -24.34 -47.24 -17.85
C ASN C 211 -23.33 -46.70 -18.85
N ARG C 212 -22.07 -47.12 -18.73
CA ARG C 212 -21.05 -46.71 -19.66
C ARG C 212 -21.53 -47.11 -21.03
N GLY C 213 -21.59 -46.14 -21.94
CA GLY C 213 -22.06 -46.38 -23.29
C GLY C 213 -23.34 -45.63 -23.64
N GLU C 214 -24.14 -45.26 -22.65
CA GLU C 214 -25.41 -44.61 -22.96
C GLU C 214 -25.31 -43.09 -22.99
N CYS C 215 -24.18 -42.56 -22.57
CA CYS C 215 -23.96 -41.12 -22.54
C CYS C 215 -23.51 -40.55 -23.87
N PCA D 1 -6.95 3.78 6.69
CA PCA D 1 -6.94 2.47 7.33
CB PCA D 1 -7.96 1.53 6.69
CG PCA D 1 -8.41 2.21 5.41
CD PCA D 1 -7.84 3.58 5.54
OE PCA D 1 -8.11 4.46 4.73
C PCA D 1 -5.58 1.80 7.24
O PCA D 1 -4.84 1.99 6.27
N VAL D 2 -5.25 1.02 8.25
CA VAL D 2 -4.02 0.23 8.25
C VAL D 2 -4.10 -0.84 7.17
N GLN D 3 -3.02 -1.01 6.41
CA GLN D 3 -2.94 -2.09 5.44
C GLN D 3 -1.63 -2.85 5.56
N LEU D 4 -1.69 -4.16 5.35
CA LEU D 4 -0.51 -5.00 5.30
C LEU D 4 -0.62 -5.91 4.08
N GLN D 5 0.20 -5.63 3.08
CA GLN D 5 0.13 -6.35 1.81
CA GLN D 5 0.12 -6.37 1.82
C GLN D 5 1.17 -7.47 1.73
N GLN D 6 0.70 -8.70 1.56
CA GLN D 6 1.59 -9.84 1.34
C GLN D 6 1.28 -10.51 -0.01
N PRO D 7 2.30 -11.03 -0.70
CA PRO D 7 2.06 -11.79 -1.94
C PRO D 7 1.21 -13.03 -1.68
N GLY D 8 0.50 -13.50 -2.71
CA GLY D 8 -0.49 -14.54 -2.51
C GLY D 8 0.05 -15.94 -2.26
N ALA D 9 1.13 -16.29 -2.94
CA ALA D 9 1.63 -17.67 -2.95
C ALA D 9 3.04 -17.77 -3.52
N GLU D 10 3.82 -18.69 -2.97
CA GLU D 10 5.22 -18.88 -3.36
C GLU D 10 5.56 -20.36 -3.48
N LEU D 11 5.99 -20.78 -4.67
CA LEU D 11 6.48 -22.12 -4.86
C LEU D 11 8.00 -22.11 -4.78
N VAL D 12 8.56 -22.96 -3.92
CA VAL D 12 9.98 -22.90 -3.64
C VAL D 12 10.60 -24.29 -3.57
N GLN D 13 11.86 -24.38 -4.00
CA GLN D 13 12.58 -25.66 -4.03
C GLN D 13 13.06 -26.07 -2.65
N PRO D 14 12.89 -27.35 -2.32
CA PRO D 14 13.34 -27.86 -1.02
C PRO D 14 14.83 -27.60 -0.83
N GLY D 15 15.24 -27.45 0.42
CA GLY D 15 16.65 -27.27 0.74
C GLY D 15 17.11 -25.84 0.57
N THR D 16 16.31 -25.01 -0.07
CA THR D 16 16.68 -23.61 -0.26
C THR D 16 16.00 -22.69 0.76
N SER D 17 15.97 -21.40 0.44
CA SER D 17 15.34 -20.43 1.32
C SER D 17 14.51 -19.42 0.51
N VAL D 18 13.50 -18.85 1.17
CA VAL D 18 12.60 -17.88 0.53
C VAL D 18 12.42 -16.67 1.45
N ARG D 19 12.26 -15.49 0.86
CA ARG D 19 12.02 -14.30 1.68
C ARG D 19 10.64 -13.72 1.44
N LEU D 20 9.83 -13.71 2.49
CA LEU D 20 8.44 -13.27 2.38
C LEU D 20 8.32 -11.79 2.74
N SER D 21 7.49 -11.05 2.01
CA SER D 21 7.34 -9.62 2.28
C SER D 21 6.00 -9.24 2.89
N CYS D 22 5.99 -8.10 3.60
CA CYS D 22 4.79 -7.62 4.26
C CYS D 22 4.83 -6.10 4.26
N LYS D 23 4.22 -5.51 3.24
CA LYS D 23 4.27 -4.06 3.01
C LYS D 23 3.20 -3.30 3.81
N ALA D 24 3.66 -2.42 4.70
CA ALA D 24 2.74 -1.73 5.60
C ALA D 24 2.44 -0.31 5.17
N SER D 25 1.21 0.12 5.41
CA SER D 25 0.81 1.49 5.13
C SER D 25 -0.37 1.89 5.99
N GLY D 26 -0.58 3.19 6.10
CA GLY D 26 -1.75 3.72 6.75
C GLY D 26 -1.50 4.04 8.20
N TYR D 27 -0.23 4.06 8.59
CA TYR D 27 0.15 4.36 9.96
C TYR D 27 1.67 4.57 10.04
N ILE D 28 2.14 5.05 11.18
CA ILE D 28 3.57 5.24 11.39
C ILE D 28 4.25 3.89 11.62
N PHE D 29 5.02 3.46 10.63
CA PHE D 29 5.60 2.11 10.59
C PHE D 29 6.41 1.70 11.82
N THR D 30 7.19 2.63 12.36
CA THR D 30 8.14 2.33 13.42
C THR D 30 7.50 2.23 14.79
N THR D 31 6.21 2.50 14.87
CA THR D 31 5.54 2.58 16.16
C THR D 31 5.06 1.24 16.69
N TYR D 32 4.88 0.26 15.81
CA TYR D 32 4.20 -0.98 16.22
C TYR D 32 4.98 -2.24 15.89
N TRP D 33 5.13 -3.12 16.87
CA TRP D 33 5.76 -4.41 16.66
C TRP D 33 5.06 -5.17 15.56
N ILE D 34 5.84 -5.90 14.77
CA ILE D 34 5.27 -6.76 13.72
C ILE D 34 5.57 -8.21 14.06
N HIS D 35 4.58 -9.09 13.88
CA HIS D 35 4.73 -10.50 14.21
C HIS D 35 4.45 -11.37 12.99
N TRP D 36 5.02 -12.57 12.98
CA TRP D 36 4.76 -13.53 11.90
C TRP D 36 4.12 -14.79 12.46
N VAL D 37 3.14 -15.33 11.75
CA VAL D 37 2.40 -16.50 12.24
C VAL D 37 2.24 -17.56 11.14
N LYS D 38 2.45 -18.82 11.50
CA LYS D 38 2.40 -19.95 10.57
C LYS D 38 1.11 -20.75 10.72
N GLN D 39 0.56 -21.19 9.60
CA GLN D 39 -0.65 -22.02 9.62
C GLN D 39 -0.66 -23.04 8.49
N ARG D 40 -0.51 -24.31 8.83
CA ARG D 40 -0.56 -25.36 7.82
C ARG D 40 -1.98 -25.55 7.34
N PRO D 41 -2.13 -25.93 6.05
CA PRO D 41 -3.45 -26.15 5.45
C PRO D 41 -4.40 -26.87 6.42
N GLY D 42 -5.58 -26.29 6.63
CA GLY D 42 -6.58 -26.87 7.50
C GLY D 42 -6.12 -27.14 8.92
N GLN D 43 -5.09 -26.41 9.37
CA GLN D 43 -4.55 -26.60 10.71
C GLN D 43 -4.64 -25.36 11.60
N GLY D 44 -3.96 -25.42 12.76
CA GLY D 44 -3.98 -24.36 13.75
C GLY D 44 -2.89 -23.33 13.51
N LEU D 45 -2.58 -22.54 14.53
CA LEU D 45 -1.69 -21.40 14.39
C LEU D 45 -0.46 -21.49 15.29
N GLU D 46 0.69 -21.07 14.77
CA GLU D 46 1.95 -21.07 15.49
C GLU D 46 2.60 -19.70 15.40
N TRP D 47 3.01 -19.17 16.55
CA TRP D 47 3.67 -17.87 16.59
C TRP D 47 5.16 -18.06 16.29
N ILE D 48 5.66 -17.36 15.28
CA ILE D 48 7.07 -17.45 14.88
C ILE D 48 8.02 -16.51 15.63
N GLY D 49 7.65 -15.25 15.70
CA GLY D 49 8.48 -14.26 16.35
C GLY D 49 7.92 -12.88 16.11
N GLU D 50 8.59 -11.88 16.68
CA GLU D 50 8.14 -10.50 16.60
C GLU D 50 9.37 -9.63 16.34
N ILE D 51 9.19 -8.52 15.64
CA ILE D 51 10.27 -7.58 15.42
C ILE D 51 9.78 -6.16 15.64
N ASN D 52 10.61 -5.34 16.27
CA ASN D 52 10.29 -3.94 16.51
C ASN D 52 10.85 -3.15 15.34
N PRO D 53 9.99 -2.63 14.46
CA PRO D 53 10.53 -1.96 13.27
C PRO D 53 11.36 -0.73 13.62
N ASN D 54 11.20 -0.16 14.83
CA ASN D 54 11.98 1.02 15.18
C ASN D 54 13.47 0.76 15.37
N ASN D 55 13.82 -0.36 16.00
CA ASN D 55 15.23 -0.65 16.29
C ASN D 55 15.69 -2.03 15.79
N GLY D 56 14.84 -2.74 15.07
CA GLY D 56 15.22 -4.02 14.51
C GLY D 56 15.40 -5.12 15.53
N ARG D 57 15.00 -4.86 16.76
CA ARG D 57 15.09 -5.88 17.81
C ARG D 57 14.06 -6.97 17.58
N ILE D 58 14.45 -8.21 17.84
CA ILE D 58 13.59 -9.35 17.55
C ILE D 58 13.53 -10.31 18.72
N ASN D 59 12.39 -10.93 18.91
CA ASN D 59 12.25 -12.08 19.80
C ASN D 59 11.68 -13.26 19.03
N TYR D 60 12.41 -14.37 19.00
CA TYR D 60 11.95 -15.58 18.31
C TYR D 60 11.29 -16.59 19.22
N ASN D 61 10.37 -17.36 18.66
CA ASN D 61 10.02 -18.63 19.24
C ASN D 61 11.25 -19.53 19.02
N GLU D 62 11.66 -20.25 20.07
CA GLU D 62 12.83 -21.11 20.01
C GLU D 62 12.70 -22.18 18.93
N LYS D 63 11.47 -22.60 18.64
CA LYS D 63 11.22 -23.60 17.60
C LYS D 63 11.67 -23.11 16.24
N PHE D 64 11.65 -21.79 16.04
CA PHE D 64 11.94 -21.20 14.75
C PHE D 64 13.29 -20.47 14.69
N LYS D 65 14.07 -20.53 15.77
CA LYS D 65 15.38 -19.90 15.81
C LYS D 65 16.20 -20.15 14.54
N THR D 66 16.40 -21.42 14.19
CA THR D 66 17.26 -21.78 13.07
C THR D 66 16.54 -21.79 11.71
N LYS D 67 15.26 -21.43 11.69
CA LYS D 67 14.47 -21.50 10.46
C LYS D 67 14.16 -20.13 9.87
N ALA D 68 13.77 -19.19 10.72
CA ALA D 68 13.30 -17.88 10.26
C ALA D 68 14.21 -16.72 10.67
N THR D 69 14.28 -15.70 9.83
CA THR D 69 15.03 -14.49 10.14
C THR D 69 14.18 -13.26 9.82
N LEU D 70 13.95 -12.43 10.84
CA LEU D 70 13.13 -11.23 10.67
C LEU D 70 13.97 -9.98 10.41
N THR D 71 13.53 -9.15 9.46
CA THR D 71 14.16 -7.87 9.18
C THR D 71 13.09 -6.87 8.82
N VAL D 72 13.45 -5.59 8.81
CA VAL D 72 12.57 -4.58 8.24
C VAL D 72 13.34 -3.64 7.33
N ASP D 73 12.59 -2.94 6.48
CA ASP D 73 13.14 -1.84 5.71
C ASP D 73 12.33 -0.60 6.06
N LYS D 74 12.86 0.24 6.94
CA LYS D 74 12.17 1.44 7.38
C LYS D 74 11.80 2.33 6.21
N SER D 75 12.69 2.45 5.24
CA SER D 75 12.49 3.35 4.11
C SER D 75 11.32 2.91 3.23
N SER D 76 11.04 1.61 3.18
CA SER D 76 9.92 1.14 2.38
C SER D 76 8.73 0.67 3.22
N SER D 77 8.86 0.77 4.55
CA SER D 77 7.80 0.33 5.46
C SER D 77 7.39 -1.09 5.14
N THR D 78 8.40 -1.95 4.97
CA THR D 78 8.18 -3.34 4.64
C THR D 78 8.92 -4.22 5.65
N ALA D 79 8.19 -5.21 6.16
CA ALA D 79 8.79 -6.22 7.03
C ALA D 79 9.04 -7.46 6.20
N TYR D 80 10.10 -8.18 6.52
CA TYR D 80 10.46 -9.40 5.79
C TYR D 80 10.71 -10.57 6.71
N MET D 81 10.42 -11.77 6.22
CA MET D 81 10.78 -12.98 6.93
C MET D 81 11.45 -13.94 5.97
N GLN D 82 12.67 -14.35 6.31
CA GLN D 82 13.32 -15.37 5.52
C GLN D 82 13.20 -16.74 6.17
N LEU D 83 12.80 -17.72 5.38
CA LEU D 83 12.77 -19.10 5.84
C LEU D 83 13.86 -19.88 5.11
N SER D 84 14.69 -20.62 5.85
CA SER D 84 15.84 -21.30 5.27
CA SER D 84 15.84 -21.30 5.26
C SER D 84 15.74 -22.82 5.36
N SER D 85 16.63 -23.51 4.66
CA SER D 85 16.68 -24.97 4.68
C SER D 85 15.30 -25.55 4.47
N LEU D 86 14.57 -24.98 3.53
CA LEU D 86 13.17 -25.33 3.36
C LEU D 86 12.97 -26.82 3.24
N THR D 87 11.92 -27.30 3.90
CA THR D 87 11.51 -28.69 3.80
C THR D 87 10.00 -28.66 3.61
N SER D 88 9.42 -29.80 3.24
CA SER D 88 7.96 -29.85 3.08
C SER D 88 7.26 -29.53 4.41
N GLU D 89 8.04 -29.51 5.50
CA GLU D 89 7.50 -29.18 6.81
C GLU D 89 7.15 -27.70 6.86
N ASP D 90 7.80 -26.92 6.00
CA ASP D 90 7.65 -25.47 5.99
C ASP D 90 6.47 -25.03 5.13
N SER D 91 5.90 -25.97 4.37
CA SER D 91 4.75 -25.66 3.53
C SER D 91 3.59 -25.20 4.40
N ALA D 92 3.03 -24.03 4.08
CA ALA D 92 2.06 -23.40 4.96
C ALA D 92 1.72 -21.99 4.51
N VAL D 93 0.66 -21.43 5.09
CA VAL D 93 0.37 -20.01 4.95
C VAL D 93 1.11 -19.26 6.06
N TYR D 94 1.76 -18.17 5.68
CA TYR D 94 2.47 -17.33 6.64
C TYR D 94 1.82 -15.94 6.65
N TYR D 95 1.34 -15.52 7.81
CA TYR D 95 0.78 -14.18 7.96
C TYR D 95 1.76 -13.25 8.66
N CYS D 96 1.73 -11.98 8.27
CA CYS D 96 2.32 -10.94 9.11
C CYS D 96 1.17 -10.22 9.80
N THR D 97 1.43 -9.75 11.02
CA THR D 97 0.41 -9.05 11.78
CA THR D 97 0.41 -9.06 11.80
C THR D 97 1.05 -7.89 12.53
N ARG D 98 0.23 -6.93 12.94
CA ARG D 98 0.74 -5.77 13.65
C ARG D 98 -0.03 -5.62 14.95
N VAL D 99 0.66 -5.21 16.02
CA VAL D 99 0.00 -5.04 17.32
C VAL D 99 -0.83 -3.78 17.41
N GLY D 100 -1.78 -3.76 18.33
CA GLY D 100 -2.64 -2.60 18.47
C GLY D 100 -2.00 -1.58 19.39
N VAL D 101 -2.74 -0.52 19.69
CA VAL D 101 -2.35 0.42 20.72
C VAL D 101 -2.20 -0.31 22.06
N MET D 102 -3.14 -1.18 22.38
CA MET D 102 -2.91 -2.16 23.45
C MET D 102 -1.99 -3.22 22.83
N ILE D 103 -0.79 -3.39 23.38
CA ILE D 103 0.24 -4.14 22.66
C ILE D 103 -0.06 -5.63 22.56
N THR D 104 -0.94 -6.11 23.44
CA THR D 104 -1.24 -7.53 23.51
C THR D 104 -2.45 -7.89 22.63
N THR D 105 -2.39 -7.45 21.38
CA THR D 105 -3.45 -7.70 20.41
C THR D 105 -2.86 -7.76 19.01
N PHE D 106 -3.45 -8.59 18.16
CA PHE D 106 -3.21 -8.56 16.72
C PHE D 106 -4.47 -8.08 15.98
N PRO D 107 -4.73 -6.76 15.94
CA PRO D 107 -5.92 -6.24 15.24
C PRO D 107 -5.81 -6.31 13.71
N TYR D 108 -4.59 -6.27 13.19
CA TYR D 108 -4.35 -6.11 11.75
C TYR D 108 -3.48 -7.24 11.21
N TRP D 109 -3.93 -7.84 10.11
CA TRP D 109 -3.30 -9.04 9.53
C TRP D 109 -3.14 -8.87 8.03
N GLY D 110 -2.03 -9.36 7.48
CA GLY D 110 -1.90 -9.44 6.03
C GLY D 110 -2.75 -10.61 5.59
N GLN D 111 -2.94 -10.83 4.29
CA GLN D 111 -3.80 -11.94 3.89
C GLN D 111 -3.06 -13.27 3.87
N GLY D 112 -1.76 -13.24 4.16
CA GLY D 112 -0.96 -14.44 4.23
C GLY D 112 -0.40 -14.81 2.86
N THR D 113 0.77 -15.44 2.85
CA THR D 113 1.37 -15.98 1.63
C THR D 113 1.43 -17.50 1.74
N LEU D 114 0.81 -18.22 0.80
CA LEU D 114 0.92 -19.67 0.80
C LEU D 114 2.28 -20.10 0.22
N VAL D 115 3.10 -20.77 1.03
CA VAL D 115 4.39 -21.27 0.58
C VAL D 115 4.31 -22.77 0.39
N THR D 116 4.61 -23.21 -0.83
CA THR D 116 4.62 -24.63 -1.16
C THR D 116 6.05 -25.07 -1.44
N VAL D 117 6.59 -25.96 -0.59
CA VAL D 117 7.96 -26.43 -0.71
C VAL D 117 7.96 -27.79 -1.42
N SER D 118 8.45 -27.79 -2.64
CA SER D 118 8.47 -29.01 -3.46
C SER D 118 9.43 -28.86 -4.64
N ALA D 119 9.91 -30.00 -5.13
CA ALA D 119 10.83 -30.05 -6.27
C ALA D 119 10.04 -30.27 -7.55
N ALA D 120 8.75 -30.55 -7.40
CA ALA D 120 7.90 -30.82 -8.55
C ALA D 120 7.79 -29.60 -9.47
N SER D 121 7.63 -29.84 -10.77
CA SER D 121 7.46 -28.73 -11.70
C SER D 121 6.01 -28.24 -11.74
N THR D 122 5.81 -26.98 -12.14
CA THR D 122 4.47 -26.47 -12.29
C THR D 122 3.80 -27.13 -13.46
N LYS D 123 2.50 -27.29 -13.36
CA LYS D 123 1.72 -27.94 -14.41
C LYS D 123 0.35 -27.30 -14.46
N GLY D 124 -0.07 -26.88 -15.65
CA GLY D 124 -1.41 -26.34 -15.83
C GLY D 124 -2.46 -27.46 -15.80
N PRO D 125 -3.71 -27.12 -15.46
CA PRO D 125 -4.78 -28.12 -15.34
C PRO D 125 -5.44 -28.41 -16.68
N SER D 126 -6.08 -29.56 -16.78
CA SER D 126 -7.02 -29.83 -17.85
C SER D 126 -8.41 -29.52 -17.32
N VAL D 127 -9.22 -28.83 -18.13
CA VAL D 127 -10.56 -28.47 -17.74
C VAL D 127 -11.55 -29.33 -18.52
N PHE D 128 -12.28 -30.17 -17.80
CA PHE D 128 -13.25 -31.10 -18.40
C PHE D 128 -14.68 -30.68 -18.06
N PRO D 129 -15.60 -30.83 -19.01
CA PRO D 129 -16.99 -30.45 -18.75
C PRO D 129 -17.66 -31.46 -17.82
N LEU D 130 -18.50 -30.97 -16.91
CA LEU D 130 -19.37 -31.83 -16.12
C LEU D 130 -20.80 -31.66 -16.60
N ALA D 131 -21.38 -32.74 -17.11
CA ALA D 131 -22.72 -32.69 -17.65
C ALA D 131 -23.37 -34.04 -17.44
N PRO D 132 -24.70 -34.05 -17.27
CA PRO D 132 -25.40 -35.29 -16.95
C PRO D 132 -25.37 -36.24 -18.13
N CYS D 133 -25.51 -37.52 -17.86
CA CYS D 133 -25.44 -38.54 -18.91
C CYS D 133 -26.54 -38.29 -19.94
N SER D 134 -27.77 -38.10 -19.46
CA SER D 134 -28.91 -37.86 -20.33
C SER D 134 -29.36 -36.41 -20.27
N THR D 137 -33.86 -35.70 -18.87
CA THR D 137 -34.36 -35.66 -17.51
C THR D 137 -35.63 -34.81 -17.42
N SER D 138 -36.50 -35.16 -16.47
CA SER D 138 -37.71 -34.38 -16.23
C SER D 138 -37.74 -33.89 -14.78
N GLU D 139 -36.58 -33.43 -14.31
CA GLU D 139 -36.47 -32.90 -12.95
C GLU D 139 -36.58 -31.38 -12.95
N SER D 140 -36.69 -30.79 -11.75
CA SER D 140 -36.87 -29.36 -11.61
C SER D 140 -35.55 -28.58 -11.64
N THR D 141 -34.45 -29.28 -11.39
CA THR D 141 -33.14 -28.63 -11.26
C THR D 141 -32.05 -29.31 -12.09
N ALA D 142 -31.23 -28.50 -12.76
CA ALA D 142 -30.13 -28.99 -13.58
C ALA D 142 -28.80 -28.59 -12.97
N ALA D 143 -27.82 -29.49 -13.06
CA ALA D 143 -26.45 -29.20 -12.62
C ALA D 143 -25.50 -29.35 -13.80
N LEU D 144 -24.50 -28.48 -13.84
CA LEU D 144 -23.39 -28.62 -14.76
C LEU D 144 -22.18 -28.03 -14.08
N GLY D 145 -20.99 -28.31 -14.59
CA GLY D 145 -19.81 -27.76 -13.97
C GLY D 145 -18.56 -28.02 -14.76
N CYS D 146 -17.42 -27.76 -14.12
CA CYS D 146 -16.13 -28.02 -14.74
C CYS D 146 -15.22 -28.72 -13.75
N LEU D 147 -14.53 -29.74 -14.23
CA LEU D 147 -13.52 -30.40 -13.43
C LEU D 147 -12.15 -29.88 -13.84
N VAL D 148 -11.44 -29.32 -12.88
CA VAL D 148 -10.16 -28.66 -13.12
C VAL D 148 -9.10 -29.59 -12.56
N LYS D 149 -8.54 -30.43 -13.43
CA LYS D 149 -7.80 -31.58 -12.94
C LYS D 149 -6.29 -31.53 -13.18
N ASP D 150 -5.54 -32.03 -12.20
CA ASP D 150 -4.15 -32.38 -12.39
C ASP D 150 -3.25 -31.14 -12.56
N TYR D 151 -3.34 -30.20 -11.63
CA TYR D 151 -2.50 -29.00 -11.69
C TYR D 151 -1.57 -28.86 -10.47
N PHE D 152 -0.59 -27.97 -10.58
CA PHE D 152 0.33 -27.72 -9.48
C PHE D 152 1.14 -26.47 -9.78
N PRO D 153 1.39 -25.63 -8.76
CA PRO D 153 0.84 -25.73 -7.40
C PRO D 153 -0.49 -24.99 -7.30
N GLU D 154 -1.07 -24.95 -6.11
CA GLU D 154 -2.16 -24.03 -5.84
C GLU D 154 -1.66 -22.61 -6.13
N PRO D 155 -2.58 -21.67 -6.36
CA PRO D 155 -4.03 -21.90 -6.38
C PRO D 155 -4.59 -21.74 -7.80
N VAL D 156 -5.85 -22.12 -7.99
CA VAL D 156 -6.55 -21.83 -9.23
CA VAL D 156 -6.56 -21.83 -9.24
C VAL D 156 -7.75 -20.95 -8.92
N THR D 157 -8.18 -20.17 -9.91
CA THR D 157 -9.41 -19.41 -9.73
C THR D 157 -10.44 -19.84 -10.79
N VAL D 158 -11.70 -19.89 -10.39
CA VAL D 158 -12.76 -20.23 -11.33
C VAL D 158 -13.93 -19.28 -11.20
N SER D 159 -14.40 -18.80 -12.34
CA SER D 159 -15.63 -18.01 -12.38
C SER D 159 -16.51 -18.54 -13.50
N TRP D 160 -17.77 -18.11 -13.50
CA TRP D 160 -18.69 -18.48 -14.57
C TRP D 160 -19.19 -17.25 -15.30
N ASN D 161 -19.18 -17.32 -16.63
CA ASN D 161 -19.61 -16.20 -17.47
C ASN D 161 -18.90 -14.90 -17.10
N SER D 162 -17.56 -14.97 -17.08
CA SER D 162 -16.70 -13.82 -16.86
C SER D 162 -17.04 -13.04 -15.60
N GLY D 163 -17.66 -13.72 -14.64
CA GLY D 163 -18.00 -13.10 -13.36
C GLY D 163 -19.46 -12.71 -13.22
N ALA D 164 -20.16 -12.63 -14.35
CA ALA D 164 -21.57 -12.25 -14.32
C ALA D 164 -22.44 -13.24 -13.53
N LEU D 165 -22.07 -14.51 -13.54
CA LEU D 165 -22.89 -15.55 -12.88
C LEU D 165 -22.30 -15.96 -11.53
N THR D 166 -23.08 -15.82 -10.47
CA THR D 166 -22.60 -16.13 -9.12
C THR D 166 -23.61 -16.94 -8.31
N SER D 167 -24.88 -16.70 -8.56
CA SER D 167 -25.93 -17.42 -7.85
C SER D 167 -25.96 -18.88 -8.27
N GLY D 168 -26.01 -19.80 -7.30
CA GLY D 168 -26.07 -21.21 -7.60
C GLY D 168 -24.72 -21.83 -7.90
N VAL D 169 -23.67 -21.03 -7.78
CA VAL D 169 -22.33 -21.53 -8.06
C VAL D 169 -21.67 -22.06 -6.79
N HIS D 170 -21.13 -23.27 -6.88
CA HIS D 170 -20.32 -23.82 -5.82
C HIS D 170 -18.97 -24.25 -6.38
N THR D 171 -17.91 -23.62 -5.91
CA THR D 171 -16.56 -24.00 -6.30
C THR D 171 -15.92 -24.62 -5.08
N PHE D 172 -15.51 -25.87 -5.20
CA PHE D 172 -15.07 -26.66 -4.05
C PHE D 172 -13.59 -26.49 -3.77
N PRO D 173 -13.19 -26.74 -2.51
CA PRO D 173 -11.77 -26.78 -2.17
C PRO D 173 -11.09 -27.84 -3.03
N ALA D 174 -9.87 -27.56 -3.47
CA ALA D 174 -9.12 -28.56 -4.22
C ALA D 174 -8.80 -29.71 -3.30
N VAL D 175 -8.64 -30.90 -3.87
CA VAL D 175 -8.07 -32.02 -3.13
C VAL D 175 -6.70 -32.30 -3.71
N LEU D 176 -5.79 -32.77 -2.87
CA LEU D 176 -4.45 -33.12 -3.30
C LEU D 176 -4.42 -34.62 -3.56
N GLN D 177 -4.16 -34.99 -4.80
CA GLN D 177 -4.21 -36.39 -5.20
C GLN D 177 -2.92 -37.11 -4.83
N SER D 178 -2.96 -38.45 -4.86
CA SER D 178 -1.79 -39.25 -4.48
C SER D 178 -0.67 -39.04 -5.49
N SER D 179 -1.04 -38.47 -6.63
CA SER D 179 -0.11 -38.12 -7.69
C SER D 179 0.74 -36.92 -7.32
N GLY D 180 0.32 -36.16 -6.32
CA GLY D 180 0.98 -34.91 -5.98
C GLY D 180 0.41 -33.73 -6.75
N LEU D 181 -0.60 -34.00 -7.57
CA LEU D 181 -1.30 -32.95 -8.32
C LEU D 181 -2.67 -32.63 -7.72
N TYR D 182 -3.06 -31.36 -7.82
CA TYR D 182 -4.37 -30.92 -7.32
C TYR D 182 -5.50 -31.15 -8.31
N SER D 183 -6.69 -31.36 -7.77
CA SER D 183 -7.88 -31.36 -8.60
C SER D 183 -9.03 -30.68 -7.87
N LEU D 184 -9.82 -29.90 -8.59
CA LEU D 184 -11.02 -29.36 -7.99
C LEU D 184 -12.16 -29.27 -8.98
N SER D 185 -13.36 -29.18 -8.45
CA SER D 185 -14.53 -29.01 -9.29
C SER D 185 -15.26 -27.73 -8.94
N SER D 186 -15.95 -27.20 -9.93
CA SER D 186 -16.81 -26.04 -9.73
C SER D 186 -18.10 -26.35 -10.47
N VAL D 187 -19.24 -26.16 -9.81
CA VAL D 187 -20.52 -26.50 -10.43
C VAL D 187 -21.51 -25.36 -10.26
N VAL D 188 -22.56 -25.39 -11.07
CA VAL D 188 -23.66 -24.47 -10.88
C VAL D 188 -24.96 -25.25 -11.01
N THR D 189 -25.95 -24.94 -10.19
CA THR D 189 -27.23 -25.58 -10.38
C THR D 189 -28.27 -24.52 -10.63
N VAL D 190 -29.15 -24.80 -11.58
CA VAL D 190 -30.13 -23.82 -12.03
C VAL D 190 -31.48 -24.52 -12.25
N PRO D 191 -32.59 -23.76 -12.18
CA PRO D 191 -33.84 -24.37 -12.64
C PRO D 191 -33.66 -24.91 -14.06
N SER D 192 -34.20 -26.10 -14.33
CA SER D 192 -34.05 -26.73 -15.63
C SER D 192 -34.40 -25.82 -16.80
N SER D 193 -35.31 -24.89 -16.57
CA SER D 193 -35.74 -24.00 -17.65
C SER D 193 -34.66 -23.00 -18.06
N SER D 194 -33.69 -22.76 -17.20
CA SER D 194 -32.60 -21.85 -17.53
C SER D 194 -31.73 -22.43 -18.64
N LEU D 195 -31.84 -23.73 -18.88
CA LEU D 195 -31.04 -24.38 -19.91
C LEU D 195 -31.54 -23.97 -21.30
N GLY D 196 -32.76 -23.45 -21.34
CA GLY D 196 -33.34 -22.97 -22.59
C GLY D 196 -32.99 -21.53 -22.92
N THR D 197 -32.46 -20.78 -21.95
CA THR D 197 -32.29 -19.34 -22.11
C THR D 197 -30.87 -18.83 -21.85
N LYS D 198 -30.07 -19.62 -21.15
CA LYS D 198 -28.73 -19.17 -20.78
C LYS D 198 -27.63 -20.12 -21.22
N THR D 199 -26.46 -19.54 -21.47
CA THR D 199 -25.26 -20.29 -21.82
C THR D 199 -24.30 -20.26 -20.64
N TYR D 200 -23.54 -21.34 -20.47
CA TYR D 200 -22.69 -21.49 -19.30
C TYR D 200 -21.25 -21.83 -19.64
N THR D 201 -20.35 -20.92 -19.25
CA THR D 201 -18.94 -21.05 -19.52
C THR D 201 -18.14 -20.87 -18.22
N CYS D 202 -17.27 -21.82 -17.92
CA CYS D 202 -16.42 -21.65 -16.74
C CYS D 202 -15.08 -21.05 -17.19
N ASN D 203 -14.57 -20.12 -16.40
CA ASN D 203 -13.29 -19.48 -16.73
C ASN D 203 -12.26 -19.85 -15.69
N VAL D 204 -11.26 -20.63 -16.10
CA VAL D 204 -10.28 -21.18 -15.19
C VAL D 204 -8.95 -20.44 -15.31
N ASP D 205 -8.47 -19.90 -14.20
CA ASP D 205 -7.16 -19.25 -14.21
C ASP D 205 -6.17 -19.93 -13.25
N HIS D 206 -5.05 -20.36 -13.82
CA HIS D 206 -3.94 -20.93 -13.05
C HIS D 206 -2.69 -20.10 -13.31
N LYS D 207 -2.49 -19.05 -12.51
CA LYS D 207 -1.38 -18.12 -12.72
C LYS D 207 0.02 -18.76 -12.70
N PRO D 208 0.26 -19.70 -11.78
CA PRO D 208 1.58 -20.34 -11.74
C PRO D 208 2.05 -20.94 -13.06
N SER D 209 1.12 -21.31 -13.95
CA SER D 209 1.51 -21.87 -15.23
C SER D 209 1.01 -21.02 -16.41
N ASN D 210 0.62 -19.78 -16.11
CA ASN D 210 0.08 -18.88 -17.14
C ASN D 210 -1.00 -19.53 -18.02
N THR D 211 -1.78 -20.44 -17.45
CA THR D 211 -2.89 -21.00 -18.21
C THR D 211 -4.19 -20.25 -17.90
N LYS D 212 -4.92 -19.90 -18.96
CA LYS D 212 -6.23 -19.29 -18.85
C LYS D 212 -7.17 -20.05 -19.77
N VAL D 213 -8.11 -20.78 -19.19
CA VAL D 213 -9.02 -21.60 -20.00
C VAL D 213 -10.47 -21.18 -19.82
N ASP D 214 -11.19 -21.06 -20.94
CA ASP D 214 -12.63 -20.88 -20.93
C ASP D 214 -13.29 -22.12 -21.51
N LYS D 215 -14.07 -22.82 -20.71
CA LYS D 215 -14.73 -24.03 -21.22
C LYS D 215 -16.23 -23.82 -21.22
N ARG D 216 -16.82 -23.77 -22.41
CA ARG D 216 -18.27 -23.69 -22.49
C ARG D 216 -18.85 -25.06 -22.21
N VAL D 217 -19.76 -25.14 -21.24
CA VAL D 217 -20.31 -26.42 -20.82
C VAL D 217 -21.72 -26.64 -21.37
N HIS D 218 -22.45 -25.55 -21.55
CA HIS D 218 -23.80 -25.61 -22.07
C HIS D 218 -24.18 -24.34 -22.83
N HIS D 219 -24.75 -24.52 -24.02
CA HIS D 219 -25.23 -23.41 -24.83
C HIS D 219 -26.71 -23.58 -25.10
N HIS D 220 -27.52 -22.60 -24.72
CA HIS D 220 -28.97 -22.78 -24.80
C HIS D 220 -29.45 -22.99 -26.24
N HIS D 221 -28.73 -22.42 -27.20
CA HIS D 221 -29.09 -22.63 -28.60
C HIS D 221 -29.03 -24.11 -28.96
N HIS D 222 -28.30 -24.89 -28.18
CA HIS D 222 -28.18 -26.33 -28.44
C HIS D 222 -29.16 -27.16 -27.62
N HIS D 223 -29.95 -26.51 -26.79
CA HIS D 223 -30.85 -27.22 -25.89
C HIS D 223 -32.24 -27.48 -26.48
N ASP E 1 -3.10 21.95 -28.46
CA ASP E 1 -2.76 22.21 -27.07
C ASP E 1 -3.98 22.22 -26.17
N ILE E 2 -4.17 21.15 -25.41
CA ILE E 2 -5.19 21.12 -24.37
C ILE E 2 -4.53 21.42 -23.04
N GLN E 3 -5.12 22.35 -22.28
CA GLN E 3 -4.53 22.75 -21.02
C GLN E 3 -5.46 22.36 -19.89
N MET E 4 -4.89 22.07 -18.73
CA MET E 4 -5.68 21.69 -17.58
C MET E 4 -5.66 22.85 -16.61
N THR E 5 -6.84 23.32 -16.19
CA THR E 5 -6.93 24.39 -15.19
C THR E 5 -7.31 23.78 -13.86
N GLN E 6 -6.36 23.73 -12.95
CA GLN E 6 -6.55 23.06 -11.67
C GLN E 6 -6.88 24.05 -10.57
N SER E 7 -7.76 23.65 -9.65
CA SER E 7 -8.00 24.46 -8.46
C SER E 7 -8.39 23.58 -7.27
N PRO E 8 -8.15 24.07 -6.05
CA PRO E 8 -7.53 25.38 -5.76
C PRO E 8 -6.00 25.27 -5.73
N ALA E 9 -5.29 26.40 -5.78
CA ALA E 9 -3.83 26.35 -5.73
C ALA E 9 -3.34 25.78 -4.41
N SER E 10 -4.09 26.04 -3.34
CA SER E 10 -3.65 25.58 -2.04
C SER E 10 -4.84 25.23 -1.17
N LEU E 11 -4.65 24.25 -0.29
CA LEU E 11 -5.73 23.76 0.54
C LEU E 11 -5.21 23.41 1.93
N SER E 12 -5.93 23.85 2.96
CA SER E 12 -5.69 23.47 4.35
C SER E 12 -6.84 22.61 4.85
N ALA E 13 -6.53 21.40 5.31
CA ALA E 13 -7.55 20.54 5.90
C ALA E 13 -6.96 19.73 7.02
N SER E 14 -7.80 19.30 7.95
CA SER E 14 -7.32 18.47 9.05
C SER E 14 -7.58 17.00 8.79
N VAL E 15 -6.90 16.14 9.53
CA VAL E 15 -7.09 14.71 9.40
C VAL E 15 -8.54 14.41 9.70
N GLY E 16 -9.16 13.58 8.86
CA GLY E 16 -10.54 13.21 9.05
C GLY E 16 -11.45 13.97 8.11
N GLU E 17 -11.04 15.16 7.68
CA GLU E 17 -11.88 15.92 6.77
C GLU E 17 -11.88 15.34 5.35
N THR E 18 -12.84 15.79 4.56
CA THR E 18 -12.94 15.40 3.16
C THR E 18 -12.54 16.59 2.30
N VAL E 19 -11.79 16.34 1.22
CA VAL E 19 -11.41 17.40 0.29
C VAL E 19 -11.64 16.99 -1.16
N THR E 20 -11.89 17.99 -1.99
CA THR E 20 -12.05 17.81 -3.42
C THR E 20 -11.14 18.78 -4.15
N ILE E 21 -10.40 18.25 -5.12
CA ILE E 21 -9.56 19.04 -6.00
C ILE E 21 -10.09 18.83 -7.41
N THR E 22 -10.13 19.89 -8.20
CA THR E 22 -10.75 19.83 -9.50
C THR E 22 -9.80 20.23 -10.64
N CYS E 23 -10.05 19.61 -11.79
CA CYS E 23 -9.34 20.01 -13.00
C CYS E 23 -10.35 20.18 -14.10
N ARG E 24 -10.21 21.29 -14.81
CA ARG E 24 -11.05 21.56 -15.96
C ARG E 24 -10.16 21.44 -17.18
N ALA E 25 -10.54 20.57 -18.10
CA ALA E 25 -9.84 20.45 -19.36
C ALA E 25 -10.39 21.50 -20.31
N SER E 26 -9.52 22.09 -21.12
CA SER E 26 -9.92 23.13 -22.06
C SER E 26 -10.64 22.55 -23.27
N GLY E 27 -10.49 21.24 -23.46
CA GLY E 27 -11.13 20.55 -24.58
C GLY E 27 -11.51 19.15 -24.19
N ASN E 28 -12.25 18.45 -25.05
CA ASN E 28 -12.62 17.07 -24.78
C ASN E 28 -11.36 16.22 -24.64
N ILE E 29 -11.16 15.61 -23.48
CA ILE E 29 -10.05 14.65 -23.34
C ILE E 29 -10.58 13.25 -23.08
N HIS E 30 -11.87 13.07 -23.30
CA HIS E 30 -12.50 11.78 -23.07
C HIS E 30 -12.18 11.35 -21.64
N ASN E 31 -11.86 10.09 -21.40
CA ASN E 31 -11.58 9.72 -20.01
C ASN E 31 -10.09 9.71 -19.68
N TYR E 32 -9.26 10.25 -20.57
CA TYR E 32 -7.81 10.14 -20.39
C TYR E 32 -7.28 11.17 -19.39
N LEU E 33 -7.51 10.94 -18.11
CA LEU E 33 -7.12 11.89 -17.08
C LEU E 33 -6.56 11.11 -15.89
N ALA E 34 -5.38 11.50 -15.43
CA ALA E 34 -4.73 10.86 -14.30
C ALA E 34 -4.49 11.87 -13.19
N TRP E 35 -4.49 11.39 -11.94
CA TRP E 35 -4.11 12.20 -10.79
C TRP E 35 -2.85 11.63 -10.15
N TYR E 36 -1.95 12.50 -9.68
CA TYR E 36 -0.75 12.12 -8.96
C TYR E 36 -0.65 12.85 -7.63
N GLN E 37 0.05 12.24 -6.69
CA GLN E 37 0.39 12.87 -5.44
C GLN E 37 1.89 13.01 -5.49
N GLN E 38 2.42 14.09 -4.94
CA GLN E 38 3.87 14.25 -4.88
C GLN E 38 4.27 14.82 -3.52
N LYS E 39 5.15 14.11 -2.81
CA LYS E 39 5.69 14.63 -1.55
C LYS E 39 7.00 15.37 -1.81
N GLN E 40 7.32 16.34 -0.96
CA GLN E 40 8.51 17.16 -1.16
C GLN E 40 9.75 16.30 -1.31
N GLY E 41 10.50 16.55 -2.38
CA GLY E 41 11.72 15.81 -2.64
C GLY E 41 11.51 14.43 -3.22
N LYS E 42 10.26 14.11 -3.59
CA LYS E 42 9.95 12.79 -4.17
C LYS E 42 9.36 12.85 -5.58
N SER E 43 9.36 11.72 -6.27
CA SER E 43 8.70 11.60 -7.57
C SER E 43 7.21 11.56 -7.38
N PRO E 44 6.45 12.03 -8.39
CA PRO E 44 5.00 11.86 -8.35
C PRO E 44 4.64 10.39 -8.29
N GLN E 45 3.53 10.08 -7.66
CA GLN E 45 3.02 8.72 -7.55
C GLN E 45 1.62 8.69 -8.15
N LEU E 46 1.35 7.71 -9.02
CA LEU E 46 0.05 7.59 -9.66
C LEU E 46 -1.04 7.24 -8.63
N LEU E 47 -2.15 7.98 -8.65
CA LEU E 47 -3.28 7.68 -7.77
C LEU E 47 -4.48 7.12 -8.53
N VAL E 48 -4.85 7.79 -9.63
CA VAL E 48 -6.05 7.41 -10.36
C VAL E 48 -5.79 7.62 -11.85
N TYR E 49 -6.42 6.80 -12.68
CA TYR E 49 -6.28 6.97 -14.12
C TYR E 49 -7.61 6.68 -14.83
N ASN E 50 -7.67 6.95 -16.13
CA ASN E 50 -8.93 6.90 -16.86
C ASN E 50 -10.02 7.66 -16.08
N ALA E 51 -9.62 8.71 -15.37
CA ALA E 51 -10.54 9.58 -14.63
C ALA E 51 -11.06 9.02 -13.30
N LYS E 52 -11.37 7.72 -13.25
CA LYS E 52 -12.08 7.15 -12.11
C LYS E 52 -11.47 5.87 -11.54
N THR E 53 -10.42 5.36 -12.16
CA THR E 53 -9.88 4.07 -11.74
C THR E 53 -8.71 4.20 -10.79
N LEU E 54 -8.82 3.56 -9.63
CA LEU E 54 -7.75 3.59 -8.62
C LEU E 54 -6.56 2.79 -9.09
N ALA E 55 -5.36 3.34 -8.96
CA ALA E 55 -4.16 2.59 -9.31
C ALA E 55 -3.93 1.51 -8.26
N ASP E 56 -3.17 0.48 -8.62
CA ASP E 56 -2.91 -0.64 -7.71
C ASP E 56 -2.26 -0.14 -6.44
N GLY E 57 -2.74 -0.63 -5.30
CA GLY E 57 -2.12 -0.33 -4.03
C GLY E 57 -2.59 0.98 -3.41
N VAL E 58 -3.34 1.77 -4.17
CA VAL E 58 -3.81 3.06 -3.67
C VAL E 58 -5.04 2.88 -2.82
N PRO E 59 -5.03 3.41 -1.58
CA PRO E 59 -6.16 3.23 -0.67
C PRO E 59 -7.47 3.77 -1.23
N SER E 60 -8.58 3.16 -0.83
CA SER E 60 -9.87 3.41 -1.46
C SER E 60 -10.53 4.71 -1.00
N ARG E 61 -9.89 5.42 -0.07
CA ARG E 61 -10.41 6.71 0.35
C ARG E 61 -10.21 7.75 -0.75
N PHE E 62 -9.33 7.46 -1.70
CA PHE E 62 -9.19 8.28 -2.89
C PHE E 62 -10.22 7.85 -3.92
N SER E 63 -10.83 8.82 -4.61
CA SER E 63 -11.74 8.46 -5.69
C SER E 63 -11.74 9.57 -6.73
N GLY E 64 -11.80 9.18 -8.00
CA GLY E 64 -11.84 10.16 -9.08
C GLY E 64 -13.20 10.23 -9.71
N SER E 65 -13.59 11.40 -10.20
CA SER E 65 -14.85 11.51 -10.92
C SER E 65 -14.74 12.46 -12.11
N GLU E 66 -15.73 12.40 -13.00
CA GLU E 66 -15.75 13.18 -14.23
C GLU E 66 -17.15 13.64 -14.59
N SER E 67 -17.23 14.86 -15.11
CA SER E 67 -18.49 15.45 -15.52
C SER E 67 -18.18 16.38 -16.68
N GLY E 68 -18.40 15.91 -17.91
CA GLY E 68 -17.95 16.64 -19.08
C GLY E 68 -16.45 16.83 -19.00
N THR E 69 -16.00 18.07 -19.17
CA THR E 69 -14.59 18.41 -19.11
C THR E 69 -14.14 18.75 -17.69
N GLN E 70 -15.02 18.59 -16.71
CA GLN E 70 -14.60 18.79 -15.31
C GLN E 70 -14.21 17.47 -14.64
N TYR E 71 -12.98 17.40 -14.14
CA TYR E 71 -12.51 16.22 -13.44
C TYR E 71 -12.22 16.52 -11.96
N SER E 72 -12.60 15.61 -11.06
CA SER E 72 -12.40 15.83 -9.63
C SER E 72 -11.69 14.68 -8.92
N LEU E 73 -10.75 15.01 -8.05
CA LEU E 73 -10.16 14.04 -7.15
C LEU E 73 -10.72 14.28 -5.75
N LYS E 74 -11.19 13.23 -5.10
CA LYS E 74 -11.76 13.35 -3.77
C LYS E 74 -11.02 12.45 -2.82
N ILE E 75 -10.67 12.98 -1.66
CA ILE E 75 -10.02 12.21 -0.60
C ILE E 75 -10.94 12.16 0.61
N ASN E 76 -11.52 10.99 0.89
CA ASN E 76 -12.47 10.86 1.99
C ASN E 76 -11.78 10.55 3.31
N SER E 77 -12.01 11.38 4.31
CA SER E 77 -11.34 11.19 5.59
C SER E 77 -9.81 11.26 5.45
N LEU E 78 -9.29 12.44 5.14
CA LEU E 78 -7.85 12.68 5.04
C LEU E 78 -7.07 11.97 6.14
N GLN E 79 -5.94 11.39 5.78
CA GLN E 79 -5.03 10.78 6.76
C GLN E 79 -3.70 11.56 6.77
N PRO E 80 -2.89 11.40 7.83
CA PRO E 80 -1.65 12.18 7.95
C PRO E 80 -0.69 11.99 6.78
N GLU E 81 -0.72 10.82 6.15
CA GLU E 81 0.18 10.53 5.04
C GLU E 81 -0.32 11.13 3.71
N ASP E 82 -1.44 11.84 3.77
CA ASP E 82 -2.07 12.39 2.56
C ASP E 82 -1.66 13.83 2.20
N PHE E 83 -0.90 14.48 3.07
CA PHE E 83 -0.54 15.87 2.79
C PHE E 83 0.65 15.92 1.82
N GLY E 84 0.64 16.93 0.96
CA GLY E 84 1.60 17.00 -0.14
C GLY E 84 0.94 17.72 -1.30
N SER E 85 1.48 17.58 -2.50
CA SER E 85 0.91 18.22 -3.68
C SER E 85 0.19 17.24 -4.58
N TYR E 86 -0.82 17.73 -5.30
CA TYR E 86 -1.56 16.90 -6.23
C TYR E 86 -1.58 17.55 -7.58
N TYR E 87 -1.44 16.75 -8.64
CA TYR E 87 -1.54 17.23 -10.00
C TYR E 87 -2.46 16.36 -10.84
N CYS E 88 -3.23 16.96 -11.74
CA CYS E 88 -3.93 16.19 -12.76
C CYS E 88 -3.09 16.23 -14.05
N GLN E 89 -3.35 15.29 -14.94
CA GLN E 89 -2.64 15.23 -16.21
C GLN E 89 -3.54 14.56 -17.24
N HIS E 90 -3.65 15.12 -18.44
CA HIS E 90 -4.38 14.41 -19.49
C HIS E 90 -3.43 13.60 -20.38
N PHE E 91 -3.97 12.53 -20.97
CA PHE E 91 -3.20 11.67 -21.88
C PHE E 91 -3.86 11.60 -23.25
N TRP E 92 -4.41 12.71 -23.70
CA TRP E 92 -5.14 12.71 -24.97
C TRP E 92 -4.25 13.09 -26.13
N SER E 93 -4.26 14.36 -26.53
CA SER E 93 -3.46 14.79 -27.66
C SER E 93 -2.13 15.33 -27.19
N THR E 94 -1.12 15.30 -28.07
CA THR E 94 0.15 15.89 -27.71
C THR E 94 0.02 17.40 -27.85
N PRO E 95 0.64 18.14 -26.91
CA PRO E 95 1.40 17.57 -25.81
C PRO E 95 0.49 17.23 -24.64
N PHE E 96 0.84 16.21 -23.88
CA PHE E 96 0.14 15.96 -22.64
C PHE E 96 0.42 17.19 -21.78
N THR E 97 -0.52 17.59 -20.94
CA THR E 97 -0.22 18.68 -20.02
C THR E 97 -0.76 18.33 -18.66
N PHE E 98 -0.15 18.96 -17.64
CA PHE E 98 -0.49 18.78 -16.25
C PHE E 98 -1.17 20.06 -15.77
N GLY E 99 -2.06 19.92 -14.79
CA GLY E 99 -2.56 21.06 -14.03
C GLY E 99 -1.45 21.70 -13.19
N SER E 100 -1.66 22.95 -12.80
CA SER E 100 -0.64 23.69 -12.05
C SER E 100 -0.45 23.19 -10.61
N GLY E 101 -1.34 22.32 -10.15
CA GLY E 101 -1.12 21.65 -8.89
C GLY E 101 -1.90 22.21 -7.72
N THR E 102 -2.08 21.39 -6.68
CA THR E 102 -2.74 21.82 -5.46
C THR E 102 -1.84 21.41 -4.31
N LYS E 103 -1.41 22.35 -3.48
CA LYS E 103 -0.66 22.02 -2.27
C LYS E 103 -1.60 21.87 -1.09
N LEU E 104 -1.64 20.67 -0.51
CA LEU E 104 -2.50 20.35 0.61
C LEU E 104 -1.69 20.32 1.90
N GLU E 105 -1.95 21.25 2.81
CA GLU E 105 -1.24 21.27 4.09
C GLU E 105 -2.19 20.95 5.26
N LEU E 106 -1.63 20.47 6.36
CA LEU E 106 -2.45 20.12 7.52
C LEU E 106 -2.97 21.36 8.25
N LYS E 107 -4.29 21.45 8.43
CA LYS E 107 -4.88 22.55 9.19
C LYS E 107 -4.81 22.24 10.66
N ARG E 108 -3.78 22.76 11.31
CA ARG E 108 -3.58 22.57 12.73
C ARG E 108 -4.84 23.07 13.43
N GLY E 109 -5.21 22.41 14.52
CA GLY E 109 -6.41 22.79 15.24
C GLY E 109 -6.41 24.23 15.72
N THR E 110 -5.25 24.69 16.19
CA THR E 110 -5.20 26.03 16.75
C THR E 110 -3.98 26.79 16.24
N VAL E 111 -4.08 28.12 16.32
CA VAL E 111 -2.98 29.01 15.96
C VAL E 111 -1.82 28.90 16.94
N ALA E 112 -0.61 29.13 16.43
CA ALA E 112 0.59 29.17 17.26
C ALA E 112 1.37 30.40 16.85
N ALA E 113 1.58 31.29 17.81
CA ALA E 113 2.33 32.50 17.55
C ALA E 113 3.80 32.17 17.37
N PRO E 114 4.47 32.87 16.46
CA PRO E 114 5.91 32.63 16.37
C PRO E 114 6.67 33.23 17.55
N SER E 115 7.70 32.53 18.03
CA SER E 115 8.69 33.17 18.91
C SER E 115 9.69 33.83 17.97
N VAL E 116 10.05 35.09 18.26
CA VAL E 116 10.85 35.87 17.31
C VAL E 116 12.22 36.20 17.89
N PHE E 117 13.24 36.15 17.04
CA PHE E 117 14.61 36.41 17.46
C PHE E 117 15.34 37.20 16.39
N ILE E 118 16.15 38.18 16.79
CA ILE E 118 16.97 38.89 15.82
C ILE E 118 18.46 38.66 16.11
N PHE E 119 19.23 38.38 15.05
CA PHE E 119 20.67 38.11 15.16
C PHE E 119 21.42 39.19 14.39
N PRO E 120 22.31 39.92 15.07
CA PRO E 120 23.10 40.94 14.40
C PRO E 120 24.20 40.29 13.57
N PRO E 121 24.77 41.02 12.61
CA PRO E 121 25.90 40.47 11.86
C PRO E 121 27.09 40.28 12.78
N SER E 122 27.91 39.27 12.52
CA SER E 122 29.06 38.98 13.37
C SER E 122 30.24 39.88 13.04
N ASP E 123 31.18 39.96 13.97
CA ASP E 123 32.44 40.68 13.75
C ASP E 123 33.15 40.02 12.57
N GLU E 124 33.15 38.69 12.57
CA GLU E 124 33.82 37.94 11.51
C GLU E 124 33.31 38.37 10.13
N GLN E 125 31.99 38.44 9.96
CA GLN E 125 31.44 38.81 8.65
C GLN E 125 31.72 40.25 8.27
N LEU E 126 31.68 41.14 9.26
CA LEU E 126 31.78 42.55 8.97
C LEU E 126 33.15 42.92 8.41
N LYS E 127 34.20 42.23 8.84
CA LYS E 127 35.52 42.54 8.33
C LYS E 127 35.67 42.13 6.86
N SER E 128 34.60 41.58 6.31
CA SER E 128 34.58 41.13 4.92
C SER E 128 33.79 42.09 4.02
N GLY E 129 33.20 43.13 4.61
CA GLY E 129 32.52 44.14 3.81
C GLY E 129 31.01 44.04 3.67
N THR E 130 30.42 42.99 4.22
CA THR E 130 28.98 42.80 4.12
C THR E 130 28.39 42.55 5.49
N ALA E 131 27.14 42.97 5.68
CA ALA E 131 26.44 42.72 6.93
C ALA E 131 25.16 41.96 6.60
N SER E 132 25.00 40.78 7.21
CA SER E 132 23.74 40.06 7.16
C SER E 132 23.01 40.10 8.50
N VAL E 133 21.77 40.58 8.49
CA VAL E 133 20.97 40.60 9.71
C VAL E 133 19.88 39.56 9.52
N VAL E 134 19.65 38.72 10.52
CA VAL E 134 18.74 37.59 10.36
C VAL E 134 17.62 37.66 11.38
N CYS E 135 16.40 37.41 10.92
CA CYS E 135 15.25 37.39 11.81
C CYS E 135 14.67 36.00 11.78
N LEU E 136 14.46 35.42 12.96
CA LEU E 136 13.90 34.08 13.05
C LEU E 136 12.49 34.13 13.64
N LEU E 137 11.55 33.48 12.96
CA LEU E 137 10.19 33.28 13.49
C LEU E 137 10.04 31.80 13.70
N ASN E 138 9.90 31.38 14.95
CA ASN E 138 9.96 29.98 15.29
C ASN E 138 8.61 29.33 15.65
N ASN E 139 8.33 28.20 14.99
CA ASN E 139 7.20 27.33 15.32
C ASN E 139 5.82 28.00 15.33
N PHE E 140 5.38 28.44 14.17
CA PHE E 140 4.12 29.17 14.07
C PHE E 140 3.09 28.52 13.15
N TYR E 141 1.82 28.84 13.36
CA TYR E 141 0.75 28.37 12.47
C TYR E 141 -0.38 29.39 12.55
N PRO E 142 -0.93 29.81 11.38
CA PRO E 142 -0.70 29.32 10.02
C PRO E 142 0.57 29.88 9.39
N ARG E 143 0.85 29.41 8.18
CA ARG E 143 2.08 29.74 7.46
C ARG E 143 2.21 31.23 7.15
N GLU E 144 1.09 31.89 6.91
CA GLU E 144 1.12 33.28 6.53
CA GLU E 144 1.06 33.31 6.57
C GLU E 144 1.68 34.17 7.66
N ALA E 145 2.69 34.96 7.31
CA ALA E 145 3.33 35.82 8.29
C ALA E 145 3.98 36.97 7.55
N LYS E 146 3.96 38.15 8.16
CA LYS E 146 4.54 39.33 7.54
C LYS E 146 5.75 39.81 8.34
N VAL E 147 6.90 39.83 7.69
CA VAL E 147 8.12 40.30 8.32
C VAL E 147 8.55 41.57 7.63
N GLN E 148 8.77 42.61 8.41
CA GLN E 148 9.19 43.89 7.88
C GLN E 148 10.46 44.33 8.58
N TRP E 149 11.47 44.69 7.78
CA TRP E 149 12.70 45.23 8.31
C TRP E 149 12.60 46.76 8.42
N LYS E 150 13.07 47.30 9.53
CA LYS E 150 13.15 48.74 9.68
C LYS E 150 14.56 49.10 10.11
N VAL E 151 15.12 50.12 9.46
CA VAL E 151 16.44 50.60 9.77
C VAL E 151 16.31 52.07 10.14
N ASP E 152 16.72 52.42 11.35
CA ASP E 152 16.42 53.75 11.90
C ASP E 152 14.95 54.11 11.65
N ASN E 153 14.08 53.12 11.83
CA ASN E 153 12.63 53.32 11.66
C ASN E 153 12.17 53.57 10.22
N ALA E 154 13.04 53.37 9.24
CA ALA E 154 12.61 53.43 7.85
C ALA E 154 12.34 52.01 7.37
N LEU E 155 11.23 51.83 6.67
CA LEU E 155 10.83 50.49 6.21
C LEU E 155 11.67 50.09 5.01
N GLN E 156 12.14 48.85 5.01
CA GLN E 156 13.02 48.37 3.95
C GLN E 156 12.26 47.62 2.88
N SER E 157 12.77 47.66 1.66
CA SER E 157 12.16 46.95 0.54
C SER E 157 13.24 46.52 -0.42
N GLY E 158 13.13 45.29 -0.92
CA GLY E 158 14.00 44.80 -1.97
C GLY E 158 15.36 44.26 -1.55
N ASN E 159 15.69 44.36 -0.26
CA ASN E 159 17.00 43.92 0.19
C ASN E 159 16.99 42.77 1.20
N SER E 160 15.91 41.98 1.22
CA SER E 160 15.82 40.85 2.11
C SER E 160 15.26 39.63 1.41
N GLN E 161 15.64 38.45 1.89
CA GLN E 161 15.08 37.18 1.38
C GLN E 161 14.58 36.34 2.54
N GLU E 162 13.50 35.59 2.29
CA GLU E 162 12.91 34.71 3.29
C GLU E 162 13.03 33.25 2.89
N SER E 163 13.08 32.38 3.88
CA SER E 163 13.06 30.94 3.68
C SER E 163 12.17 30.30 4.75
N VAL E 164 11.43 29.23 4.40
CA VAL E 164 10.53 28.59 5.37
C VAL E 164 10.74 27.09 5.42
N THR E 165 10.65 26.52 6.62
CA THR E 165 10.78 25.08 6.77
C THR E 165 9.51 24.35 6.32
N GLU E 166 9.62 23.05 6.08
CA GLU E 166 8.44 22.25 5.77
C GLU E 166 7.60 22.12 7.04
N GLN E 167 6.28 22.00 6.88
CA GLN E 167 5.41 21.84 8.03
C GLN E 167 5.89 20.70 8.92
N ASP E 168 6.09 20.99 10.20
CA ASP E 168 6.56 19.99 11.15
C ASP E 168 5.58 18.81 11.21
N SER E 169 6.09 17.59 11.18
CA SER E 169 5.22 16.41 11.09
C SER E 169 4.55 16.08 12.41
N LYS E 170 5.11 16.61 13.50
CA LYS E 170 4.60 16.31 14.84
C LYS E 170 3.67 17.40 15.37
N ASP E 171 4.07 18.64 15.17
CA ASP E 171 3.42 19.79 15.78
C ASP E 171 2.71 20.63 14.72
N SER E 172 2.96 20.28 13.45
CA SER E 172 2.32 20.95 12.32
C SER E 172 2.59 22.47 12.25
N THR E 173 3.69 22.92 12.87
CA THR E 173 4.09 24.31 12.73
C THR E 173 5.16 24.57 11.63
N TYR E 174 5.36 25.85 11.33
CA TYR E 174 6.41 26.30 10.41
C TYR E 174 7.40 27.18 11.14
N SER E 175 8.61 27.29 10.59
CA SER E 175 9.56 28.30 11.02
C SER E 175 10.03 29.03 9.77
N LEU E 176 10.39 30.30 9.94
CA LEU E 176 10.80 31.15 8.83
C LEU E 176 12.02 31.97 9.22
N SER E 177 12.94 32.11 8.26
CA SER E 177 14.09 32.97 8.43
CA SER E 177 14.09 32.98 8.44
C SER E 177 14.01 34.09 7.41
N SER E 178 14.32 35.31 7.84
CA SER E 178 14.40 36.43 6.89
C SER E 178 15.77 37.06 7.03
N THR E 179 16.44 37.29 5.92
CA THR E 179 17.79 37.82 5.95
C THR E 179 17.87 39.16 5.22
N LEU E 180 18.26 40.19 5.97
CA LEU E 180 18.52 41.53 5.45
C LEU E 180 20.01 41.64 5.19
N THR E 181 20.38 41.99 3.95
CA THR E 181 21.78 42.04 3.54
C THR E 181 22.12 43.48 3.16
N LEU E 182 23.18 44.02 3.77
CA LEU E 182 23.65 45.38 3.46
C LEU E 182 25.14 45.38 3.30
N SER E 183 25.66 46.29 2.48
CA SER E 183 27.09 46.54 2.47
C SER E 183 27.47 47.05 3.85
N LYS E 184 28.70 46.82 4.27
CA LYS E 184 29.11 47.31 5.59
C LYS E 184 28.99 48.82 5.64
N ALA E 185 29.28 49.47 4.51
CA ALA E 185 29.19 50.91 4.43
C ALA E 185 27.77 51.38 4.74
N ASP E 186 26.78 50.74 4.12
CA ASP E 186 25.40 51.12 4.40
C ASP E 186 25.01 50.79 5.83
N TYR E 187 25.48 49.65 6.34
CA TYR E 187 25.21 49.21 7.70
C TYR E 187 25.66 50.27 8.73
N GLU E 188 26.81 50.89 8.50
CA GLU E 188 27.36 51.82 9.47
C GLU E 188 26.86 53.26 9.31
N LYS E 189 25.80 53.42 8.52
CA LYS E 189 25.15 54.71 8.37
C LYS E 189 24.00 54.84 9.36
N HIS E 190 23.60 53.71 9.93
CA HIS E 190 22.40 53.63 10.77
C HIS E 190 22.66 52.93 12.09
N LYS E 191 21.71 53.05 13.01
CA LYS E 191 21.91 52.57 14.36
C LYS E 191 20.98 51.45 14.74
N VAL E 192 19.70 51.65 14.44
CA VAL E 192 18.65 50.76 14.94
C VAL E 192 18.21 49.78 13.87
N TYR E 193 18.39 48.50 14.14
CA TYR E 193 17.99 47.44 13.22
C TYR E 193 16.88 46.59 13.80
N ALA E 194 15.74 46.57 13.12
CA ALA E 194 14.56 45.95 13.69
C ALA E 194 13.81 45.06 12.70
N CYS E 195 13.31 43.96 13.24
CA CYS E 195 12.42 43.07 12.51
CA CYS E 195 12.38 43.15 12.47
C CYS E 195 11.04 43.10 13.19
N GLU E 196 10.01 43.48 12.45
CA GLU E 196 8.66 43.61 12.97
C GLU E 196 7.82 42.49 12.37
N VAL E 197 7.17 41.72 13.24
CA VAL E 197 6.45 40.52 12.79
C VAL E 197 4.96 40.64 13.07
N THR E 198 4.16 40.36 12.05
CA THR E 198 2.73 40.40 12.16
C THR E 198 2.24 39.00 11.86
N HIS E 199 1.46 38.43 12.77
CA HIS E 199 0.95 37.07 12.59
C HIS E 199 -0.37 36.87 13.33
N GLN E 200 -1.20 35.96 12.83
CA GLN E 200 -2.52 35.77 13.43
C GLN E 200 -2.46 35.42 14.93
N GLY E 201 -1.38 34.79 15.38
CA GLY E 201 -1.30 34.40 16.78
C GLY E 201 -0.74 35.50 17.68
N LEU E 202 -0.35 36.63 17.07
CA LEU E 202 0.16 37.77 17.82
C LEU E 202 -0.93 38.82 17.96
N SER E 203 -1.26 39.19 19.19
CA SER E 203 -2.30 40.19 19.45
C SER E 203 -1.95 41.53 18.78
N SER E 204 -0.67 41.87 18.76
CA SER E 204 -0.17 43.00 18.01
C SER E 204 1.19 42.64 17.45
N PRO E 205 1.69 43.40 16.47
CA PRO E 205 3.00 43.06 15.90
C PRO E 205 4.12 43.04 16.93
N VAL E 206 5.03 42.10 16.75
CA VAL E 206 6.18 42.00 17.64
CA VAL E 206 6.19 41.96 17.63
C VAL E 206 7.43 42.54 16.94
N THR E 207 8.16 43.39 17.66
CA THR E 207 9.42 43.92 17.12
C THR E 207 10.60 43.47 17.98
N LYS E 208 11.62 42.91 17.33
CA LYS E 208 12.88 42.59 18.00
C LYS E 208 13.92 43.44 17.31
N SER E 209 14.76 44.11 18.10
CA SER E 209 15.75 45.01 17.53
C SER E 209 17.06 45.01 18.30
N PHE E 210 18.08 45.59 17.70
CA PHE E 210 19.32 45.85 18.40
C PHE E 210 19.90 47.15 17.86
N ASN E 211 20.85 47.70 18.59
CA ASN E 211 21.63 48.85 18.13
C ASN E 211 22.98 48.38 17.64
N ARG E 212 23.34 48.75 16.42
CA ARG E 212 24.66 48.40 15.90
C ARG E 212 25.73 48.87 16.88
N GLY E 213 26.61 47.96 17.27
CA GLY E 213 27.62 48.21 18.28
C GLY E 213 27.24 47.75 19.67
N GLU E 214 25.98 47.34 19.83
CA GLU E 214 25.43 46.93 21.13
C GLU E 214 26.11 45.67 21.67
N CYS E 215 26.50 44.78 20.77
CA CYS E 215 27.20 43.58 21.22
C CYS E 215 28.33 43.17 20.28
N PCA F 1 11.55 -5.93 -9.66
CA PCA F 1 10.70 -4.76 -9.51
CB PCA F 1 10.95 -4.09 -8.16
CG PCA F 1 12.33 -4.55 -7.73
CD PCA F 1 12.52 -5.78 -8.58
OE PCA F 1 13.43 -6.57 -8.36
C PCA F 1 11.05 -3.73 -10.56
O PCA F 1 12.23 -3.54 -10.89
N VAL F 2 10.03 -3.07 -11.10
CA VAL F 2 10.26 -2.08 -12.12
C VAL F 2 11.00 -0.88 -11.52
N GLN F 3 12.13 -0.52 -12.10
CA GLN F 3 12.87 0.67 -11.68
C GLN F 3 13.43 1.43 -12.86
N LEU F 4 13.38 2.76 -12.78
CA LEU F 4 14.05 3.61 -13.74
C LEU F 4 15.09 4.41 -12.97
N GLN F 5 16.34 4.25 -13.35
CA GLN F 5 17.44 4.86 -12.61
C GLN F 5 18.04 6.07 -13.30
N GLN F 6 17.99 7.21 -12.62
CA GLN F 6 18.55 8.45 -13.12
C GLN F 6 19.58 8.95 -12.11
N PRO F 7 20.65 9.62 -12.59
CA PRO F 7 21.58 10.28 -11.66
C PRO F 7 20.88 11.40 -10.90
N GLY F 8 21.29 11.65 -9.66
CA GLY F 8 20.65 12.67 -8.85
C GLY F 8 20.82 14.08 -9.34
N ALA F 9 21.96 14.39 -9.94
CA ALA F 9 22.29 15.79 -10.19
C ALA F 9 23.32 15.96 -11.30
N GLU F 10 23.15 17.02 -12.09
CA GLU F 10 24.14 17.39 -13.10
C GLU F 10 24.37 18.90 -13.07
N LEU F 11 25.59 19.30 -12.76
CA LEU F 11 25.96 20.70 -12.82
C LEU F 11 26.59 20.98 -14.18
N VAL F 12 25.96 21.84 -14.98
CA VAL F 12 26.42 22.05 -16.35
C VAL F 12 26.50 23.51 -16.72
N GLN F 13 27.36 23.81 -17.69
CA GLN F 13 27.66 25.17 -18.12
C GLN F 13 26.70 25.69 -19.17
N PRO F 14 26.34 26.97 -19.05
CA PRO F 14 25.44 27.55 -20.05
C PRO F 14 26.10 27.45 -21.42
N GLY F 15 25.30 27.26 -22.47
CA GLY F 15 25.83 27.18 -23.82
C GLY F 15 26.20 25.77 -24.23
N THR F 16 26.31 24.87 -23.27
CA THR F 16 26.72 23.50 -23.56
C THR F 16 25.52 22.56 -23.65
N SER F 17 25.78 21.27 -23.78
CA SER F 17 24.69 20.28 -23.76
C SER F 17 24.94 19.24 -22.69
N VAL F 18 23.89 18.53 -22.30
CA VAL F 18 24.03 17.46 -21.31
C VAL F 18 23.19 16.29 -21.75
N ARG F 19 23.68 15.09 -21.53
CA ARG F 19 22.92 13.89 -21.86
C ARG F 19 22.42 13.20 -20.59
N LEU F 20 21.10 13.18 -20.40
CA LEU F 20 20.51 12.61 -19.20
C LEU F 20 20.18 11.15 -19.44
N SER F 21 20.53 10.27 -18.51
CA SER F 21 20.26 8.84 -18.69
C SER F 21 19.15 8.32 -17.79
N CYS F 22 18.45 7.31 -18.28
CA CYS F 22 17.34 6.71 -17.56
C CYS F 22 17.44 5.19 -17.75
N LYS F 23 18.05 4.50 -16.80
CA LYS F 23 18.31 3.06 -16.96
C LYS F 23 17.19 2.21 -16.41
N ALA F 24 16.64 1.36 -17.26
CA ALA F 24 15.45 0.58 -16.91
C ALA F 24 15.84 -0.82 -16.50
N SER F 25 15.13 -1.37 -15.52
CA SER F 25 15.31 -2.75 -15.13
C SER F 25 14.01 -3.31 -14.56
N GLY F 26 13.89 -4.62 -14.59
CA GLY F 26 12.78 -5.30 -13.95
C GLY F 26 11.59 -5.55 -14.84
N TYR F 27 11.72 -5.27 -16.13
CA TYR F 27 10.65 -5.52 -17.09
C TYR F 27 11.26 -5.51 -18.48
N ILE F 28 10.45 -5.84 -19.48
CA ILE F 28 10.93 -5.89 -20.87
C ILE F 28 11.02 -4.48 -21.45
N PHE F 29 12.23 -4.00 -21.65
CA PHE F 29 12.46 -2.61 -22.02
C PHE F 29 11.64 -2.12 -23.21
N THR F 30 11.57 -2.93 -24.27
CA THR F 30 10.93 -2.51 -25.52
C THR F 30 9.39 -2.45 -25.51
N THR F 31 8.77 -2.91 -24.45
CA THR F 31 7.30 -2.99 -24.44
C THR F 31 6.57 -1.68 -24.10
N TYR F 32 7.23 -0.77 -23.40
CA TYR F 32 6.55 0.42 -22.87
C TYR F 32 7.21 1.73 -23.25
N TRP F 33 6.40 2.69 -23.71
CA TRP F 33 6.86 4.02 -24.04
C TRP F 33 7.53 4.65 -22.83
N ILE F 34 8.58 5.43 -23.07
CA ILE F 34 9.27 6.18 -22.01
C ILE F 34 9.01 7.67 -22.25
N HIS F 35 8.67 8.41 -21.20
CA HIS F 35 8.34 9.81 -21.36
C HIS F 35 9.30 10.62 -20.50
N TRP F 36 9.43 11.90 -20.81
CA TRP F 36 10.26 12.79 -20.00
C TRP F 36 9.47 14.00 -19.54
N VAL F 37 9.72 14.44 -18.30
CA VAL F 37 8.95 15.50 -17.68
C VAL F 37 9.89 16.49 -16.99
N LYS F 38 9.63 17.78 -17.16
CA LYS F 38 10.43 18.82 -16.51
C LYS F 38 9.70 19.38 -15.30
N GLN F 39 10.42 19.60 -14.20
CA GLN F 39 9.83 20.25 -13.02
C GLN F 39 10.77 21.27 -12.40
N ARG F 40 10.40 22.54 -12.45
CA ARG F 40 11.25 23.58 -11.86
C ARG F 40 11.04 23.60 -10.36
N PRO F 41 12.15 23.60 -9.61
CA PRO F 41 12.11 23.55 -8.14
C PRO F 41 10.98 24.40 -7.56
N GLY F 42 10.12 23.78 -6.75
CA GLY F 42 9.02 24.47 -6.11
C GLY F 42 7.82 24.70 -7.01
N GLN F 43 7.87 24.20 -8.24
CA GLN F 43 6.81 24.46 -9.22
C GLN F 43 6.25 23.20 -9.89
N GLY F 44 5.49 23.37 -10.97
CA GLY F 44 4.71 22.30 -11.56
C GLY F 44 5.44 21.48 -12.60
N LEU F 45 4.69 20.70 -13.38
CA LEU F 45 5.31 19.72 -14.28
C LEU F 45 5.05 20.06 -15.74
N GLU F 46 6.06 19.86 -16.57
CA GLU F 46 5.90 20.04 -18.01
C GLU F 46 6.26 18.75 -18.74
N TRP F 47 5.34 18.29 -19.60
CA TRP F 47 5.60 17.11 -20.40
C TRP F 47 6.52 17.43 -21.58
N ILE F 48 7.64 16.71 -21.70
CA ILE F 48 8.62 17.03 -22.73
C ILE F 48 8.38 16.25 -24.03
N GLY F 49 8.16 14.94 -23.90
CA GLY F 49 8.00 14.11 -25.08
C GLY F 49 8.04 12.64 -24.72
N GLU F 50 7.80 11.77 -25.70
CA GLU F 50 7.76 10.32 -25.46
C GLU F 50 8.58 9.59 -26.53
N ILE F 51 9.20 8.48 -26.15
CA ILE F 51 9.88 7.61 -27.10
C ILE F 51 9.44 6.15 -26.96
N ASN F 52 9.20 5.51 -28.09
CA ASN F 52 8.86 4.11 -28.12
C ASN F 52 10.16 3.35 -28.29
N PRO F 53 10.62 2.66 -27.22
CA PRO F 53 11.97 2.11 -27.28
C PRO F 53 12.10 1.02 -28.32
N ASN F 54 10.99 0.40 -28.69
CA ASN F 54 11.02 -0.71 -29.65
C ASN F 54 11.40 -0.31 -31.06
N ASN F 55 10.93 0.87 -31.50
CA ASN F 55 11.17 1.31 -32.87
C ASN F 55 11.80 2.70 -32.97
N GLY F 56 11.86 3.41 -31.85
CA GLY F 56 12.53 4.69 -31.83
C GLY F 56 11.65 5.88 -32.20
N ARG F 57 10.37 5.62 -32.47
CA ARG F 57 9.42 6.68 -32.81
C ARG F 57 9.30 7.67 -31.65
N ILE F 58 9.25 8.96 -31.96
CA ILE F 58 9.23 10.00 -30.93
C ILE F 58 8.11 10.99 -31.21
N ASN F 59 7.46 11.46 -30.15
CA ASN F 59 6.56 12.60 -30.26
C ASN F 59 7.00 13.65 -29.25
N TYR F 60 7.28 14.84 -29.75
CA TYR F 60 7.82 15.91 -28.94
C TYR F 60 6.74 16.91 -28.60
N ASN F 61 6.80 17.43 -27.39
CA ASN F 61 6.11 18.67 -27.10
C ASN F 61 6.82 19.70 -27.97
N GLU F 62 6.05 20.44 -28.75
CA GLU F 62 6.59 21.37 -29.74
C GLU F 62 7.50 22.40 -29.06
N LYS F 63 7.17 22.74 -27.83
CA LYS F 63 7.90 23.75 -27.07
C LYS F 63 9.33 23.31 -26.76
N PHE F 64 9.59 22.01 -26.86
CA PHE F 64 10.91 21.48 -26.56
C PHE F 64 11.63 20.93 -27.78
N LYS F 65 11.05 21.11 -28.96
CA LYS F 65 11.58 20.49 -30.18
C LYS F 65 13.04 20.84 -30.54
N THR F 66 13.49 22.05 -30.23
CA THR F 66 14.88 22.38 -30.57
C THR F 66 15.78 22.38 -29.33
N LYS F 67 15.24 21.86 -28.24
CA LYS F 67 15.92 21.89 -26.95
C LYS F 67 16.28 20.49 -26.53
N ALA F 68 15.35 19.55 -26.72
CA ALA F 68 15.56 18.20 -26.24
C ALA F 68 15.52 17.19 -27.38
N THR F 69 16.37 16.17 -27.28
CA THR F 69 16.34 15.08 -28.24
C THR F 69 16.37 13.72 -27.53
N LEU F 70 15.43 12.85 -27.88
CA LEU F 70 15.28 11.56 -27.24
C LEU F 70 15.88 10.43 -28.04
N THR F 71 16.60 9.55 -27.36
CA THR F 71 17.08 8.33 -27.97
C THR F 71 16.94 7.20 -26.97
N VAL F 72 17.18 5.97 -27.42
CA VAL F 72 17.30 4.85 -26.50
C VAL F 72 18.46 3.95 -26.90
N ASP F 73 18.90 3.13 -25.96
CA ASP F 73 19.86 2.09 -26.26
C ASP F 73 19.26 0.74 -25.87
N LYS F 74 18.67 0.04 -26.83
CA LYS F 74 18.02 -1.24 -26.56
C LYS F 74 18.96 -2.20 -25.84
N SER F 75 20.23 -2.19 -26.21
CA SER F 75 21.18 -3.18 -25.72
C SER F 75 21.52 -3.03 -24.22
N SER F 76 21.33 -1.83 -23.68
CA SER F 76 21.56 -1.60 -22.25
C SER F 76 20.27 -1.22 -21.54
N SER F 77 19.14 -1.42 -22.21
CA SER F 77 17.84 -0.97 -21.70
C SER F 77 17.89 0.42 -21.07
N THR F 78 18.45 1.36 -21.82
CA THR F 78 18.61 2.72 -21.32
C THR F 78 17.98 3.74 -22.26
N ALA F 79 17.31 4.72 -21.68
CA ALA F 79 16.76 5.83 -22.44
C ALA F 79 17.59 7.09 -22.19
N TYR F 80 17.73 7.94 -23.21
CA TYR F 80 18.52 9.17 -23.05
C TYR F 80 17.74 10.40 -23.48
N MET F 81 18.00 11.51 -22.81
CA MET F 81 17.52 12.80 -23.26
C MET F 81 18.67 13.79 -23.26
N GLN F 82 18.90 14.41 -24.42
CA GLN F 82 19.96 15.39 -24.54
C GLN F 82 19.32 16.76 -24.56
N LEU F 83 19.77 17.62 -23.66
CA LEU F 83 19.34 19.01 -23.69
C LEU F 83 20.48 19.85 -24.26
N SER F 84 20.18 20.66 -25.27
CA SER F 84 21.21 21.44 -25.96
C SER F 84 21.13 22.94 -25.70
N SER F 85 22.22 23.65 -26.05
CA SER F 85 22.31 25.10 -25.91
C SER F 85 21.72 25.57 -24.60
N LEU F 86 22.28 25.06 -23.51
CA LEU F 86 21.66 25.19 -22.20
C LEU F 86 21.61 26.61 -21.69
N THR F 87 20.50 26.98 -21.05
CA THR F 87 20.35 28.28 -20.41
C THR F 87 19.83 28.09 -18.99
N SER F 88 19.82 29.16 -18.20
CA SER F 88 19.31 29.11 -16.84
C SER F 88 17.85 28.67 -16.78
N GLU F 89 17.11 28.93 -17.87
CA GLU F 89 15.72 28.49 -17.96
C GLU F 89 15.62 26.96 -17.98
N ASP F 90 16.73 26.30 -18.32
CA ASP F 90 16.79 24.84 -18.37
C ASP F 90 17.07 24.18 -17.01
N SER F 91 17.45 24.98 -16.00
CA SER F 91 17.69 24.42 -14.67
C SER F 91 16.39 23.89 -14.12
N ALA F 92 16.38 22.61 -13.76
CA ALA F 92 15.15 21.94 -13.34
C ALA F 92 15.42 20.49 -12.97
N VAL F 93 14.45 19.85 -12.33
CA VAL F 93 14.50 18.41 -12.17
C VAL F 93 13.89 17.80 -13.44
N TYR F 94 14.55 16.79 -13.97
CA TYR F 94 14.01 16.12 -15.13
C TYR F 94 13.76 14.68 -14.76
N TYR F 95 12.50 14.25 -14.87
CA TYR F 95 12.12 12.87 -14.66
C TYR F 95 12.03 12.10 -15.95
N CYS F 96 12.38 10.83 -15.91
CA CYS F 96 11.87 9.87 -16.88
C CYS F 96 10.72 9.09 -16.26
N THR F 97 9.82 8.60 -17.12
CA THR F 97 8.74 7.76 -16.64
CA THR F 97 8.69 7.79 -16.68
C THR F 97 8.40 6.71 -17.70
N ARG F 98 7.63 5.70 -17.28
CA ARG F 98 7.26 4.57 -18.12
C ARG F 98 5.74 4.38 -18.05
N VAL F 99 5.08 4.22 -19.19
CA VAL F 99 3.63 4.03 -19.19
C VAL F 99 3.28 2.64 -18.63
N GLY F 100 2.03 2.47 -18.20
CA GLY F 100 1.61 1.20 -17.61
C GLY F 100 1.03 0.27 -18.65
N VAL F 101 0.51 -0.89 -18.20
CA VAL F 101 -0.23 -1.79 -19.09
C VAL F 101 -1.37 -1.03 -19.76
N MET F 102 -2.06 -0.19 -18.99
CA MET F 102 -2.93 0.83 -19.54
C MET F 102 -2.04 1.99 -19.97
N ILE F 103 -2.00 2.25 -21.27
CA ILE F 103 -0.99 3.15 -21.81
C ILE F 103 -1.10 4.60 -21.29
N THR F 104 -2.29 4.99 -20.83
CA THR F 104 -2.53 6.36 -20.39
C THR F 104 -2.26 6.54 -18.90
N THR F 105 -1.09 6.08 -18.47
CA THR F 105 -0.65 6.20 -17.08
C THR F 105 0.87 6.31 -17.00
N PHE F 106 1.36 6.99 -15.96
CA PHE F 106 2.77 6.94 -15.58
C PHE F 106 2.85 6.30 -14.20
N PRO F 107 2.80 4.97 -14.11
CA PRO F 107 2.91 4.40 -12.76
C PRO F 107 4.34 4.32 -12.23
N TYR F 108 5.35 4.43 -13.10
CA TYR F 108 6.74 4.29 -12.66
C TYR F 108 7.54 5.50 -13.08
N TRP F 109 8.29 6.06 -12.12
CA TRP F 109 9.05 7.29 -12.29
C TRP F 109 10.49 7.10 -11.83
N GLY F 110 11.44 7.68 -12.57
CA GLY F 110 12.79 7.80 -12.02
C GLY F 110 12.76 8.74 -10.81
N GLN F 111 13.89 8.87 -10.13
CA GLN F 111 13.98 9.77 -8.97
C GLN F 111 14.17 11.21 -9.45
N GLY F 112 14.55 11.37 -10.71
CA GLY F 112 14.71 12.71 -11.28
C GLY F 112 16.15 13.20 -11.17
N THR F 113 16.63 13.87 -12.21
CA THR F 113 17.97 14.47 -12.18
C THR F 113 17.82 15.96 -12.08
N LEU F 114 18.39 16.53 -11.02
CA LEU F 114 18.44 17.98 -10.86
C LEU F 114 19.56 18.55 -11.71
N VAL F 115 19.18 19.26 -12.76
CA VAL F 115 20.14 19.90 -13.66
C VAL F 115 20.27 21.36 -13.26
N THR F 116 21.49 21.78 -12.93
CA THR F 116 21.74 23.18 -12.60
C THR F 116 22.66 23.78 -13.65
N VAL F 117 22.15 24.77 -14.37
CA VAL F 117 22.90 25.43 -15.41
C VAL F 117 23.49 26.72 -14.83
N SER F 118 24.77 26.69 -14.52
CA SER F 118 25.44 27.87 -13.99
C SER F 118 26.93 27.79 -14.29
N ALA F 119 27.53 28.95 -14.56
CA ALA F 119 28.96 29.02 -14.85
C ALA F 119 29.76 29.30 -13.57
N ALA F 120 29.06 29.43 -12.45
CA ALA F 120 29.71 29.76 -11.18
C ALA F 120 30.74 28.72 -10.79
N SER F 121 31.83 29.17 -10.17
CA SER F 121 32.88 28.24 -9.77
C SER F 121 32.52 27.67 -8.41
N THR F 122 32.97 26.45 -8.16
CA THR F 122 32.78 25.81 -6.87
C THR F 122 33.39 26.64 -5.75
N LYS F 123 32.71 26.67 -4.60
CA LYS F 123 33.11 27.55 -3.50
C LYS F 123 32.48 27.11 -2.19
N GLY F 124 33.31 26.86 -1.19
CA GLY F 124 32.82 26.51 0.14
C GLY F 124 32.18 27.70 0.83
N PRO F 125 31.36 27.45 1.86
CA PRO F 125 30.70 28.56 2.54
C PRO F 125 31.58 29.22 3.60
N SER F 126 31.24 30.46 3.92
CA SER F 126 31.73 31.08 5.14
C SER F 126 30.68 30.72 6.18
N VAL F 127 31.12 30.45 7.41
CA VAL F 127 30.17 30.12 8.45
C VAL F 127 30.24 31.17 9.56
N PHE F 128 29.17 31.92 9.76
CA PHE F 128 29.18 32.99 10.75
C PHE F 128 28.23 32.65 11.87
N PRO F 129 28.58 33.04 13.09
CA PRO F 129 27.73 32.74 14.24
C PRO F 129 26.47 33.62 14.27
N LEU F 130 25.38 33.05 14.78
CA LEU F 130 24.17 33.82 15.00
C LEU F 130 23.86 33.79 16.50
N ALA F 131 23.86 34.95 17.14
CA ALA F 131 23.55 35.05 18.57
C ALA F 131 22.94 36.41 18.92
N PRO F 132 21.76 36.41 19.56
CA PRO F 132 21.11 37.71 19.80
C PRO F 132 21.92 38.57 20.77
N CYS F 133 21.74 39.89 20.70
CA CYS F 133 22.31 40.79 21.70
C CYS F 133 21.66 40.59 23.06
N SER F 134 20.37 40.31 23.05
CA SER F 134 19.61 40.12 24.28
C SER F 134 18.28 39.43 24.00
N SER F 138 12.53 37.33 30.17
CA SER F 138 11.17 37.04 29.73
C SER F 138 11.10 35.81 28.82
N GLU F 139 11.98 35.77 27.83
CA GLU F 139 12.01 34.66 26.88
C GLU F 139 12.16 33.32 27.60
N SER F 140 11.26 32.38 27.32
CA SER F 140 11.38 31.05 27.89
C SER F 140 12.34 30.18 27.07
N THR F 141 12.62 30.60 25.83
CA THR F 141 13.63 29.91 25.05
C THR F 141 14.64 30.90 24.47
N ALA F 142 15.87 30.42 24.26
CA ALA F 142 16.90 31.21 23.60
C ALA F 142 17.23 30.55 22.28
N ALA F 143 17.76 31.33 21.36
CA ALA F 143 18.10 30.82 20.05
C ALA F 143 19.55 31.13 19.71
N LEU F 144 20.18 30.18 19.00
CA LEU F 144 21.53 30.34 18.51
C LEU F 144 21.50 29.76 17.11
N GLY F 145 22.51 30.06 16.30
CA GLY F 145 22.58 29.46 14.97
C GLY F 145 23.85 29.74 14.17
N CYS F 146 23.89 29.23 12.94
CA CYS F 146 24.97 29.54 12.03
C CYS F 146 24.40 30.02 10.71
N LEU F 147 25.01 31.07 10.16
CA LEU F 147 24.72 31.52 8.81
C LEU F 147 25.78 30.97 7.85
N VAL F 148 25.33 30.12 6.95
CA VAL F 148 26.19 29.43 6.00
C VAL F 148 26.05 30.12 4.65
N LYS F 149 27.02 30.97 4.34
CA LYS F 149 26.84 31.97 3.32
C LYS F 149 27.79 31.81 2.17
N ASP F 150 27.32 32.16 0.98
CA ASP F 150 28.13 32.23 -0.23
C ASP F 150 28.80 30.93 -0.65
N TYR F 151 28.00 29.88 -0.86
CA TYR F 151 28.55 28.63 -1.36
C TYR F 151 27.96 28.27 -2.71
N PHE F 152 28.61 27.34 -3.40
CA PHE F 152 28.12 26.84 -4.68
C PHE F 152 28.91 25.61 -5.04
N PRO F 153 28.22 24.56 -5.51
CA PRO F 153 26.75 24.53 -5.59
C PRO F 153 26.10 23.87 -4.38
N GLU F 154 24.79 23.68 -4.47
CA GLU F 154 24.11 22.86 -3.47
C GLU F 154 24.77 21.49 -3.48
N PRO F 155 24.66 20.73 -2.38
CA PRO F 155 24.04 21.11 -1.10
C PRO F 155 25.08 21.25 0.00
N VAL F 156 24.66 21.73 1.18
CA VAL F 156 25.47 21.58 2.37
C VAL F 156 24.70 20.74 3.38
N THR F 157 25.40 20.15 4.33
CA THR F 157 24.76 19.52 5.47
C THR F 157 25.22 20.20 6.76
N VAL F 158 24.29 20.40 7.68
CA VAL F 158 24.60 21.07 8.93
C VAL F 158 24.14 20.19 10.06
N SER F 159 25.01 19.99 11.05
CA SER F 159 24.62 19.30 12.27
C SER F 159 25.06 20.16 13.43
N TRP F 160 24.61 19.80 14.63
CA TRP F 160 24.97 20.51 15.84
C TRP F 160 25.59 19.53 16.81
N ASN F 161 26.70 19.92 17.41
CA ASN F 161 27.44 19.04 18.31
C ASN F 161 27.61 17.62 17.75
N SER F 162 27.91 17.54 16.46
CA SER F 162 28.16 16.28 15.75
C SER F 162 26.93 15.37 15.69
N GLY F 163 25.74 15.96 15.75
CA GLY F 163 24.52 15.18 15.64
C GLY F 163 23.97 14.76 16.99
N ALA F 164 24.64 15.16 18.06
CA ALA F 164 24.12 14.89 19.41
C ALA F 164 22.95 15.82 19.74
N LEU F 165 22.99 17.04 19.22
CA LEU F 165 21.90 18.02 19.43
C LEU F 165 20.95 18.05 18.24
N THR F 166 19.72 17.60 18.45
CA THR F 166 18.75 17.55 17.34
C THR F 166 17.41 18.18 17.65
N SER F 167 16.96 18.10 18.90
CA SER F 167 15.74 18.77 19.32
C SER F 167 15.86 20.28 19.18
N GLY F 168 14.85 20.90 18.55
CA GLY F 168 14.79 22.34 18.40
C GLY F 168 15.62 22.87 17.25
N VAL F 169 16.19 21.97 16.44
CA VAL F 169 17.00 22.39 15.32
C VAL F 169 16.15 22.61 14.07
N HIS F 170 16.37 23.75 13.41
CA HIS F 170 15.77 24.03 12.11
C HIS F 170 16.83 24.49 11.15
N THR F 171 17.09 23.66 10.14
CA THR F 171 17.98 24.07 9.06
C THR F 171 17.14 24.46 7.86
N PHE F 172 17.29 25.72 7.46
CA PHE F 172 16.42 26.30 6.44
C PHE F 172 16.87 25.93 5.05
N PRO F 173 15.92 25.90 4.10
CA PRO F 173 16.21 25.74 2.68
C PRO F 173 17.08 26.90 2.23
N ALA F 174 18.12 26.59 1.46
CA ALA F 174 19.01 27.60 0.91
C ALA F 174 18.24 28.55 0.01
N VAL F 175 18.63 29.82 0.01
CA VAL F 175 18.15 30.75 -1.01
C VAL F 175 19.29 31.06 -1.98
N LEU F 176 18.93 31.26 -3.24
CA LEU F 176 19.87 31.69 -4.25
C LEU F 176 19.98 33.21 -4.26
N GLN F 177 21.12 33.72 -3.81
CA GLN F 177 21.31 35.16 -3.72
C GLN F 177 21.46 35.75 -5.13
N SER F 178 21.38 37.06 -5.23
CA SER F 178 21.52 37.70 -6.54
C SER F 178 22.91 37.47 -7.14
N SER F 179 23.91 37.23 -6.29
CA SER F 179 25.27 36.93 -6.74
C SER F 179 25.37 35.58 -7.45
N GLY F 180 24.34 34.75 -7.32
CA GLY F 180 24.39 33.42 -7.87
C GLY F 180 24.99 32.41 -6.91
N LEU F 181 25.30 32.84 -5.70
CA LEU F 181 25.74 31.90 -4.66
C LEU F 181 24.62 31.60 -3.68
N TYR F 182 24.69 30.44 -3.02
CA TYR F 182 23.68 30.04 -2.05
C TYR F 182 23.95 30.52 -0.62
N SER F 183 22.89 30.64 0.15
CA SER F 183 22.99 31.01 1.55
C SER F 183 21.86 30.35 2.35
N LEU F 184 22.17 29.89 3.56
CA LEU F 184 21.15 29.39 4.46
C LEU F 184 21.57 29.60 5.90
N SER F 185 20.58 29.54 6.78
CA SER F 185 20.83 29.56 8.21
CA SER F 185 20.80 29.57 8.21
C SER F 185 20.35 28.26 8.81
N SER F 186 20.99 27.88 9.90
CA SER F 186 20.57 26.73 10.69
C SER F 186 20.52 27.29 12.09
N VAL F 187 19.42 27.04 12.80
CA VAL F 187 19.29 27.58 14.13
C VAL F 187 18.89 26.49 15.08
N VAL F 188 19.05 26.76 16.37
CA VAL F 188 18.56 25.86 17.37
C VAL F 188 18.01 26.72 18.50
N THR F 189 16.90 26.28 19.07
CA THR F 189 16.35 26.96 20.23
C THR F 189 16.37 25.98 21.40
N VAL F 190 16.70 26.49 22.56
CA VAL F 190 16.85 25.71 23.77
C VAL F 190 16.13 26.45 24.90
N PRO F 191 15.83 25.75 26.00
CA PRO F 191 15.28 26.45 27.16
C PRO F 191 16.26 27.53 27.61
N SER F 192 15.74 28.72 27.94
CA SER F 192 16.58 29.83 28.36
C SER F 192 17.53 29.43 29.48
N SER F 193 17.02 28.63 30.41
CA SER F 193 17.77 28.26 31.60
C SER F 193 18.90 27.28 31.30
N SER F 194 18.84 26.65 30.14
CA SER F 194 19.86 25.68 29.78
C SER F 194 20.93 26.33 28.92
N LEU F 195 20.75 27.62 28.60
CA LEU F 195 21.59 28.27 27.58
C LEU F 195 23.11 28.07 27.75
N GLY F 196 23.65 28.45 28.89
CA GLY F 196 25.09 28.35 29.11
C GLY F 196 25.61 27.06 29.76
N THR F 197 24.81 25.99 29.72
CA THR F 197 25.17 24.75 30.39
C THR F 197 26.11 23.89 29.57
N LYS F 198 26.34 24.30 28.33
CA LYS F 198 27.03 23.46 27.37
C LYS F 198 27.63 24.26 26.24
N THR F 199 28.43 23.57 25.43
CA THR F 199 29.04 24.17 24.25
C THR F 199 28.18 23.90 23.02
N TYR F 200 28.05 24.87 22.14
CA TYR F 200 27.32 24.67 20.89
C TYR F 200 28.23 24.87 19.70
N THR F 201 28.33 23.84 18.86
CA THR F 201 29.10 23.92 17.62
C THR F 201 28.25 23.44 16.47
N CYS F 202 28.17 24.22 15.39
CA CYS F 202 27.51 23.76 14.18
C CYS F 202 28.55 23.19 13.23
N ASN F 203 28.24 22.03 12.67
CA ASN F 203 29.16 21.32 11.79
C ASN F 203 28.67 21.41 10.36
N VAL F 204 29.39 22.14 9.52
CA VAL F 204 28.96 22.35 8.15
C VAL F 204 29.84 21.59 7.15
N ASP F 205 29.22 20.78 6.31
CA ASP F 205 29.93 19.96 5.34
C ASP F 205 29.56 20.39 3.92
N HIS F 206 30.55 20.87 3.17
CA HIS F 206 30.33 21.14 1.75
C HIS F 206 31.22 20.23 0.91
N LYS F 207 30.63 19.15 0.40
CA LYS F 207 31.37 18.15 -0.37
C LYS F 207 32.05 18.73 -1.60
N PRO F 208 31.27 19.33 -2.52
CA PRO F 208 31.81 19.78 -3.81
C PRO F 208 33.11 20.56 -3.67
N SER F 209 33.28 21.29 -2.57
CA SER F 209 34.50 22.05 -2.36
C SER F 209 35.40 21.32 -1.38
N ASN F 210 34.98 20.14 -0.95
CA ASN F 210 35.69 19.38 0.07
C ASN F 210 35.92 20.24 1.32
N THR F 211 34.95 21.08 1.65
CA THR F 211 35.03 21.94 2.82
C THR F 211 34.35 21.30 4.03
N LYS F 212 34.98 21.44 5.20
CA LYS F 212 34.38 21.01 6.44
C LYS F 212 34.70 22.04 7.52
N VAL F 213 33.65 22.63 8.10
CA VAL F 213 33.82 23.67 9.10
C VAL F 213 33.00 23.40 10.35
N ASP F 214 33.65 23.49 11.51
CA ASP F 214 32.94 23.41 12.77
C ASP F 214 33.08 24.76 13.44
N LYS F 215 31.97 25.51 13.48
CA LYS F 215 31.96 26.84 14.08
C LYS F 215 31.33 26.81 15.46
N ARG F 216 32.12 27.17 16.46
CA ARG F 216 31.59 27.37 17.80
C ARG F 216 30.77 28.64 17.85
N VAL F 217 29.57 28.57 18.43
CA VAL F 217 28.72 29.74 18.59
C VAL F 217 28.58 30.10 20.06
N HIS F 218 29.19 31.21 20.48
CA HIS F 218 29.02 31.70 21.86
C HIS F 218 27.61 32.24 22.11
N HIS F 219 27.42 33.00 23.19
CA HIS F 219 26.12 33.62 23.45
C HIS F 219 26.19 35.00 24.09
N HIS F 220 25.29 35.88 23.65
CA HIS F 220 25.24 37.24 24.14
C HIS F 220 26.10 38.18 23.32
N HIS F 221 27.37 37.85 23.14
CA HIS F 221 28.27 38.67 22.35
C HIS F 221 27.76 38.76 20.93
N HIS F 222 28.69 38.73 19.97
CA HIS F 222 28.34 38.76 18.56
C HIS F 222 28.83 40.07 17.94
N ASP G 1 40.78 -44.26 36.59
CA ASP G 1 39.72 -43.92 35.66
C ASP G 1 38.35 -44.24 36.24
N ILE G 2 37.43 -43.28 36.12
CA ILE G 2 36.06 -43.46 36.61
C ILE G 2 35.08 -43.64 35.45
N GLN G 3 34.29 -44.70 35.51
CA GLN G 3 33.34 -45.00 34.44
C GLN G 3 31.90 -44.75 34.87
N MET G 4 31.07 -44.30 33.94
CA MET G 4 29.65 -44.07 34.20
C MET G 4 28.85 -45.22 33.61
N THR G 5 27.98 -45.83 34.42
CA THR G 5 27.12 -46.92 34.00
C THR G 5 25.68 -46.44 33.93
N GLN G 6 25.18 -46.25 32.73
CA GLN G 6 23.87 -45.67 32.53
C GLN G 6 22.82 -46.72 32.26
N SER G 7 21.59 -46.46 32.70
CA SER G 7 20.45 -47.33 32.39
C SER G 7 19.13 -46.58 32.54
N PRO G 8 18.09 -47.03 31.82
CA PRO G 8 18.14 -48.20 30.94
C PRO G 8 18.72 -47.84 29.58
N ALA G 9 18.89 -48.84 28.73
CA ALA G 9 19.43 -48.63 27.41
C ALA G 9 18.39 -47.95 26.53
N SER G 10 17.13 -48.26 26.78
CA SER G 10 16.06 -47.68 25.99
C SER G 10 14.72 -47.72 26.71
N LEU G 11 13.88 -46.75 26.37
CA LEU G 11 12.65 -46.46 27.08
C LEU G 11 11.62 -46.09 26.06
N SER G 12 10.41 -46.62 26.23
CA SER G 12 9.30 -46.24 25.38
C SER G 12 8.27 -45.61 26.29
N ALA G 13 7.82 -44.40 25.96
CA ALA G 13 6.90 -43.67 26.81
C ALA G 13 6.02 -42.75 25.99
N SER G 14 4.84 -42.42 26.50
CA SER G 14 3.90 -41.57 25.79
C SER G 14 3.97 -40.13 26.25
N VAL G 15 3.46 -39.22 25.43
CA VAL G 15 3.30 -37.84 25.86
C VAL G 15 2.49 -37.83 27.15
N GLY G 16 3.03 -37.17 28.17
CA GLY G 16 2.34 -37.04 29.44
C GLY G 16 2.89 -37.95 30.51
N GLU G 17 3.65 -38.96 30.13
CA GLU G 17 4.19 -39.92 31.09
C GLU G 17 5.47 -39.39 31.73
N THR G 18 5.91 -40.06 32.79
CA THR G 18 7.08 -39.61 33.54
C THR G 18 8.12 -40.72 33.52
N VAL G 19 9.38 -40.36 33.28
CA VAL G 19 10.47 -41.34 33.23
C VAL G 19 11.68 -40.93 34.07
N THR G 20 12.48 -41.94 34.44
CA THR G 20 13.72 -41.72 35.16
C THR G 20 14.85 -42.47 34.47
N ILE G 21 15.95 -41.76 34.29
CA ILE G 21 17.15 -42.30 33.66
C ILE G 21 18.25 -42.20 34.69
N THR G 22 19.05 -43.25 34.86
CA THR G 22 20.05 -43.27 35.93
C THR G 22 21.48 -43.53 35.46
N CYS G 23 22.44 -42.96 36.19
CA CYS G 23 23.85 -43.19 35.95
C CYS G 23 24.58 -43.50 37.25
N ARG G 24 25.40 -44.55 37.23
CA ARG G 24 26.22 -44.93 38.37
C ARG G 24 27.70 -44.67 38.09
N ALA G 25 28.36 -43.93 38.97
CA ALA G 25 29.79 -43.68 38.82
C ALA G 25 30.58 -44.78 39.50
N SER G 26 31.70 -45.18 38.89
CA SER G 26 32.53 -46.23 39.47
C SER G 26 33.39 -45.68 40.59
N GLY G 27 33.13 -44.43 40.96
CA GLY G 27 33.84 -43.79 42.04
C GLY G 27 33.31 -42.38 42.27
N ASN G 28 33.66 -41.80 43.42
CA ASN G 28 33.21 -40.47 43.79
C ASN G 28 33.56 -39.40 42.74
N ILE G 29 32.53 -38.70 42.25
CA ILE G 29 32.69 -37.66 41.26
C ILE G 29 32.14 -36.34 41.78
N HIS G 30 31.85 -36.33 43.07
CA HIS G 30 31.26 -35.17 43.72
C HIS G 30 29.97 -34.75 43.04
N ASN G 31 29.83 -33.49 42.68
CA ASN G 31 28.61 -33.08 41.98
C ASN G 31 28.87 -32.82 40.50
N TYR G 32 30.02 -33.26 40.01
CA TYR G 32 30.45 -32.93 38.65
C TYR G 32 29.83 -33.89 37.62
N LEU G 33 28.52 -33.75 37.43
CA LEU G 33 27.78 -34.64 36.53
C LEU G 33 26.88 -33.79 35.65
N ALA G 34 27.01 -33.95 34.34
CA ALA G 34 26.14 -33.28 33.37
C ALA G 34 25.22 -34.28 32.65
N TRP G 35 24.04 -33.81 32.26
CA TRP G 35 23.15 -34.56 31.38
C TRP G 35 22.94 -33.81 30.08
N TYR G 36 23.00 -34.56 28.97
CA TYR G 36 22.80 -34.02 27.63
C TYR G 36 21.60 -34.64 26.97
N GLN G 37 20.93 -33.88 26.13
CA GLN G 37 19.91 -34.41 25.25
C GLN G 37 20.43 -34.35 23.82
N GLN G 38 20.19 -35.41 23.03
CA GLN G 38 20.58 -35.41 21.62
C GLN G 38 19.45 -35.91 20.74
N LYS G 39 19.04 -35.08 19.78
CA LYS G 39 17.98 -35.46 18.86
C LYS G 39 18.61 -35.98 17.59
N GLN G 40 17.87 -36.81 16.86
CA GLN G 40 18.35 -37.43 15.63
C GLN G 40 19.09 -36.47 14.71
N GLY G 41 20.31 -36.84 14.33
CA GLY G 41 21.09 -36.07 13.38
C GLY G 41 21.56 -34.71 13.88
N LYS G 42 21.45 -34.47 15.18
CA LYS G 42 21.84 -33.18 15.75
C LYS G 42 22.93 -33.39 16.80
N SER G 43 23.55 -32.29 17.24
CA SER G 43 24.52 -32.32 18.33
C SER G 43 23.85 -32.41 19.70
N PRO G 44 24.55 -33.03 20.67
CA PRO G 44 24.04 -33.05 22.04
C PRO G 44 23.87 -31.62 22.53
N GLN G 45 22.88 -31.42 23.40
CA GLN G 45 22.63 -30.14 24.06
C GLN G 45 22.66 -30.36 25.57
N LEU G 46 23.24 -29.40 26.28
CA LEU G 46 23.36 -29.49 27.73
C LEU G 46 22.01 -29.33 28.40
N LEU G 47 21.71 -30.20 29.35
CA LEU G 47 20.41 -30.16 30.01
C LEU G 47 20.53 -29.79 31.47
N VAL G 48 21.43 -30.48 32.15
CA VAL G 48 21.60 -30.35 33.59
C VAL G 48 23.08 -30.39 33.87
N TYR G 49 23.53 -29.61 34.85
CA TYR G 49 24.92 -29.70 35.28
C TYR G 49 25.05 -29.59 36.80
N ASN G 50 26.26 -29.86 37.31
CA ASN G 50 26.44 -29.96 38.75
C ASN G 50 25.38 -30.88 39.38
N ALA G 51 25.00 -31.89 38.60
CA ALA G 51 24.09 -32.96 39.03
C ALA G 51 22.63 -32.55 39.16
N LYS G 52 22.37 -31.31 39.55
CA LYS G 52 21.00 -30.89 39.84
C LYS G 52 20.55 -29.54 39.27
N THR G 53 21.43 -28.84 38.54
CA THR G 53 21.08 -27.51 38.03
C THR G 53 20.67 -27.50 36.56
N LEU G 54 19.48 -26.98 36.28
CA LEU G 54 18.99 -26.92 34.90
C LEU G 54 19.80 -25.92 34.11
N ALA G 55 20.19 -26.28 32.89
CA ALA G 55 20.84 -25.33 32.00
C ALA G 55 19.80 -24.30 31.55
N ASP G 56 20.27 -23.17 31.02
CA ASP G 56 19.35 -22.12 30.59
C ASP G 56 18.30 -22.64 29.63
N GLY G 57 17.03 -22.26 29.84
CA GLY G 57 15.98 -22.57 28.90
C GLY G 57 15.29 -23.90 29.11
N VAL G 58 15.85 -24.73 29.98
CA VAL G 58 15.31 -26.06 30.25
C VAL G 58 14.15 -25.98 31.25
N PRO G 59 12.97 -26.52 30.85
CA PRO G 59 11.77 -26.49 31.68
C PRO G 59 11.89 -27.34 32.92
N SER G 60 11.16 -26.95 33.96
CA SER G 60 11.31 -27.55 35.27
C SER G 60 10.77 -28.97 35.35
N ARG G 61 10.09 -29.45 34.31
CA ARG G 61 9.67 -30.85 34.28
C ARG G 61 10.91 -31.74 34.23
N PHE G 62 12.05 -31.13 33.91
CA PHE G 62 13.33 -31.84 34.01
C PHE G 62 13.90 -31.63 35.40
N SER G 63 14.51 -32.67 35.95
CA SER G 63 15.23 -32.51 37.19
C SER G 63 16.34 -33.53 37.34
N GLY G 64 17.33 -33.19 38.14
CA GLY G 64 18.43 -34.09 38.42
C GLY G 64 18.60 -34.26 39.90
N SER G 65 18.94 -35.47 40.31
CA SER G 65 19.17 -35.76 41.72
C SER G 65 20.42 -36.62 41.88
N GLU G 66 20.92 -36.69 43.11
CA GLU G 66 22.15 -37.42 43.38
C GLU G 66 22.07 -38.13 44.72
N SER G 67 22.65 -39.32 44.79
CA SER G 67 22.72 -40.08 46.04
C SER G 67 23.98 -40.92 46.06
N GLY G 68 25.01 -40.41 46.72
CA GLY G 68 26.32 -41.02 46.65
C GLY G 68 26.73 -41.06 45.20
N THR G 69 27.12 -42.24 44.71
CA THR G 69 27.63 -42.37 43.34
C THR G 69 26.51 -42.61 42.33
N GLN G 70 25.26 -42.37 42.74
CA GLN G 70 24.09 -42.62 41.91
C GLN G 70 23.40 -41.33 41.49
N TYR G 71 23.20 -41.17 40.18
CA TYR G 71 22.65 -39.94 39.59
C TYR G 71 21.45 -40.21 38.71
N SER G 72 20.41 -39.39 38.85
CA SER G 72 19.16 -39.62 38.12
C SER G 72 18.70 -38.35 37.42
N LEU G 73 18.17 -38.54 36.22
CA LEU G 73 17.49 -37.49 35.46
C LEU G 73 16.04 -37.91 35.33
N LYS G 74 15.14 -37.06 35.81
CA LYS G 74 13.72 -37.35 35.71
C LYS G 74 13.07 -36.34 34.79
N ILE G 75 12.10 -36.82 34.01
CA ILE G 75 11.31 -35.94 33.14
C ILE G 75 9.85 -36.22 33.44
N ASN G 76 9.19 -35.25 34.06
CA ASN G 76 7.79 -35.40 34.43
C ASN G 76 6.90 -34.83 33.34
N SER G 77 5.90 -35.60 32.90
CA SER G 77 5.00 -35.12 31.85
C SER G 77 5.74 -34.87 30.51
N LEU G 78 6.30 -35.93 29.95
CA LEU G 78 6.98 -35.84 28.65
C LEU G 78 6.19 -35.04 27.63
N GLN G 79 6.89 -34.18 26.90
CA GLN G 79 6.33 -33.45 25.76
C GLN G 79 6.90 -34.03 24.46
N PRO G 80 6.29 -33.68 23.31
CA PRO G 80 6.79 -34.25 22.04
C PRO G 80 8.26 -33.91 21.74
N GLU G 81 8.76 -32.77 22.21
CA GLU G 81 10.14 -32.39 21.94
C GLU G 81 11.16 -33.13 22.80
N ASP G 82 10.67 -33.88 23.79
CA ASP G 82 11.56 -34.53 24.74
C ASP G 82 12.13 -35.87 24.24
N PHE G 83 11.62 -36.37 23.12
CA PHE G 83 12.06 -37.67 22.62
C PHE G 83 13.39 -37.58 21.87
N GLY G 84 14.23 -38.60 22.05
CA GLY G 84 15.61 -38.56 21.58
C GLY G 84 16.50 -39.35 22.51
N SER G 85 17.81 -39.05 22.51
CA SER G 85 18.73 -39.78 23.38
C SER G 85 19.27 -38.91 24.50
N TYR G 86 19.62 -39.56 25.62
CA TYR G 86 20.14 -38.85 26.79
C TYR G 86 21.42 -39.52 27.25
N TYR G 87 22.39 -38.69 27.62
CA TYR G 87 23.68 -39.16 28.12
C TYR G 87 24.05 -38.37 29.35
N CYS G 88 24.62 -39.05 30.35
CA CYS G 88 25.28 -38.37 31.45
C CYS G 88 26.77 -38.24 31.15
N GLN G 89 27.44 -37.37 31.88
CA GLN G 89 28.89 -37.20 31.73
C GLN G 89 29.47 -36.67 33.04
N HIS G 90 30.56 -37.27 33.51
CA HIS G 90 31.24 -36.70 34.67
C HIS G 90 32.40 -35.80 34.26
N PHE G 91 32.74 -34.85 35.12
CA PHE G 91 33.79 -33.89 34.86
C PHE G 91 34.75 -33.81 36.05
N TRP G 92 35.01 -34.95 36.70
CA TRP G 92 35.94 -34.94 37.81
C TRP G 92 37.36 -35.17 37.32
N SER G 93 37.77 -36.44 37.23
CA SER G 93 39.12 -36.77 36.79
C SER G 93 39.14 -37.14 35.31
N THR G 94 40.21 -36.80 34.60
CA THR G 94 40.32 -37.25 33.21
C THR G 94 40.65 -38.73 33.22
N PRO G 95 40.04 -39.50 32.28
CA PRO G 95 39.16 -39.05 31.20
C PRO G 95 37.74 -38.72 31.69
N PHE G 96 37.16 -37.64 31.16
CA PHE G 96 35.76 -37.27 31.46
C PHE G 96 34.80 -38.17 30.67
N THR G 97 34.39 -39.28 31.26
CA THR G 97 33.63 -40.29 30.53
C THR G 97 32.10 -40.05 30.48
N PHE G 98 31.48 -40.61 29.44
CA PHE G 98 30.04 -40.57 29.24
C PHE G 98 29.38 -41.90 29.61
N GLY G 99 28.10 -41.81 30.00
CA GLY G 99 27.28 -43.00 30.10
C GLY G 99 26.98 -43.50 28.71
N SER G 100 26.55 -44.77 28.59
CA SER G 100 26.34 -45.39 27.29
C SER G 100 25.05 -44.93 26.59
N GLY G 101 24.21 -44.17 27.29
CA GLY G 101 23.07 -43.57 26.63
C GLY G 101 21.74 -44.28 26.86
N THR G 102 20.67 -43.52 26.72
CA THR G 102 19.32 -44.02 26.84
C THR G 102 18.52 -43.45 25.69
N LYS G 103 17.97 -44.32 24.85
CA LYS G 103 17.12 -43.85 23.78
C LYS G 103 15.68 -43.80 24.28
N LEU G 104 15.07 -42.62 24.18
CA LEU G 104 13.69 -42.41 24.60
C LEU G 104 12.84 -42.31 23.36
N GLU G 105 12.03 -43.33 23.09
CA GLU G 105 11.14 -43.34 21.92
C GLU G 105 9.69 -43.12 22.30
N LEU G 106 8.93 -42.56 21.36
CA LEU G 106 7.54 -42.22 21.60
C LEU G 106 6.65 -43.46 21.47
N LYS G 107 5.84 -43.70 22.50
CA LYS G 107 4.94 -44.82 22.52
C LYS G 107 3.60 -44.44 21.89
N ARG G 108 3.33 -45.00 20.71
CA ARG G 108 2.04 -44.86 20.04
C ARG G 108 1.00 -45.54 20.92
N GLY G 109 -0.21 -45.01 20.98
CA GLY G 109 -1.21 -45.53 21.89
C GLY G 109 -1.76 -46.88 21.43
N THR G 110 -1.82 -47.08 20.11
CA THR G 110 -2.34 -48.33 19.56
C THR G 110 -1.30 -49.02 18.68
N VAL G 111 -1.44 -50.34 18.58
CA VAL G 111 -0.55 -51.17 17.79
C VAL G 111 -0.91 -50.96 16.34
N ALA G 112 0.08 -50.97 15.45
CA ALA G 112 -0.24 -50.93 14.02
C ALA G 112 0.46 -52.09 13.35
N ALA G 113 -0.29 -52.94 12.67
CA ALA G 113 0.26 -54.11 12.00
C ALA G 113 0.98 -53.72 10.71
N PRO G 114 2.09 -54.37 10.41
CA PRO G 114 2.72 -54.05 9.12
C PRO G 114 1.89 -54.56 7.96
N SER G 115 1.86 -53.81 6.87
CA SER G 115 1.46 -54.37 5.59
C SER G 115 2.72 -54.97 5.01
N VAL G 116 2.64 -56.21 4.55
CA VAL G 116 3.85 -56.91 4.10
C VAL G 116 3.87 -57.16 2.59
N PHE G 117 5.03 -56.98 1.97
CA PHE G 117 5.19 -57.21 0.53
C PHE G 117 6.50 -57.90 0.24
N ILE G 118 6.47 -58.81 -0.73
CA ILE G 118 7.70 -59.42 -1.24
C ILE G 118 7.91 -59.07 -2.71
N PHE G 119 9.15 -58.77 -3.07
CA PHE G 119 9.49 -58.43 -4.44
C PHE G 119 10.54 -59.41 -4.95
N PRO G 120 10.25 -60.12 -6.05
CA PRO G 120 11.28 -61.02 -6.59
C PRO G 120 12.42 -60.21 -7.20
N PRO G 121 13.59 -60.84 -7.44
CA PRO G 121 14.66 -60.17 -8.19
C PRO G 121 14.21 -59.85 -9.61
N SER G 122 14.75 -58.77 -10.17
CA SER G 122 14.44 -58.42 -11.55
C SER G 122 15.28 -59.23 -12.55
N ASP G 123 14.74 -59.41 -13.76
CA ASP G 123 15.51 -60.07 -14.81
C ASP G 123 16.80 -59.32 -15.07
N GLU G 124 16.73 -57.98 -14.98
CA GLU G 124 17.92 -57.14 -15.13
C GLU G 124 19.07 -57.59 -14.24
N GLN G 125 18.80 -57.66 -12.94
CA GLN G 125 19.81 -58.04 -11.97
C GLN G 125 20.31 -59.45 -12.20
N LEU G 126 19.37 -60.37 -12.45
CA LEU G 126 19.70 -61.78 -12.65
C LEU G 126 20.74 -61.94 -13.75
N LYS G 127 20.56 -61.19 -14.82
CA LYS G 127 21.49 -61.23 -15.94
C LYS G 127 22.89 -61.02 -15.38
N SER G 128 23.00 -60.19 -14.35
CA SER G 128 24.30 -59.78 -13.82
C SER G 128 24.93 -60.78 -12.86
N GLY G 129 24.18 -61.79 -12.45
CA GLY G 129 24.75 -62.85 -11.64
C GLY G 129 24.34 -62.89 -10.19
N THR G 130 23.48 -61.95 -9.78
CA THR G 130 23.04 -61.91 -8.40
C THR G 130 21.52 -61.81 -8.32
N ALA G 131 20.95 -62.34 -7.25
CA ALA G 131 19.53 -62.19 -7.00
C ALA G 131 19.29 -61.54 -5.63
N SER G 132 18.67 -60.37 -5.62
CA SER G 132 18.22 -59.75 -4.38
C SER G 132 16.71 -59.94 -4.26
N VAL G 133 16.26 -60.44 -3.12
CA VAL G 133 14.82 -60.58 -2.85
C VAL G 133 14.49 -59.64 -1.70
N VAL G 134 13.50 -58.77 -1.89
CA VAL G 134 13.20 -57.76 -0.88
C VAL G 134 11.84 -57.99 -0.21
N CYS G 135 11.83 -57.89 1.11
CA CYS G 135 10.59 -57.99 1.87
C CYS G 135 10.38 -56.65 2.55
N LEU G 136 9.19 -56.11 2.42
CA LEU G 136 8.87 -54.78 2.97
C LEU G 136 7.78 -54.88 4.04
N LEU G 137 8.06 -54.30 5.20
CA LEU G 137 7.07 -54.19 6.27
C LEU G 137 6.71 -52.72 6.40
N ASN G 138 5.47 -52.38 6.07
CA ASN G 138 5.13 -50.96 5.99
C ASN G 138 4.28 -50.42 7.14
N ASN G 139 4.76 -49.34 7.74
CA ASN G 139 3.98 -48.58 8.71
C ASN G 139 3.48 -49.36 9.91
N PHE G 140 4.39 -49.84 10.75
CA PHE G 140 3.99 -50.66 11.89
C PHE G 140 4.43 -50.08 13.23
N TYR G 141 3.77 -50.56 14.27
CA TYR G 141 4.13 -50.24 15.63
C TYR G 141 3.59 -51.35 16.54
N PRO G 142 4.41 -51.83 17.49
CA PRO G 142 5.71 -51.26 17.88
C PRO G 142 6.86 -51.65 16.96
N ARG G 143 8.05 -51.18 17.32
CA ARG G 143 9.27 -51.42 16.55
C ARG G 143 9.60 -52.92 16.38
N GLU G 144 9.48 -53.69 17.46
CA GLU G 144 9.88 -55.09 17.46
C GLU G 144 9.17 -55.91 16.38
N ALA G 145 9.93 -56.64 15.59
CA ALA G 145 9.35 -57.39 14.50
C ALA G 145 10.28 -58.50 14.09
N LYS G 146 9.74 -59.71 13.88
CA LYS G 146 10.55 -60.82 13.41
C LYS G 146 10.32 -61.07 11.92
N VAL G 147 11.39 -60.96 11.15
CA VAL G 147 11.33 -61.26 9.72
C VAL G 147 12.21 -62.46 9.45
N GLN G 148 11.61 -63.58 9.08
CA GLN G 148 12.39 -64.77 8.71
C GLN G 148 12.25 -65.11 7.22
N TRP G 149 13.39 -65.26 6.55
CA TRP G 149 13.41 -65.72 5.17
C TRP G 149 13.39 -67.25 5.12
N LYS G 150 12.60 -67.80 4.21
CA LYS G 150 12.55 -69.25 4.05
C LYS G 150 12.71 -69.59 2.57
N VAL G 151 13.55 -70.59 2.30
CA VAL G 151 13.80 -71.02 0.92
C VAL G 151 13.54 -72.52 0.84
N ASP G 152 12.60 -72.93 0.00
CA ASP G 152 12.08 -74.29 0.04
C ASP G 152 11.81 -74.70 1.50
N ASN G 153 11.24 -73.76 2.25
CA ASN G 153 10.87 -73.95 3.66
C ASN G 153 12.05 -74.16 4.61
N ALA G 154 13.25 -73.78 4.17
CA ALA G 154 14.40 -73.83 5.06
C ALA G 154 14.67 -72.43 5.61
N LEU G 155 14.69 -72.30 6.95
CA LEU G 155 14.96 -71.00 7.56
CA LEU G 155 14.95 -71.00 7.57
C LEU G 155 16.34 -70.52 7.17
N GLN G 156 16.43 -69.28 6.69
CA GLN G 156 17.69 -68.71 6.25
C GLN G 156 18.39 -67.97 7.38
N SER G 157 19.72 -67.91 7.30
CA SER G 157 20.53 -67.22 8.30
C SER G 157 21.78 -66.65 7.63
N GLY G 158 22.09 -65.40 7.95
CA GLY G 158 23.35 -64.80 7.52
C GLY G 158 23.46 -64.32 6.08
N ASN G 159 22.36 -64.31 5.35
CA ASN G 159 22.40 -63.89 3.95
C ASN G 159 21.40 -62.78 3.66
N SER G 160 21.03 -62.05 4.70
CA SER G 160 20.10 -60.94 4.58
C SER G 160 20.50 -59.75 5.47
N GLN G 161 20.02 -58.57 5.12
CA GLN G 161 20.21 -57.37 5.94
C GLN G 161 18.89 -56.59 6.02
N GLU G 162 18.66 -55.95 7.17
CA GLU G 162 17.47 -55.12 7.41
C GLU G 162 17.87 -53.65 7.54
N SER G 163 16.93 -52.76 7.26
CA SER G 163 17.09 -51.33 7.44
C SER G 163 15.72 -50.83 7.91
N VAL G 164 15.71 -49.92 8.90
CA VAL G 164 14.43 -49.44 9.45
C VAL G 164 14.36 -47.91 9.39
N THR G 165 13.20 -47.36 9.07
CA THR G 165 13.09 -45.91 9.02
C THR G 165 13.00 -45.33 10.41
N GLU G 166 13.27 -44.03 10.53
CA GLU G 166 13.05 -43.37 11.79
C GLU G 166 11.54 -43.33 12.01
N GLN G 167 11.13 -43.34 13.26
CA GLN G 167 9.71 -43.28 13.58
C GLN G 167 9.07 -42.12 12.83
N ASP G 168 7.91 -42.33 12.22
CA ASP G 168 7.21 -41.25 11.53
C ASP G 168 6.80 -40.17 12.53
N SER G 169 7.04 -38.91 12.18
CA SER G 169 6.71 -37.81 13.08
C SER G 169 5.19 -37.61 13.18
N LYS G 170 4.49 -37.98 12.12
CA LYS G 170 3.04 -37.86 12.07
C LYS G 170 2.29 -39.05 12.69
N ASP G 171 2.55 -40.28 12.22
CA ASP G 171 1.80 -41.44 12.71
C ASP G 171 2.54 -42.35 13.70
N SER G 172 3.80 -42.05 13.96
CA SER G 172 4.60 -42.74 14.99
C SER G 172 4.96 -44.20 14.64
N THR G 173 4.81 -44.57 13.38
CA THR G 173 5.10 -45.92 12.97
C THR G 173 6.47 -46.04 12.32
N TYR G 174 6.87 -47.27 12.06
CA TYR G 174 8.15 -47.59 11.47
C TYR G 174 7.86 -48.36 10.19
N SER G 175 8.79 -48.33 9.25
CA SER G 175 8.77 -49.26 8.13
C SER G 175 10.10 -49.97 8.06
N LEU G 176 10.12 -51.16 7.48
CA LEU G 176 11.35 -51.94 7.46
C LEU G 176 11.53 -52.63 6.12
N SER G 177 12.79 -52.72 5.69
CA SER G 177 13.14 -53.43 4.47
CA SER G 177 13.13 -53.44 4.47
C SER G 177 14.18 -54.49 4.77
N SER G 178 13.93 -55.71 4.33
CA SER G 178 14.88 -56.81 4.49
C SER G 178 15.23 -57.34 3.10
N THR G 179 16.52 -57.46 2.84
CA THR G 179 16.99 -57.94 1.55
C THR G 179 17.74 -59.24 1.76
N LEU G 180 17.26 -60.30 1.10
CA LEU G 180 17.97 -61.56 0.99
C LEU G 180 18.82 -61.55 -0.29
N THR G 181 20.11 -61.84 -0.17
CA THR G 181 20.95 -61.82 -1.36
C THR G 181 21.57 -63.20 -1.63
N LEU G 182 21.44 -63.67 -2.86
CA LEU G 182 21.97 -64.96 -3.26
C LEU G 182 22.65 -64.80 -4.61
N SER G 183 23.65 -65.62 -4.89
CA SER G 183 24.17 -65.67 -6.24
C SER G 183 23.05 -66.21 -7.12
N LYS G 184 23.13 -65.94 -8.42
CA LYS G 184 22.17 -66.51 -9.37
C LYS G 184 22.18 -68.05 -9.30
N ALA G 185 23.35 -68.63 -9.05
CA ALA G 185 23.46 -70.09 -8.95
C ALA G 185 22.65 -70.62 -7.78
N ASP G 186 22.84 -70.03 -6.60
CA ASP G 186 22.10 -70.49 -5.42
C ASP G 186 20.61 -70.25 -5.56
N TYR G 187 20.25 -69.08 -6.08
CA TYR G 187 18.87 -68.72 -6.35
C TYR G 187 18.18 -69.79 -7.21
N GLU G 188 18.89 -70.27 -8.23
CA GLU G 188 18.36 -71.31 -9.12
C GLU G 188 18.40 -72.76 -8.60
N LYS G 189 18.76 -72.96 -7.32
CA LYS G 189 18.70 -74.29 -6.71
C LYS G 189 17.34 -74.58 -6.09
N HIS G 190 16.55 -73.53 -5.90
CA HIS G 190 15.30 -73.66 -5.15
C HIS G 190 14.14 -73.01 -5.88
N LYS G 191 12.94 -73.23 -5.38
CA LYS G 191 11.71 -72.79 -6.03
C LYS G 191 10.99 -71.70 -5.24
N VAL G 192 10.77 -71.97 -3.96
CA VAL G 192 9.86 -71.14 -3.18
C VAL G 192 10.63 -70.14 -2.32
N TYR G 193 10.35 -68.86 -2.54
CA TYR G 193 10.99 -67.82 -1.75
C TYR G 193 9.94 -67.12 -0.91
N ALA G 194 10.14 -67.16 0.40
CA ALA G 194 9.13 -66.64 1.31
C ALA G 194 9.72 -65.77 2.42
N CYS G 195 8.99 -64.72 2.73
CA CYS G 195 9.27 -63.88 3.86
CA CYS G 195 9.31 -63.95 3.90
C CYS G 195 8.16 -64.05 4.91
N GLU G 196 8.53 -64.45 6.14
CA GLU G 196 7.55 -64.65 7.20
C GLU G 196 7.73 -63.59 8.28
N VAL G 197 6.64 -62.88 8.61
CA VAL G 197 6.71 -61.76 9.52
C VAL G 197 5.83 -62.00 10.73
N THR G 198 6.41 -61.84 11.92
CA THR G 198 5.69 -61.93 13.17
C THR G 198 5.70 -60.56 13.84
N HIS G 199 4.53 -60.10 14.25
CA HIS G 199 4.41 -58.79 14.87
C HIS G 199 3.18 -58.79 15.80
N GLN G 200 3.24 -57.99 16.86
CA GLN G 200 2.14 -57.92 17.83
C GLN G 200 0.81 -57.55 17.20
N GLY G 201 0.86 -56.81 16.09
CA GLY G 201 -0.33 -56.38 15.38
C GLY G 201 -0.92 -57.43 14.44
N LEU G 202 -0.20 -58.52 14.23
CA LEU G 202 -0.64 -59.61 13.35
C LEU G 202 -1.17 -60.76 14.19
N SER G 203 -2.38 -61.20 13.90
CA SER G 203 -3.00 -62.20 14.76
C SER G 203 -2.19 -63.49 14.70
N SER G 204 -1.65 -63.80 13.52
CA SER G 204 -0.67 -64.89 13.38
C SER G 204 0.34 -64.47 12.31
N PRO G 205 1.50 -65.13 12.26
CA PRO G 205 2.56 -64.70 11.32
C PRO G 205 2.07 -64.65 9.87
N VAL G 206 2.46 -63.59 9.16
CA VAL G 206 2.08 -63.42 7.77
C VAL G 206 3.22 -63.86 6.86
N THR G 207 2.90 -64.70 5.88
CA THR G 207 3.90 -65.10 4.89
C THR G 207 3.52 -64.59 3.50
N LYS G 208 4.49 -63.96 2.83
CA LYS G 208 4.36 -63.58 1.44
C LYS G 208 5.42 -64.36 0.69
N SER G 209 5.05 -64.93 -0.45
CA SER G 209 5.98 -65.77 -1.17
C SER G 209 5.76 -65.73 -2.67
N PHE G 210 6.75 -66.21 -3.41
CA PHE G 210 6.58 -66.49 -4.83
C PHE G 210 7.39 -67.72 -5.20
N ASN G 211 7.08 -68.30 -6.36
CA ASN G 211 7.90 -69.38 -6.92
C ASN G 211 8.79 -68.81 -8.00
N ARG G 212 10.09 -69.05 -7.89
CA ARG G 212 11.02 -68.66 -8.96
C ARG G 212 10.51 -69.22 -10.28
N GLY G 213 10.26 -68.33 -11.23
CA GLY G 213 9.75 -68.73 -12.54
C GLY G 213 8.37 -68.21 -12.86
N GLU G 214 7.59 -67.84 -11.85
CA GLU G 214 6.21 -67.46 -12.11
C GLU G 214 6.05 -65.97 -12.37
N CYS G 215 7.13 -65.21 -12.18
CA CYS G 215 7.10 -63.77 -12.38
C CYS G 215 7.71 -63.42 -13.73
N PCA H 1 25.87 -15.42 18.65
CA PCA H 1 26.00 -16.62 19.47
CB PCA H 1 24.99 -17.66 19.01
CG PCA H 1 24.52 -17.24 17.63
CD PCA H 1 24.98 -15.82 17.55
OE PCA H 1 24.62 -15.07 16.66
C PCA H 1 27.40 -17.24 19.36
O PCA H 1 28.09 -17.02 18.38
N VAL H 2 27.80 -18.00 20.37
CA VAL H 2 29.00 -18.82 20.26
C VAL H 2 28.81 -19.75 19.05
N GLN H 3 29.84 -19.87 18.23
CA GLN H 3 29.74 -20.75 17.06
C GLN H 3 31.00 -21.59 16.93
N LEU H 4 30.83 -22.89 16.74
CA LEU H 4 31.97 -23.76 16.46
C LEU H 4 31.70 -24.40 15.11
N GLN H 5 32.52 -24.11 14.12
CA GLN H 5 32.20 -24.53 12.76
C GLN H 5 33.08 -25.68 12.30
N GLN H 6 32.45 -26.81 11.99
CA GLN H 6 33.15 -28.01 11.52
C GLN H 6 32.65 -28.38 10.13
N PRO H 7 33.53 -28.94 9.29
CA PRO H 7 33.07 -29.51 8.01
C PRO H 7 32.10 -30.67 8.28
N GLY H 8 31.12 -30.86 7.40
CA GLY H 8 30.17 -31.94 7.57
C GLY H 8 30.72 -33.36 7.44
N ALA H 9 31.69 -33.59 6.58
CA ALA H 9 32.20 -34.97 6.40
C ALA H 9 33.58 -35.06 5.82
N GLU H 10 34.25 -36.17 6.10
CA GLU H 10 35.52 -36.52 5.49
C GLU H 10 35.53 -38.00 5.11
N LEU H 11 35.73 -38.27 3.83
CA LEU H 11 35.86 -39.66 3.39
C LEU H 11 37.35 -39.97 3.25
N VAL H 12 37.80 -41.01 3.94
CA VAL H 12 39.23 -41.28 4.07
C VAL H 12 39.58 -42.76 3.92
N GLN H 13 40.84 -43.04 3.57
CA GLN H 13 41.33 -44.39 3.39
C GLN H 13 41.97 -44.94 4.68
N PRO H 14 41.82 -46.25 4.91
CA PRO H 14 42.53 -46.90 6.02
C PRO H 14 44.02 -46.71 5.79
N GLY H 15 44.80 -46.58 6.85
CA GLY H 15 46.24 -46.42 6.72
C GLY H 15 46.69 -44.97 6.60
N THR H 16 45.74 -44.10 6.26
CA THR H 16 46.03 -42.69 6.07
C THR H 16 45.65 -41.90 7.31
N SER H 17 45.89 -40.60 7.26
CA SER H 17 45.51 -39.73 8.37
C SER H 17 44.72 -38.53 7.85
N VAL H 18 43.93 -37.93 8.73
CA VAL H 18 43.02 -36.87 8.31
C VAL H 18 43.03 -35.75 9.33
N ARG H 19 42.88 -34.53 8.85
CA ARG H 19 42.82 -33.37 9.74
C ARG H 19 41.39 -32.86 9.83
N LEU H 20 40.90 -32.76 11.07
CA LEU H 20 39.57 -32.22 11.34
C LEU H 20 39.73 -30.81 11.89
N SER H 21 38.84 -29.90 11.49
CA SER H 21 38.94 -28.52 11.95
C SER H 21 37.70 -28.04 12.69
N CYS H 22 37.88 -27.01 13.50
CA CYS H 22 36.80 -26.50 14.31
C CYS H 22 37.06 -25.01 14.50
N LYS H 23 36.33 -24.20 13.75
CA LYS H 23 36.59 -22.76 13.73
C LYS H 23 35.68 -22.07 14.72
N ALA H 24 36.27 -21.45 15.73
CA ALA H 24 35.49 -20.93 16.85
C ALA H 24 35.31 -19.45 16.70
N SER H 25 34.10 -18.97 16.95
CA SER H 25 33.85 -17.54 16.92
C SER H 25 32.76 -17.18 17.90
N GLY H 26 32.54 -15.88 18.09
CA GLY H 26 31.49 -15.40 18.98
C GLY H 26 31.90 -15.33 20.43
N TYR H 27 33.19 -15.50 20.69
CA TYR H 27 33.75 -15.34 22.04
C TYR H 27 35.26 -15.22 21.95
N ILE H 28 35.91 -14.94 23.08
CA ILE H 28 37.39 -14.84 23.10
C ILE H 28 38.04 -16.22 23.13
N PHE H 29 38.64 -16.60 22.00
CA PHE H 29 39.17 -17.96 21.79
C PHE H 29 40.02 -18.52 22.94
N THR H 30 40.82 -17.68 23.60
CA THR H 30 41.80 -18.21 24.56
C THR H 30 41.22 -18.54 25.93
N THR H 31 40.00 -18.09 26.20
CA THR H 31 39.44 -18.22 27.54
C THR H 31 38.95 -19.62 27.94
N TYR H 32 38.56 -20.44 26.97
CA TYR H 32 37.92 -21.71 27.30
C TYR H 32 38.58 -22.94 26.70
N TRP H 33 38.64 -24.00 27.51
CA TRP H 33 39.07 -25.32 27.05
C TRP H 33 38.21 -25.75 25.86
N ILE H 34 38.85 -26.38 24.87
CA ILE H 34 38.14 -27.03 23.75
C ILE H 34 38.37 -28.53 23.82
N HIS H 35 37.29 -29.30 23.75
CA HIS H 35 37.39 -30.74 23.85
C HIS H 35 36.90 -31.38 22.57
N TRP H 36 37.28 -32.64 22.35
CA TRP H 36 36.81 -33.39 21.20
C TRP H 36 36.11 -34.66 21.65
N VAL H 37 35.02 -35.02 20.97
CA VAL H 37 34.19 -36.16 21.34
C VAL H 37 33.91 -37.03 20.12
N LYS H 38 33.99 -38.34 20.32
CA LYS H 38 33.72 -39.32 19.25
C LYS H 38 32.34 -39.97 19.44
N GLN H 39 31.60 -40.14 18.35
CA GLN H 39 30.31 -40.82 18.40
C GLN H 39 30.09 -41.75 17.20
N ARG H 40 30.30 -43.05 17.40
CA ARG H 40 30.08 -44.00 16.32
C ARG H 40 28.59 -44.05 15.98
N PRO H 41 28.27 -44.26 14.69
CA PRO H 41 26.88 -44.23 14.20
C PRO H 41 25.96 -45.13 15.03
N GLY H 42 24.87 -44.57 15.52
CA GLY H 42 23.91 -45.33 16.30
C GLY H 42 24.33 -45.66 17.72
N GLN H 43 25.54 -45.28 18.11
CA GLN H 43 26.05 -45.57 19.45
C GLN H 43 26.26 -44.29 20.27
N GLY H 44 27.00 -44.41 21.37
CA GLY H 44 27.13 -43.31 22.32
C GLY H 44 28.35 -42.42 22.16
N LEU H 45 28.49 -41.45 23.06
CA LEU H 45 29.60 -40.52 22.98
C LEU H 45 30.80 -41.03 23.76
N GLU H 46 31.98 -40.65 23.30
CA GLU H 46 33.22 -41.02 23.95
C GLU H 46 34.13 -39.79 23.99
N TRP H 47 34.79 -39.56 25.11
CA TRP H 47 35.60 -38.35 25.30
C TRP H 47 37.03 -38.58 24.86
N ILE H 48 37.52 -37.71 23.97
CA ILE H 48 38.82 -37.91 23.32
C ILE H 48 39.98 -37.25 24.06
N GLY H 49 39.85 -35.95 24.25
CA GLY H 49 40.87 -35.17 24.92
C GLY H 49 40.39 -33.76 25.07
N GLU H 50 41.18 -32.96 25.76
CA GLU H 50 40.86 -31.56 25.97
C GLU H 50 42.13 -30.78 25.72
N ILE H 51 41.98 -29.57 25.19
CA ILE H 51 43.14 -28.72 24.97
C ILE H 51 42.87 -27.29 25.42
N ASN H 52 43.74 -26.78 26.30
CA ASN H 52 43.64 -25.41 26.75
C ASN H 52 44.27 -24.45 25.73
N PRO H 53 43.43 -23.75 24.95
CA PRO H 53 43.96 -22.94 23.84
C PRO H 53 44.85 -21.80 24.32
N ASN H 54 44.81 -21.49 25.61
CA ASN H 54 45.61 -20.39 26.16
C ASN H 54 47.06 -20.75 26.49
N ASN H 55 47.37 -22.04 26.53
CA ASN H 55 48.72 -22.49 26.87
C ASN H 55 49.08 -23.84 26.28
N GLY H 56 48.18 -24.40 25.49
CA GLY H 56 48.49 -25.59 24.73
C GLY H 56 48.46 -26.91 25.48
N ARG H 57 48.43 -26.86 26.81
CA ARG H 57 48.33 -28.09 27.58
C ARG H 57 47.21 -28.97 27.06
N ILE H 58 47.49 -30.26 26.93
CA ILE H 58 46.50 -31.22 26.48
C ILE H 58 46.35 -32.32 27.52
N ASN H 59 45.13 -32.85 27.67
CA ASN H 59 44.92 -34.11 28.36
C ASN H 59 44.16 -35.06 27.44
N TYR H 60 44.70 -36.25 27.18
CA TYR H 60 44.04 -37.21 26.30
C TYR H 60 43.37 -38.32 27.09
N ASN H 61 42.33 -38.91 26.51
CA ASN H 61 41.85 -40.19 27.00
C ASN H 61 42.92 -41.21 26.65
N GLU H 62 43.29 -42.07 27.60
CA GLU H 62 44.32 -43.06 27.35
C GLU H 62 44.08 -43.72 26.00
N LYS H 63 42.84 -44.11 25.75
CA LYS H 63 42.48 -44.81 24.54
C LYS H 63 42.84 -44.05 23.26
N PHE H 64 43.08 -42.76 23.36
CA PHE H 64 43.31 -41.93 22.17
C PHE H 64 44.70 -41.31 22.10
N LYS H 65 45.59 -41.69 23.00
CA LYS H 65 46.91 -41.09 23.13
C LYS H 65 47.64 -40.80 21.81
N THR H 66 47.72 -41.80 20.94
CA THR H 66 48.44 -41.65 19.69
C THR H 66 47.50 -41.46 18.50
N LYS H 67 46.29 -42.01 18.62
CA LYS H 67 45.27 -41.89 17.59
C LYS H 67 44.95 -40.45 17.23
N ALA H 68 44.79 -39.63 18.27
CA ALA H 68 44.38 -38.23 18.11
C ALA H 68 45.54 -37.27 18.40
N THR H 69 45.60 -36.19 17.63
CA THR H 69 46.59 -35.14 17.89
C THR H 69 45.94 -33.75 17.81
N LEU H 70 45.82 -33.11 18.96
CA LEU H 70 45.12 -31.83 19.09
C LEU H 70 46.05 -30.61 19.02
N THR H 71 45.73 -29.67 18.13
CA THR H 71 46.45 -28.39 18.06
C THR H 71 45.48 -27.22 17.89
N VAL H 72 45.96 -26.00 18.10
CA VAL H 72 45.15 -24.82 17.86
C VAL H 72 45.93 -23.75 17.11
N ASP H 73 45.21 -22.90 16.40
CA ASP H 73 45.79 -21.75 15.75
C ASP H 73 45.10 -20.48 16.25
N LYS H 74 45.79 -19.71 17.08
CA LYS H 74 45.22 -18.49 17.64
C LYS H 74 44.87 -17.48 16.54
N SER H 75 45.76 -17.38 15.56
CA SER H 75 45.61 -16.38 14.51
C SER H 75 44.29 -16.54 13.81
N SER H 76 43.78 -17.77 13.78
CA SER H 76 42.54 -18.08 13.08
C SER H 76 41.43 -18.59 13.99
N SER H 77 41.67 -18.56 15.30
CA SER H 77 40.71 -19.08 16.27
C SER H 77 40.18 -20.42 15.82
N THR H 78 41.09 -21.35 15.53
CA THR H 78 40.73 -22.63 14.97
C THR H 78 41.40 -23.75 15.74
N ALA H 79 40.62 -24.78 16.07
CA ALA H 79 41.13 -25.96 16.74
C ALA H 79 41.22 -27.10 15.72
N TYR H 80 42.30 -27.88 15.78
CA TYR H 80 42.51 -29.01 14.88
C TYR H 80 42.64 -30.33 15.65
N MET H 81 42.15 -31.40 15.04
CA MET H 81 42.43 -32.74 15.54
C MET H 81 42.86 -33.61 14.37
N GLN H 82 44.09 -34.11 14.43
CA GLN H 82 44.54 -35.10 13.45
C GLN H 82 44.14 -36.47 13.93
N LEU H 83 43.61 -37.29 13.03
CA LEU H 83 43.34 -38.70 13.33
C LEU H 83 44.26 -39.56 12.47
N SER H 84 45.10 -40.37 13.12
CA SER H 84 46.14 -41.11 12.41
C SER H 84 45.91 -42.61 12.33
N SER H 85 46.67 -43.26 11.46
CA SER H 85 46.63 -44.72 11.35
C SER H 85 45.18 -45.20 11.31
N LEU H 86 44.39 -44.58 10.43
CA LEU H 86 42.95 -44.77 10.41
C LEU H 86 42.53 -46.21 10.10
N THR H 87 41.58 -46.72 10.87
CA THR H 87 40.98 -48.02 10.61
C THR H 87 39.47 -47.85 10.61
N SER H 88 38.74 -48.90 10.26
CA SER H 88 37.29 -48.83 10.21
C SER H 88 36.67 -48.46 11.56
N GLU H 89 37.39 -48.75 12.64
CA GLU H 89 36.86 -48.43 13.96
C GLU H 89 36.81 -46.92 14.18
N ASP H 90 37.54 -46.17 13.36
CA ASP H 90 37.63 -44.72 13.50
C ASP H 90 36.48 -44.01 12.82
N SER H 91 35.69 -44.75 12.05
CA SER H 91 34.49 -44.22 11.44
C SER H 91 33.54 -43.74 12.53
N ALA H 92 33.26 -42.45 12.52
CA ALA H 92 32.45 -41.85 13.56
C ALA H 92 32.15 -40.40 13.24
N VAL H 93 31.25 -39.81 14.00
CA VAL H 93 31.08 -38.38 13.99
C VAL H 93 32.02 -37.85 15.06
N TYR H 94 32.77 -36.79 14.76
CA TYR H 94 33.66 -36.15 15.74
C TYR H 94 33.22 -34.71 16.03
N TYR H 95 32.98 -34.41 17.30
CA TYR H 95 32.53 -33.09 17.71
C TYR H 95 33.64 -32.37 18.42
N CYS H 96 33.72 -31.07 18.22
CA CYS H 96 34.50 -30.24 19.11
C CYS H 96 33.48 -29.61 20.02
N THR H 97 33.88 -29.34 21.25
CA THR H 97 33.00 -28.66 22.19
CA THR H 97 33.01 -28.69 22.20
C THR H 97 33.81 -27.62 22.94
N ARG H 98 33.12 -26.78 23.68
CA ARG H 98 33.76 -25.73 24.45
C ARG H 98 33.09 -25.71 25.83
N VAL H 99 33.87 -25.56 26.88
CA VAL H 99 33.29 -25.52 28.22
C VAL H 99 32.56 -24.21 28.46
N GLY H 100 31.73 -24.21 29.49
CA GLY H 100 30.93 -23.04 29.77
C GLY H 100 31.56 -22.22 30.88
N VAL H 101 30.87 -21.17 31.32
CA VAL H 101 31.29 -20.42 32.51
C VAL H 101 31.43 -21.31 33.74
N MET H 102 30.51 -22.26 33.88
CA MET H 102 30.78 -23.42 34.73
C MET H 102 31.64 -24.36 33.91
N ILE H 103 32.85 -24.63 34.39
CA ILE H 103 33.83 -25.34 33.56
C ILE H 103 33.46 -26.80 33.34
N THR H 104 32.58 -27.32 34.18
CA THR H 104 32.26 -28.75 34.13
C THR H 104 31.02 -28.97 33.28
N THR H 105 30.99 -28.31 32.13
CA THR H 105 29.86 -28.40 31.22
C THR H 105 30.38 -28.26 29.80
N PHE H 106 29.69 -28.89 28.86
CA PHE H 106 29.81 -28.54 27.46
C PHE H 106 28.49 -27.89 26.98
N PRO H 107 28.37 -26.55 27.07
CA PRO H 107 27.13 -25.97 26.51
C PRO H 107 27.17 -25.72 25.00
N TYR H 108 28.36 -25.75 24.40
CA TYR H 108 28.52 -25.44 22.98
C TYR H 108 29.19 -26.58 22.20
N TRP H 109 28.54 -26.99 21.11
CA TRP H 109 28.97 -28.12 20.31
C TRP H 109 29.04 -27.71 18.87
N GLY H 110 30.05 -28.20 18.16
CA GLY H 110 30.03 -28.09 16.72
C GLY H 110 28.97 -29.03 16.19
N GLN H 111 28.68 -28.94 14.90
CA GLN H 111 27.69 -29.80 14.25
C GLN H 111 28.27 -31.21 14.09
N GLY H 112 29.59 -31.32 14.19
CA GLY H 112 30.25 -32.60 14.06
C GLY H 112 30.66 -32.93 12.64
N THR H 113 31.79 -33.62 12.50
CA THR H 113 32.28 -34.07 11.20
C THR H 113 32.16 -35.59 11.08
N LEU H 114 31.44 -36.07 10.08
CA LEU H 114 31.35 -37.52 9.89
C LEU H 114 32.57 -38.03 9.13
N VAL H 115 33.39 -38.82 9.82
CA VAL H 115 34.54 -39.44 9.18
C VAL H 115 34.14 -40.86 8.75
N THR H 116 34.38 -41.20 7.49
CA THR H 116 34.10 -42.54 6.99
C THR H 116 35.37 -43.13 6.44
N VAL H 117 35.79 -44.24 7.02
CA VAL H 117 37.03 -44.88 6.66
C VAL H 117 36.69 -46.07 5.78
N SER H 118 37.26 -46.10 4.58
CA SER H 118 36.98 -47.17 3.62
C SER H 118 38.01 -47.19 2.49
N ALA H 119 38.31 -48.40 2.02
CA ALA H 119 39.23 -48.61 0.89
C ALA H 119 38.41 -48.77 -0.37
N ALA H 120 37.09 -48.69 -0.24
CA ALA H 120 36.21 -48.90 -1.37
C ALA H 120 36.43 -47.86 -2.45
N SER H 121 36.14 -48.23 -3.69
CA SER H 121 36.31 -47.33 -4.82
C SER H 121 34.97 -46.76 -5.28
N THR H 122 34.99 -45.53 -5.77
CA THR H 122 33.76 -44.89 -6.22
C THR H 122 33.00 -45.73 -7.23
N LYS H 123 31.69 -45.82 -7.07
CA LYS H 123 30.86 -46.60 -7.99
C LYS H 123 29.41 -46.11 -7.96
N GLY H 124 28.83 -45.97 -9.15
CA GLY H 124 27.44 -45.58 -9.28
C GLY H 124 26.56 -46.79 -9.03
N PRO H 125 25.36 -46.58 -8.50
CA PRO H 125 24.45 -47.70 -8.22
C PRO H 125 23.87 -48.33 -9.49
N SER H 126 23.49 -49.61 -9.41
CA SER H 126 22.54 -50.17 -10.34
C SER H 126 21.15 -49.94 -9.77
N VAL H 127 20.17 -49.65 -10.62
CA VAL H 127 18.83 -49.38 -10.13
C VAL H 127 17.82 -50.37 -10.69
N PHE H 128 17.27 -51.21 -9.82
CA PHE H 128 16.40 -52.31 -10.24
C PHE H 128 14.97 -52.10 -9.75
N PRO H 129 14.00 -52.52 -10.56
CA PRO H 129 12.60 -52.35 -10.15
C PRO H 129 12.21 -53.28 -9.01
N LEU H 130 11.36 -52.77 -8.12
CA LEU H 130 10.71 -53.60 -7.12
C LEU H 130 9.24 -53.66 -7.45
N ALA H 131 8.76 -54.84 -7.83
CA ALA H 131 7.36 -54.95 -8.24
C ALA H 131 6.83 -56.33 -7.91
N PRO H 132 5.53 -56.43 -7.58
CA PRO H 132 4.94 -57.68 -7.13
C PRO H 132 5.07 -58.75 -8.21
N CYS H 133 5.24 -60.00 -7.78
CA CYS H 133 5.33 -61.10 -8.74
C CYS H 133 4.05 -61.21 -9.55
N SER H 134 2.92 -61.21 -8.85
CA SER H 134 1.61 -61.28 -9.50
C SER H 134 0.61 -60.38 -8.80
N SER H 138 -5.89 -59.32 -3.55
CA SER H 138 -7.06 -58.66 -3.00
C SER H 138 -6.68 -57.71 -1.87
N GLU H 139 -5.37 -57.53 -1.67
CA GLU H 139 -4.86 -56.67 -0.63
C GLU H 139 -5.40 -55.25 -0.76
N SER H 140 -5.54 -54.54 0.35
CA SER H 140 -6.12 -53.20 0.31
C SER H 140 -5.08 -52.16 -0.11
N THR H 141 -3.81 -52.50 0.03
CA THR H 141 -2.71 -51.59 -0.27
C THR H 141 -1.74 -52.28 -1.24
N ALA H 142 -1.20 -51.53 -2.19
CA ALA H 142 -0.21 -52.07 -3.12
C ALA H 142 1.12 -51.33 -2.98
N ALA H 143 2.22 -51.97 -3.37
CA ALA H 143 3.54 -51.36 -3.26
C ALA H 143 4.44 -51.63 -4.45
N LEU H 144 5.37 -50.73 -4.67
CA LEU H 144 6.43 -50.97 -5.65
C LEU H 144 7.58 -50.10 -5.23
N GLY H 145 8.72 -50.26 -5.89
CA GLY H 145 9.83 -49.38 -5.57
C GLY H 145 11.04 -49.57 -6.43
N CYS H 146 12.18 -49.10 -5.94
CA CYS H 146 13.44 -49.25 -6.64
C CYS H 146 14.50 -49.74 -5.68
N LEU H 147 15.33 -50.67 -6.16
CA LEU H 147 16.47 -51.16 -5.40
C LEU H 147 17.69 -50.48 -5.96
N VAL H 148 18.36 -49.71 -5.11
CA VAL H 148 19.49 -48.87 -5.48
C VAL H 148 20.75 -49.52 -4.94
N LYS H 149 21.39 -50.35 -5.76
CA LYS H 149 22.33 -51.33 -5.26
C LYS H 149 23.78 -51.12 -5.69
N ASP H 150 24.68 -51.46 -4.78
CA ASP H 150 26.11 -51.48 -5.03
C ASP H 150 26.67 -50.13 -5.42
N TYR H 151 26.63 -49.19 -4.51
CA TYR H 151 27.22 -47.88 -4.79
C TYR H 151 28.17 -47.45 -3.67
N PHE H 152 29.04 -46.50 -4.00
CA PHE H 152 29.96 -45.91 -3.02
C PHE H 152 30.48 -44.58 -3.54
N PRO H 153 30.59 -43.58 -2.65
CA PRO H 153 30.19 -43.59 -1.24
C PRO H 153 28.78 -43.03 -1.09
N GLU H 154 28.30 -42.93 0.15
CA GLU H 154 27.12 -42.15 0.47
C GLU H 154 27.37 -40.69 0.09
N PRO H 155 26.29 -39.96 -0.24
CA PRO H 155 24.90 -40.41 -0.25
C PRO H 155 24.35 -40.56 -1.66
N VAL H 156 23.16 -41.15 -1.73
CA VAL H 156 22.35 -41.16 -2.94
C VAL H 156 21.07 -40.40 -2.60
N THR H 157 20.47 -39.73 -3.57
CA THR H 157 19.13 -39.17 -3.36
C THR H 157 18.13 -39.86 -4.26
N VAL H 158 16.93 -40.09 -3.75
CA VAL H 158 15.87 -40.69 -4.54
C VAL H 158 14.62 -39.82 -4.48
N SER H 159 14.08 -39.46 -5.64
CA SER H 159 12.73 -38.92 -5.68
C SER H 159 11.86 -39.78 -6.60
N TRP H 160 10.56 -39.52 -6.58
CA TRP H 160 9.62 -40.24 -7.43
C TRP H 160 8.83 -39.24 -8.26
N ASN H 161 8.61 -39.57 -9.53
CA ASN H 161 7.94 -38.68 -10.47
C ASN H 161 8.43 -37.24 -10.38
N SER H 162 9.75 -37.10 -10.33
CA SER H 162 10.41 -35.80 -10.33
C SER H 162 9.94 -34.92 -9.17
N GLY H 163 9.63 -35.55 -8.04
CA GLY H 163 9.35 -34.81 -6.81
C GLY H 163 7.87 -34.59 -6.56
N ALA H 164 7.04 -34.91 -7.55
CA ALA H 164 5.59 -34.73 -7.43
C ALA H 164 4.99 -35.73 -6.44
N LEU H 165 5.55 -36.94 -6.43
CA LEU H 165 5.02 -38.02 -5.62
C LEU H 165 5.81 -38.12 -4.34
N THR H 166 5.18 -37.76 -3.22
CA THR H 166 5.84 -37.78 -1.93
C THR H 166 5.03 -38.65 -0.98
N SER H 167 3.72 -38.69 -1.21
CA SER H 167 2.81 -39.45 -0.35
C SER H 167 3.01 -40.98 -0.45
N GLY H 168 3.25 -41.62 0.70
CA GLY H 168 3.43 -43.06 0.74
C GLY H 168 4.83 -43.54 0.41
N VAL H 169 5.76 -42.60 0.29
CA VAL H 169 7.14 -42.93 -0.04
C VAL H 169 7.97 -43.19 1.21
N HIS H 170 8.71 -44.29 1.21
CA HIS H 170 9.75 -44.54 2.20
C HIS H 170 11.06 -44.84 1.50
N THR H 171 12.06 -44.02 1.74
CA THR H 171 13.40 -44.31 1.26
C THR H 171 14.25 -44.72 2.45
N PHE H 172 14.71 -45.98 2.43
CA PHE H 172 15.36 -46.57 3.60
C PHE H 172 16.82 -46.16 3.75
N PRO H 173 17.30 -46.10 4.98
CA PRO H 173 18.72 -45.91 5.28
C PRO H 173 19.54 -46.99 4.57
N ALA H 174 20.60 -46.59 3.89
CA ALA H 174 21.41 -47.54 3.16
C ALA H 174 22.03 -48.53 4.13
N VAL H 175 22.29 -49.74 3.65
CA VAL H 175 23.03 -50.68 4.47
C VAL H 175 24.37 -50.91 3.80
N LEU H 176 25.41 -51.02 4.62
CA LEU H 176 26.75 -51.31 4.13
C LEU H 176 26.93 -52.81 3.95
N GLN H 177 27.04 -53.25 2.71
CA GLN H 177 27.21 -54.67 2.41
C GLN H 177 28.63 -55.10 2.76
N SER H 178 28.86 -56.41 2.87
CA SER H 178 30.18 -56.94 3.21
C SER H 178 31.21 -56.61 2.13
N SER H 179 30.72 -56.31 0.94
CA SER H 179 31.58 -55.96 -0.18
C SER H 179 32.17 -54.56 0.00
N GLY H 180 31.62 -53.82 0.96
CA GLY H 180 32.03 -52.45 1.21
C GLY H 180 31.23 -51.44 0.39
N LEU H 181 30.22 -51.95 -0.32
CA LEU H 181 29.34 -51.09 -1.12
C LEU H 181 27.99 -50.96 -0.45
N TYR H 182 27.35 -49.80 -0.64
CA TYR H 182 26.04 -49.55 -0.05
C TYR H 182 24.91 -50.07 -0.94
N SER H 183 23.78 -50.32 -0.30
CA SER H 183 22.55 -50.67 -1.00
C SER H 183 21.37 -50.09 -0.25
N LEU H 184 20.39 -49.59 -0.98
CA LEU H 184 19.23 -48.95 -0.38
C LEU H 184 17.97 -49.23 -1.21
N SER H 185 16.82 -49.28 -0.54
CA SER H 185 15.54 -49.38 -1.24
C SER H 185 14.71 -48.15 -1.01
N SER H 186 13.95 -47.78 -2.02
CA SER H 186 12.96 -46.73 -1.91
C SER H 186 11.66 -47.32 -2.37
N VAL H 187 10.62 -47.18 -1.57
CA VAL H 187 9.35 -47.74 -1.96
C VAL H 187 8.23 -46.71 -1.91
N VAL H 188 7.15 -47.02 -2.61
CA VAL H 188 5.94 -46.21 -2.57
C VAL H 188 4.77 -47.16 -2.41
N THR H 189 3.85 -46.84 -1.50
CA THR H 189 2.61 -47.61 -1.40
C THR H 189 1.40 -46.77 -1.78
N VAL H 190 0.34 -47.44 -2.22
CA VAL H 190 -0.85 -46.80 -2.77
C VAL H 190 -2.06 -47.70 -2.49
N PRO H 191 -3.25 -47.12 -2.29
CA PRO H 191 -4.42 -48.01 -2.21
C PRO H 191 -4.52 -48.79 -3.51
N SER H 192 -4.72 -50.10 -3.40
CA SER H 192 -4.66 -50.97 -4.56
C SER H 192 -5.52 -50.45 -5.71
N SER H 193 -6.71 -49.95 -5.40
CA SER H 193 -7.65 -49.51 -6.43
C SER H 193 -7.16 -48.28 -7.18
N SER H 194 -6.20 -47.58 -6.59
CA SER H 194 -5.65 -46.38 -7.22
C SER H 194 -4.28 -46.65 -7.82
N LEU H 195 -3.78 -47.86 -7.60
CA LEU H 195 -2.45 -48.23 -8.07
C LEU H 195 -2.26 -47.82 -9.54
N GLY H 196 -3.15 -48.30 -10.39
CA GLY H 196 -2.99 -48.17 -11.83
C GLY H 196 -3.36 -46.85 -12.48
N THR H 197 -3.77 -45.85 -11.70
CA THR H 197 -4.20 -44.57 -12.28
C THR H 197 -3.06 -43.58 -12.59
N LYS H 198 -1.81 -44.04 -12.51
CA LYS H 198 -0.66 -43.19 -12.84
C LYS H 198 0.60 -44.02 -12.98
N THR H 199 1.68 -43.42 -13.46
CA THR H 199 2.95 -44.13 -13.62
C THR H 199 3.90 -43.79 -12.50
N TYR H 200 4.92 -44.63 -12.35
CA TYR H 200 5.90 -44.49 -11.26
C TYR H 200 7.34 -44.55 -11.77
N THR H 201 8.07 -43.48 -11.50
CA THR H 201 9.46 -43.37 -11.93
C THR H 201 10.31 -42.95 -10.73
N CYS H 202 11.32 -43.74 -10.40
CA CYS H 202 12.25 -43.31 -9.36
C CYS H 202 13.45 -42.58 -9.97
N ASN H 203 13.71 -41.39 -9.45
CA ASN H 203 14.80 -40.58 -9.96
C ASN H 203 15.95 -40.70 -8.99
N VAL H 204 16.98 -41.40 -9.38
CA VAL H 204 18.10 -41.66 -8.50
C VAL H 204 19.32 -40.83 -8.90
N ASP H 205 19.90 -40.13 -7.93
CA ASP H 205 21.09 -39.33 -8.22
C ASP H 205 22.20 -39.70 -7.26
N HIS H 206 23.34 -40.08 -7.82
CA HIS H 206 24.54 -40.35 -7.04
C HIS H 206 25.65 -39.43 -7.53
N LYS H 207 25.76 -38.25 -6.94
CA LYS H 207 26.72 -37.25 -7.40
C LYS H 207 28.17 -37.76 -7.47
N PRO H 208 28.64 -38.44 -6.41
CA PRO H 208 30.08 -38.75 -6.41
C PRO H 208 30.54 -39.51 -7.65
N SER H 209 29.62 -40.24 -8.29
CA SER H 209 30.01 -41.01 -9.47
C SER H 209 29.43 -40.39 -10.74
N ASN H 210 28.81 -39.23 -10.59
CA ASN H 210 28.07 -38.61 -11.68
C ASN H 210 27.06 -39.58 -12.31
N THR H 211 26.31 -40.27 -11.46
CA THR H 211 25.30 -41.24 -11.91
C THR H 211 23.90 -40.74 -11.63
N LYS H 212 23.08 -40.67 -12.67
CA LYS H 212 21.74 -40.10 -12.57
C LYS H 212 20.81 -40.97 -13.40
N VAL H 213 19.83 -41.59 -12.74
CA VAL H 213 19.01 -42.61 -13.39
C VAL H 213 17.52 -42.41 -13.13
N ASP H 214 16.70 -42.46 -14.18
CA ASP H 214 15.25 -42.39 -14.04
C ASP H 214 14.68 -43.74 -14.42
N LYS H 215 14.16 -44.46 -13.44
CA LYS H 215 13.78 -45.85 -13.67
C LYS H 215 12.28 -46.02 -13.58
N ARG H 216 11.65 -46.32 -14.72
CA ARG H 216 10.22 -46.61 -14.74
C ARG H 216 9.98 -47.95 -14.08
N VAL H 217 9.11 -47.97 -13.08
CA VAL H 217 8.76 -49.21 -12.42
C VAL H 217 7.33 -49.56 -12.80
N HIS H 218 7.19 -50.59 -13.61
CA HIS H 218 5.88 -50.99 -14.09
C HIS H 218 5.13 -51.79 -13.05
N HIS H 219 3.87 -51.46 -12.85
CA HIS H 219 3.02 -52.04 -11.81
C HIS H 219 3.06 -53.56 -11.79
N HIS H 220 3.20 -54.17 -12.96
CA HIS H 220 3.27 -55.64 -13.01
C HIS H 220 4.70 -56.15 -13.16
C1 GOL I . -29.08 45.80 -27.77
O1 GOL I . -27.87 45.76 -27.06
C2 GOL I . -30.15 45.07 -26.97
O2 GOL I . -29.99 45.32 -25.59
C3 GOL I . -31.52 45.55 -27.42
O3 GOL I . -32.49 44.63 -26.96
C1 GOL J . -21.64 42.33 -0.03
O1 GOL J . -21.48 43.57 -0.67
C2 GOL J . -22.94 41.71 -0.53
O2 GOL J . -23.05 41.90 -1.93
C3 GOL J . -24.09 42.39 0.17
O3 GOL J . -23.83 42.45 1.56
C1 GOL K . -29.56 45.57 -18.04
O1 GOL K . -29.54 46.48 -19.12
C2 GOL K . -30.55 44.45 -18.36
O2 GOL K . -31.86 44.96 -18.38
C3 GOL K . -30.46 43.38 -17.28
O3 GOL K . -30.35 43.98 -16.02
S SO4 L . -30.21 41.45 -30.28
O1 SO4 L . -30.15 41.24 -31.72
O2 SO4 L . -28.98 42.13 -29.85
O3 SO4 L . -31.35 42.28 -29.90
O4 SO4 L . -30.31 40.17 -29.59
C1 GOL M . -18.40 -21.53 -2.74
O1 GOL M . -18.24 -21.03 -4.05
C2 GOL M . -19.87 -21.48 -2.32
O2 GOL M . -20.25 -22.71 -1.78
C3 GOL M . -20.11 -20.40 -1.24
O3 GOL M . -20.30 -21.02 0.02
C1 GOL N . -8.39 -3.54 18.98
O1 GOL N . -9.69 -3.02 18.86
C2 GOL N . -7.45 -2.40 19.32
O2 GOL N . -6.83 -1.96 18.13
C3 GOL N . -6.39 -2.88 20.30
O3 GOL N . -5.60 -1.78 20.70
C1 GOL O . -1.76 0.93 -15.06
O1 GOL O . -1.59 0.00 -16.10
C2 GOL O . -1.60 0.24 -13.70
O2 GOL O . -0.25 -0.16 -13.57
C3 GOL O . -1.94 1.27 -12.60
O3 GOL O . -2.12 0.62 -11.36
C1 GOL P . 28.39 43.20 15.38
O1 GOL P . 28.22 41.99 16.07
C2 GOL P . 27.16 44.06 15.60
O2 GOL P . 27.15 45.13 14.68
C3 GOL P . 27.22 44.61 17.02
O3 GOL P . 25.91 44.85 17.46
C1 GOL Q . 24.69 59.39 4.66
O1 GOL Q . 25.09 58.78 3.45
C2 GOL Q . 25.07 58.49 5.83
O2 GOL Q . 23.93 58.31 6.64
C3 GOL Q . 26.15 59.16 6.67
O3 GOL Q . 26.84 58.22 7.46
C1 GOL R . -19.11 11.50 -17.25
O1 GOL R . -19.69 12.63 -17.87
C2 GOL R . -20.17 10.67 -16.53
O2 GOL R . -20.00 9.29 -16.84
C3 GOL R . -20.10 10.90 -15.01
O3 GOL R . -19.74 9.74 -14.29
C1 GOL S . 30.94 47.69 12.62
O1 GOL S . 30.39 47.61 11.31
C2 GOL S . 29.81 47.82 13.64
O2 GOL S . 29.73 49.15 14.05
C3 GOL S . 30.12 46.93 14.84
O3 GOL S . 28.96 46.75 15.63
C1 GOL T . 12.67 19.82 7.13
O1 GOL T . 12.51 19.15 5.87
C2 GOL T . 12.68 21.35 6.99
O2 GOL T . 11.99 21.81 5.86
C3 GOL T . 14.11 21.89 6.93
O3 GOL T . 14.22 22.72 5.78
C1 GOL U . 12.99 20.97 11.18
O1 GOL U . 13.24 21.91 10.15
C2 GOL U . 12.11 19.87 10.61
O2 GOL U . 11.95 18.86 11.59
C3 GOL U . 10.75 20.46 10.27
O3 GOL U . 10.23 21.09 11.43
C1 GOL V . 3.21 -62.57 -4.16
O1 GOL V . 4.49 -63.01 -4.52
C2 GOL V . 2.95 -62.75 -2.66
O2 GOL V . 2.27 -61.60 -2.23
C3 GOL V . 2.05 -63.98 -2.41
O3 GOL V . 2.11 -64.41 -1.07
C1 GOL W . 12.64 -63.13 -11.52
O1 GOL W . 11.53 -62.25 -11.63
C2 GOL W . 12.14 -64.56 -11.35
O2 GOL W . 13.08 -65.30 -10.61
C3 GOL W . 10.80 -64.60 -10.65
O3 GOL W . 10.03 -65.66 -11.20
C1 GOL X . 12.41 -41.78 3.89
O1 GOL X . 11.38 -41.29 3.08
C2 GOL X . 11.80 -42.56 5.06
O2 GOL X . 12.52 -42.34 6.25
C3 GOL X . 10.35 -42.13 5.25
O3 GOL X . 9.81 -42.88 6.32
C1 GOL Y . 26.77 -23.56 32.35
O1 GOL Y . 28.07 -23.06 32.17
C2 GOL Y . 25.74 -22.83 31.48
O2 GOL Y . 26.30 -22.55 30.22
C3 GOL Y . 24.53 -23.75 31.30
O3 GOL Y . 23.42 -23.05 30.77
C1 GOL Z . 1.85 -52.93 -15.58
O1 GOL Z . 1.40 -54.22 -15.93
C2 GOL Z . 2.53 -52.26 -16.77
O2 GOL Z . 2.10 -52.84 -17.98
C3 GOL Z . 2.20 -50.78 -16.77
O3 GOL Z . 2.60 -50.26 -15.52
#